data_4E3Q
#
_entry.id   4E3Q
#
_cell.length_a   63.071
_cell.length_b   162.182
_cell.length_c   180.398
_cell.angle_alpha   90.00
_cell.angle_beta   90.00
_cell.angle_gamma   90.00
#
_symmetry.space_group_name_H-M   'P 21 21 21'
#
loop_
_entity.id
_entity.type
_entity.pdbx_description
1 polymer 'Pyruvate transaminase'
2 non-polymer 'SODIUM ION'
3 non-polymer 'SULFATE ION'
4 non-polymer BENZAMIDINE
5 non-polymer "4'-DEOXY-4'-AMINOPYRIDOXAL-5'-PHOSPHATE"
6 water water
#
_entity_poly.entity_id   1
_entity_poly.type   'polypeptide(L)'
_entity_poly.pdbx_seq_one_letter_code
;(MSE)GSSHHHHHHSSGLVPRGSH(MSE)NKPQSWEARAETYSLYGFTD(MSE)PSLHQRGTVVVTHGEGPYIVDVNGRR
YLDANSGLWN(MSE)VAGFDHKGLIDAAKAQYERFPGYHAFFGR(MSE)SDQTV(MSE)LSEKLVEVSPFDSGRVFYTNS
GSEANDT(MSE)VK(MSE)LWFLHAAEGKPQKRKILTRWNAYHGVTAVSAS(MSE)TGKPYNSVFGLPLPGFVHLTCPHY
WRYGEEGETEEQFVARLARELEETIQREGADTIAGFFAEPV(MSE)GAGGVIPPAKGYFQAILPILRKYDIPVISDEVIC
GFGRTGNTWGCVTYDFTPDAIISSKNLTAGFFP(MSE)GAVILGPELSKRLETAIEAIEEFPHGFTASGHPVGCAIALKA
IDVV(MSE)NEGLAENVRRLAPRFEERLKHIAERPNIGEYRGIGF(MSE)WALEAVKDKASKTPFDGNLSVSERIANTCT
DLGLICRPLGQSVVLCPPFILTEAQ(MSE)DE(MSE)FDKLEKALDKVFAEVA
;
_entity_poly.pdbx_strand_id   A,B,C,D
#
loop_
_chem_comp.id
_chem_comp.type
_chem_comp.name
_chem_comp.formula
BEN non-polymer BENZAMIDINE 'C7 H8 N2'
NA non-polymer 'SODIUM ION' 'Na 1'
PMP non-polymer 4'-DEOXY-4'-AMINOPYRIDOXAL-5'-PHOSPHATE 'C8 H13 N2 O5 P'
SO4 non-polymer 'SULFATE ION' 'O4 S -2'
#
# COMPACT_ATOMS: atom_id res chain seq x y z
N ASN A 22 12.07 -45.03 -13.54
CA ASN A 22 12.83 -44.06 -14.35
C ASN A 22 13.64 -43.08 -13.47
N LYS A 23 14.45 -43.61 -12.53
CA LYS A 23 15.24 -42.74 -11.65
C LYS A 23 16.53 -42.19 -12.29
N PRO A 24 16.86 -40.89 -12.07
CA PRO A 24 18.09 -40.32 -12.67
C PRO A 24 19.36 -41.02 -12.17
N GLN A 25 20.37 -41.12 -13.05
CA GLN A 25 21.61 -41.84 -12.75
C GLN A 25 22.81 -40.93 -12.50
N SER A 26 23.15 -40.07 -13.45
CA SER A 26 24.29 -39.17 -13.30
C SER A 26 24.06 -38.10 -12.22
N TRP A 27 25.15 -37.49 -11.73
CA TRP A 27 25.06 -36.39 -10.78
C TRP A 27 24.24 -35.26 -11.41
N GLU A 28 24.45 -35.02 -12.73
CA GLU A 28 23.80 -33.98 -13.51
C GLU A 28 22.30 -34.20 -13.60
N ALA A 29 21.87 -35.45 -13.92
CA ALA A 29 20.44 -35.76 -14.06
C ALA A 29 19.74 -35.69 -12.69
N ARG A 30 20.42 -36.17 -11.60
CA ARG A 30 19.88 -36.14 -10.23
C ARG A 30 19.67 -34.70 -9.76
N ALA A 31 20.63 -33.82 -10.06
CA ALA A 31 20.54 -32.41 -9.72
C ALA A 31 19.31 -31.79 -10.42
N GLU A 32 19.17 -31.99 -11.73
CA GLU A 32 18.02 -31.41 -12.46
C GLU A 32 16.66 -32.01 -12.07
N THR A 33 16.60 -33.29 -11.69
CA THR A 33 15.32 -33.94 -11.34
C THR A 33 14.70 -33.36 -10.05
N TYR A 34 15.54 -32.99 -9.08
CA TYR A 34 15.08 -32.58 -7.76
C TYR A 34 15.34 -31.15 -7.30
N SER A 35 16.11 -30.35 -8.07
CA SER A 35 16.41 -28.99 -7.65
C SER A 35 15.55 -27.94 -8.33
N LEU A 36 15.27 -26.87 -7.58
CA LEU A 36 14.70 -25.63 -8.09
C LEU A 36 15.87 -24.64 -7.95
N TYR A 37 16.46 -24.26 -9.09
CA TYR A 37 17.67 -23.42 -9.11
C TYR A 37 17.44 -21.94 -8.94
N GLY A 38 18.20 -21.34 -8.05
CA GLY A 38 18.15 -19.89 -7.82
C GLY A 38 19.38 -19.25 -8.45
N PHE A 39 19.20 -18.02 -9.01
CA PHE A 39 20.30 -17.26 -9.63
C PHE A 39 21.14 -18.14 -10.58
N THR A 40 20.45 -18.95 -11.40
CA THR A 40 21.03 -19.91 -12.32
C THR A 40 20.47 -19.69 -13.71
N ASP A 41 21.35 -19.38 -14.69
CA ASP A 41 20.92 -19.19 -16.06
C ASP A 41 20.51 -20.54 -16.61
N MSE A 42 19.21 -20.74 -16.82
CA MSE A 42 18.65 -22.01 -17.27
C MSE A 42 19.15 -22.49 -18.66
O MSE A 42 19.55 -23.66 -18.75
CB MSE A 42 17.12 -22.09 -17.08
CG MSE A 42 16.68 -21.94 -15.60
SE MSE A 42 17.67 -23.06 -14.33
CE MSE A 42 16.98 -24.79 -14.96
N PRO A 43 19.26 -21.64 -19.70
CA PRO A 43 19.80 -22.12 -20.99
C PRO A 43 21.24 -22.67 -20.87
N SER A 44 22.11 -21.99 -20.08
CA SER A 44 23.49 -22.43 -19.81
C SER A 44 23.46 -23.75 -19.04
N LEU A 45 22.58 -23.85 -18.03
CA LEU A 45 22.48 -25.08 -17.24
C LEU A 45 22.08 -26.30 -18.06
N HIS A 46 21.10 -26.16 -18.94
CA HIS A 46 20.66 -27.24 -19.81
C HIS A 46 21.75 -27.65 -20.79
N GLN A 47 22.50 -26.67 -21.31
CA GLN A 47 23.59 -26.90 -22.27
C GLN A 47 24.81 -27.55 -21.62
N ARG A 48 25.20 -27.07 -20.43
CA ARG A 48 26.40 -27.50 -19.72
C ARG A 48 26.23 -28.58 -18.67
N GLY A 49 25.05 -28.62 -18.03
CA GLY A 49 24.81 -29.51 -16.91
C GLY A 49 25.28 -28.84 -15.64
N THR A 50 24.70 -29.24 -14.50
CA THR A 50 25.08 -28.71 -13.20
C THR A 50 26.51 -29.13 -12.91
N VAL A 51 27.31 -28.20 -12.40
CA VAL A 51 28.68 -28.51 -11.98
C VAL A 51 28.55 -28.92 -10.51
N VAL A 52 28.68 -30.22 -10.23
CA VAL A 52 28.51 -30.79 -8.90
C VAL A 52 29.88 -30.86 -8.18
N VAL A 53 30.01 -30.13 -7.07
CA VAL A 53 31.29 -29.93 -6.33
C VAL A 53 31.38 -30.80 -5.08
N THR A 54 32.52 -31.49 -4.87
CA THR A 54 32.65 -32.43 -3.76
C THR A 54 33.54 -31.95 -2.64
N HIS A 55 34.59 -31.17 -2.98
CA HIS A 55 35.61 -30.68 -2.04
C HIS A 55 36.43 -29.57 -2.69
N GLY A 56 37.33 -29.00 -1.88
CA GLY A 56 38.23 -27.93 -2.30
C GLY A 56 39.58 -28.01 -1.63
N GLU A 57 40.54 -27.24 -2.12
CA GLU A 57 41.91 -27.19 -1.62
C GLU A 57 42.40 -25.80 -1.88
N GLY A 58 42.71 -25.06 -0.81
CA GLY A 58 43.13 -23.67 -0.92
C GLY A 58 42.04 -22.89 -1.65
N PRO A 59 42.38 -22.16 -2.74
CA PRO A 59 41.34 -21.43 -3.51
C PRO A 59 40.69 -22.24 -4.64
N TYR A 60 40.95 -23.56 -4.69
CA TYR A 60 40.45 -24.42 -5.75
C TYR A 60 39.26 -25.26 -5.33
N ILE A 61 38.29 -25.44 -6.24
CA ILE A 61 37.13 -26.32 -6.02
C ILE A 61 37.29 -27.50 -6.99
N VAL A 62 36.82 -28.69 -6.60
CA VAL A 62 36.95 -29.89 -7.41
C VAL A 62 35.55 -30.46 -7.62
N ASP A 63 35.24 -30.80 -8.88
CA ASP A 63 33.94 -31.34 -9.22
C ASP A 63 33.93 -32.88 -9.20
N VAL A 64 32.75 -33.49 -9.40
CA VAL A 64 32.54 -34.95 -9.39
C VAL A 64 33.39 -35.70 -10.44
N ASN A 65 33.88 -35.00 -11.47
CA ASN A 65 34.72 -35.59 -12.51
C ASN A 65 36.20 -35.31 -12.25
N GLY A 66 36.51 -34.81 -11.05
CA GLY A 66 37.87 -34.50 -10.66
C GLY A 66 38.50 -33.29 -11.31
N ARG A 67 37.70 -32.47 -12.02
CA ARG A 67 38.18 -31.23 -12.62
C ARG A 67 38.37 -30.19 -11.52
N ARG A 68 39.48 -29.45 -11.56
CA ARG A 68 39.81 -28.47 -10.51
C ARG A 68 39.71 -27.05 -11.05
N TYR A 69 38.97 -26.17 -10.37
CA TYR A 69 38.81 -24.79 -10.83
C TYR A 69 39.32 -23.83 -9.81
N LEU A 70 40.01 -22.76 -10.26
CA LEU A 70 40.43 -21.73 -9.34
C LEU A 70 39.17 -20.86 -9.11
N ASP A 71 38.62 -20.84 -7.88
CA ASP A 71 37.41 -20.06 -7.63
C ASP A 71 37.82 -18.64 -7.27
N ALA A 72 37.86 -17.77 -8.30
CA ALA A 72 38.28 -16.39 -8.11
C ALA A 72 37.15 -15.52 -7.54
N ASN A 73 36.05 -16.15 -7.12
CA ASN A 73 34.95 -15.44 -6.46
C ASN A 73 34.77 -15.83 -4.99
N SER A 74 35.71 -16.64 -4.44
CA SER A 74 35.65 -17.12 -3.03
C SER A 74 34.29 -17.81 -2.78
N GLY A 75 33.79 -18.53 -3.81
CA GLY A 75 32.45 -19.10 -3.75
C GLY A 75 31.49 -17.96 -4.05
N LEU A 76 31.03 -17.28 -3.01
CA LEU A 76 30.14 -16.13 -3.12
C LEU A 76 30.67 -15.02 -2.21
N TRP A 77 31.90 -14.52 -2.51
CA TRP A 77 32.64 -13.47 -1.79
C TRP A 77 33.11 -13.92 -0.38
N ASN A 78 32.54 -15.00 0.15
CA ASN A 78 32.68 -15.36 1.54
C ASN A 78 33.75 -16.33 1.97
N MSE A 79 34.20 -17.21 1.10
CA MSE A 79 35.17 -18.21 1.49
C MSE A 79 36.60 -17.72 1.39
O MSE A 79 37.41 -18.23 0.61
CB MSE A 79 34.84 -19.54 0.84
CG MSE A 79 33.37 -19.88 1.10
SE MSE A 79 32.93 -21.67 0.86
CE MSE A 79 34.15 -22.50 2.32
N VAL A 80 36.90 -16.69 2.22
CA VAL A 80 38.14 -15.95 2.23
C VAL A 80 39.35 -16.74 2.67
N ALA A 81 39.13 -17.79 3.49
CA ALA A 81 40.22 -18.67 3.96
C ALA A 81 40.35 -19.92 3.06
N GLY A 82 39.66 -19.91 1.92
CA GLY A 82 39.69 -21.07 1.02
C GLY A 82 38.73 -22.16 1.43
N PHE A 83 38.81 -23.31 0.74
CA PHE A 83 37.87 -24.42 0.85
C PHE A 83 38.26 -25.60 1.75
N ASP A 84 39.41 -25.54 2.43
CA ASP A 84 39.86 -26.64 3.30
C ASP A 84 40.71 -26.14 4.46
N HIS A 85 40.46 -24.91 4.91
CA HIS A 85 41.26 -24.31 5.98
C HIS A 85 41.25 -25.19 7.24
N LYS A 86 42.41 -25.75 7.61
CA LYS A 86 42.47 -26.66 8.77
C LYS A 86 42.05 -26.02 10.11
N GLY A 87 42.47 -24.79 10.39
CA GLY A 87 42.12 -24.13 11.65
C GLY A 87 40.63 -23.97 11.85
N LEU A 88 39.96 -23.51 10.80
CA LEU A 88 38.51 -23.33 10.78
C LEU A 88 37.79 -24.67 10.84
N ILE A 89 38.28 -25.67 10.08
CA ILE A 89 37.68 -27.02 10.13
C ILE A 89 37.80 -27.51 11.57
N ASP A 90 39.00 -27.37 12.19
CA ASP A 90 39.21 -27.82 13.56
C ASP A 90 38.33 -27.08 14.56
N ALA A 91 38.14 -25.75 14.39
CA ALA A 91 37.27 -24.98 15.32
C ALA A 91 35.80 -25.42 15.20
N ALA A 92 35.34 -25.70 13.95
CA ALA A 92 33.98 -26.18 13.74
C ALA A 92 33.77 -27.54 14.41
N LYS A 93 34.73 -28.49 14.20
CA LYS A 93 34.64 -29.83 14.81
C LYS A 93 34.60 -29.75 16.34
N ALA A 94 35.43 -28.87 16.92
CA ALA A 94 35.55 -28.69 18.37
C ALA A 94 34.26 -28.19 18.98
N GLN A 95 33.54 -27.28 18.28
CA GLN A 95 32.26 -26.81 18.82
C GLN A 95 31.17 -27.86 18.75
N TYR A 96 31.15 -28.70 17.68
CA TYR A 96 30.17 -29.79 17.63
C TYR A 96 30.41 -30.77 18.75
N GLU A 97 31.68 -31.01 19.09
CA GLU A 97 32.03 -31.91 20.19
C GLU A 97 31.65 -31.33 21.56
N ARG A 98 31.68 -29.99 21.69
CA ARG A 98 31.37 -29.26 22.92
C ARG A 98 29.87 -29.03 23.11
N PHE A 99 29.22 -28.33 22.17
CA PHE A 99 27.81 -27.98 22.26
C PHE A 99 27.34 -27.68 20.85
N PRO A 100 26.61 -28.64 20.23
CA PRO A 100 26.30 -28.54 18.79
C PRO A 100 25.08 -27.75 18.35
N GLY A 101 24.39 -27.12 19.28
CA GLY A 101 23.23 -26.31 18.98
C GLY A 101 22.44 -25.83 20.17
N TYR A 102 21.80 -24.65 20.00
CA TYR A 102 20.89 -24.00 20.93
C TYR A 102 20.37 -22.74 20.27
N HIS A 103 19.55 -22.03 21.01
CA HIS A 103 18.91 -20.81 20.56
C HIS A 103 19.37 -19.68 21.53
N ALA A 104 18.80 -18.47 21.39
CA ALA A 104 19.12 -17.32 22.24
C ALA A 104 17.84 -16.57 22.68
N PHE A 105 16.78 -17.33 22.94
CA PHE A 105 15.50 -16.75 23.36
C PHE A 105 15.26 -17.11 24.81
N PHE A 106 14.20 -16.53 25.38
CA PHE A 106 13.73 -16.82 26.75
C PHE A 106 14.76 -16.55 27.86
N GLY A 107 15.75 -15.71 27.60
CA GLY A 107 16.76 -15.39 28.60
C GLY A 107 17.84 -16.44 28.77
N ARG A 108 18.00 -17.29 27.75
CA ARG A 108 19.01 -18.34 27.64
C ARG A 108 19.83 -18.05 26.40
N MSE A 109 21.09 -18.46 26.41
CA MSE A 109 22.02 -18.16 25.33
C MSE A 109 23.26 -19.02 25.58
O MSE A 109 23.60 -19.22 26.74
CB MSE A 109 22.37 -16.67 25.57
CG MSE A 109 23.36 -16.10 24.67
SE MSE A 109 23.43 -14.21 25.08
CE MSE A 109 21.68 -13.64 24.24
N SER A 110 23.99 -19.46 24.52
CA SER A 110 25.23 -20.20 24.73
C SER A 110 26.38 -19.25 25.16
N ASP A 111 27.44 -19.82 25.75
CA ASP A 111 28.65 -19.08 26.14
C ASP A 111 29.30 -18.52 24.87
N GLN A 112 29.28 -19.28 23.74
CA GLN A 112 29.79 -18.86 22.43
C GLN A 112 29.09 -17.57 21.89
N THR A 113 27.77 -17.44 22.10
CA THR A 113 26.97 -16.27 21.70
C THR A 113 27.44 -14.98 22.47
N VAL A 114 27.63 -15.10 23.79
CA VAL A 114 28.13 -14.00 24.65
C VAL A 114 29.54 -13.60 24.18
N MSE A 115 30.41 -14.60 23.93
CA MSE A 115 31.77 -14.27 23.47
C MSE A 115 31.84 -13.61 22.13
O MSE A 115 32.63 -12.68 21.94
CB MSE A 115 32.81 -15.38 23.65
CG MSE A 115 32.35 -16.79 23.39
SE MSE A 115 33.15 -18.13 24.68
CE MSE A 115 34.97 -17.56 24.54
N LEU A 116 30.98 -14.05 21.18
CA LEU A 116 30.92 -13.42 19.85
C LEU A 116 30.41 -11.97 19.92
N SER A 117 29.37 -11.68 20.72
CA SER A 117 28.85 -10.31 20.82
C SER A 117 29.92 -9.37 21.38
N GLU A 118 30.66 -9.82 22.40
CA GLU A 118 31.75 -9.06 23.01
C GLU A 118 32.83 -8.77 21.95
N LYS A 119 33.20 -9.82 21.16
CA LYS A 119 34.21 -9.68 20.10
C LYS A 119 33.73 -8.73 19.00
N LEU A 120 32.49 -8.90 18.52
CA LEU A 120 31.97 -8.04 17.46
C LEU A 120 31.92 -6.56 17.80
N VAL A 121 31.52 -6.21 19.04
CA VAL A 121 31.50 -4.82 19.49
C VAL A 121 32.95 -4.30 19.52
N GLU A 122 33.88 -5.13 19.99
CA GLU A 122 35.30 -4.77 20.08
C GLU A 122 35.88 -4.51 18.67
N VAL A 123 35.68 -5.46 17.73
CA VAL A 123 36.22 -5.30 16.37
C VAL A 123 35.48 -4.26 15.51
N SER A 124 34.23 -3.95 15.86
CA SER A 124 33.45 -2.92 15.17
C SER A 124 34.12 -1.53 15.42
N PRO A 125 33.80 -0.48 14.64
CA PRO A 125 34.40 0.84 14.92
C PRO A 125 33.71 1.56 16.09
N PHE A 126 32.69 0.90 16.70
CA PHE A 126 31.95 1.44 17.84
C PHE A 126 32.68 1.18 19.15
N ASP A 127 32.63 2.17 20.04
CA ASP A 127 33.24 2.11 21.37
C ASP A 127 32.44 1.16 22.26
N SER A 128 31.11 1.07 22.05
CA SER A 128 30.17 0.19 22.75
C SER A 128 28.97 -0.08 21.83
N GLY A 129 28.12 -1.05 22.18
CA GLY A 129 26.96 -1.39 21.37
C GLY A 129 26.38 -2.75 21.67
N ARG A 130 25.43 -3.18 20.83
CA ARG A 130 24.75 -4.47 20.99
C ARG A 130 24.66 -5.20 19.66
N VAL A 131 24.59 -6.55 19.73
CA VAL A 131 24.52 -7.44 18.56
C VAL A 131 23.23 -8.25 18.60
N PHE A 132 22.58 -8.36 17.45
CA PHE A 132 21.40 -9.19 17.24
C PHE A 132 21.81 -10.14 16.14
N TYR A 133 21.53 -11.44 16.31
CA TYR A 133 21.91 -12.45 15.32
C TYR A 133 20.79 -12.86 14.41
N THR A 134 21.18 -13.21 13.18
CA THR A 134 20.33 -13.80 12.16
C THR A 134 21.20 -14.90 11.50
N ASN A 135 20.65 -15.57 10.48
CA ASN A 135 21.37 -16.58 9.70
C ASN A 135 21.97 -15.94 8.45
N SER A 136 21.24 -14.97 7.84
CA SER A 136 21.69 -14.39 6.59
C SER A 136 21.76 -12.88 6.58
N GLY A 137 22.39 -12.35 5.53
CA GLY A 137 22.45 -10.91 5.30
C GLY A 137 21.08 -10.34 4.99
N SER A 138 20.23 -11.14 4.29
CA SER A 138 18.86 -10.73 3.93
C SER A 138 18.01 -10.57 5.19
N GLU A 139 18.10 -11.57 6.09
CA GLU A 139 17.39 -11.53 7.37
C GLU A 139 17.90 -10.37 8.22
N ALA A 140 19.22 -10.11 8.24
CA ALA A 140 19.80 -9.01 9.02
C ALA A 140 19.31 -7.62 8.54
N ASN A 141 19.25 -7.41 7.20
CA ASN A 141 18.71 -6.17 6.62
C ASN A 141 17.22 -6.07 6.92
N ASP A 142 16.48 -7.18 6.76
CA ASP A 142 15.05 -7.22 7.04
C ASP A 142 14.80 -6.88 8.52
N THR A 143 15.65 -7.41 9.41
CA THR A 143 15.60 -7.19 10.87
C THR A 143 15.88 -5.70 11.16
N MSE A 144 16.94 -5.11 10.57
CA MSE A 144 17.30 -3.70 10.76
C MSE A 144 16.10 -2.80 10.41
O MSE A 144 15.77 -1.90 11.19
CB MSE A 144 18.55 -3.30 9.96
CG MSE A 144 19.10 -1.91 10.36
SE MSE A 144 19.78 -1.85 12.19
CE MSE A 144 18.50 -0.53 12.95
N VAL A 145 15.42 -3.08 9.28
CA VAL A 145 14.22 -2.36 8.86
C VAL A 145 13.12 -2.47 9.92
N LYS A 146 12.86 -3.68 10.42
CA LYS A 146 11.86 -3.88 11.48
C LYS A 146 12.25 -3.10 12.75
N MSE A 147 13.55 -3.13 13.16
CA MSE A 147 14.06 -2.39 14.32
C MSE A 147 13.79 -0.87 14.18
O MSE A 147 13.37 -0.24 15.14
CB MSE A 147 15.57 -2.62 14.49
CG MSE A 147 15.89 -3.98 15.08
SE MSE A 147 17.78 -4.24 15.07
CE MSE A 147 17.81 -5.76 16.30
N LEU A 148 14.04 -0.31 12.98
CA LEU A 148 13.78 1.10 12.68
C LEU A 148 12.29 1.42 12.76
N TRP A 149 11.42 0.54 12.22
CA TRP A 149 9.96 0.76 12.31
C TRP A 149 9.54 0.75 13.77
N PHE A 150 10.04 -0.24 14.53
CA PHE A 150 9.76 -0.41 15.95
C PHE A 150 10.18 0.82 16.74
N LEU A 151 11.43 1.27 16.55
CA LEU A 151 12.02 2.41 17.24
C LEU A 151 11.29 3.74 16.99
N HIS A 152 11.09 4.10 15.71
CA HIS A 152 10.43 5.36 15.35
C HIS A 152 8.99 5.44 15.84
N ALA A 153 8.23 4.33 15.76
CA ALA A 153 6.84 4.30 16.24
C ALA A 153 6.82 4.48 17.76
N ALA A 154 7.74 3.79 18.48
CA ALA A 154 7.90 3.90 19.94
C ALA A 154 8.24 5.35 20.34
N GLU A 155 8.98 6.08 19.49
CA GLU A 155 9.40 7.47 19.74
C GLU A 155 8.37 8.50 19.27
N GLY A 156 7.17 8.04 18.92
CA GLY A 156 6.08 8.92 18.52
C GLY A 156 5.97 9.21 17.05
N LYS A 157 6.73 8.51 16.19
CA LYS A 157 6.62 8.71 14.74
C LYS A 157 6.34 7.40 13.99
N PRO A 158 5.11 6.83 14.07
CA PRO A 158 4.83 5.59 13.31
C PRO A 158 4.86 5.72 11.77
N GLN A 159 4.77 6.94 11.24
CA GLN A 159 4.84 7.22 9.79
C GLN A 159 6.30 7.15 9.26
N LYS A 160 7.30 7.15 10.18
CA LYS A 160 8.72 7.14 9.81
C LYS A 160 9.09 5.69 9.44
N ARG A 161 8.81 5.34 8.17
CA ARG A 161 8.90 3.97 7.66
C ARG A 161 9.70 3.79 6.35
N LYS A 162 9.80 4.86 5.54
CA LYS A 162 10.50 4.74 4.25
C LYS A 162 11.98 4.39 4.38
N ILE A 163 12.47 3.55 3.46
CA ILE A 163 13.88 3.14 3.49
C ILE A 163 14.59 3.66 2.25
N LEU A 164 15.69 4.42 2.42
CA LEU A 164 16.47 4.90 1.31
C LEU A 164 17.63 3.95 1.01
N THR A 165 17.76 3.54 -0.25
CA THR A 165 18.88 2.75 -0.76
C THR A 165 19.26 3.37 -2.12
N ARG A 166 20.21 2.79 -2.85
CA ARG A 166 20.59 3.34 -4.15
C ARG A 166 20.25 2.32 -5.22
N TRP A 167 19.96 2.79 -6.43
CA TRP A 167 19.78 1.93 -7.58
C TRP A 167 21.11 1.17 -7.76
N ASN A 168 21.09 -0.10 -8.20
CA ASN A 168 22.29 -0.97 -8.29
C ASN A 168 22.70 -1.59 -6.94
N ALA A 169 22.08 -1.16 -5.81
CA ALA A 169 22.38 -1.74 -4.50
C ALA A 169 21.87 -3.17 -4.44
N TYR A 170 22.48 -3.96 -3.60
CA TYR A 170 22.01 -5.32 -3.35
C TYR A 170 22.08 -5.56 -1.87
N HIS A 171 20.92 -5.83 -1.26
CA HIS A 171 20.80 -6.01 0.19
C HIS A 171 20.15 -7.34 0.56
N GLY A 172 19.85 -8.15 -0.43
CA GLY A 172 19.23 -9.43 -0.17
C GLY A 172 17.99 -9.73 -0.97
N VAL A 173 17.33 -10.83 -0.61
CA VAL A 173 16.19 -11.38 -1.34
C VAL A 173 14.88 -11.57 -0.57
N THR A 174 14.80 -11.22 0.74
CA THR A 174 13.47 -11.34 1.38
C THR A 174 12.60 -10.24 0.71
N ALA A 175 11.27 -10.26 0.82
CA ALA A 175 10.47 -9.23 0.14
C ALA A 175 10.97 -7.81 0.45
N VAL A 176 11.34 -7.56 1.73
CA VAL A 176 11.89 -6.28 2.17
C VAL A 176 13.31 -6.07 1.66
N SER A 177 14.21 -7.03 1.86
CA SER A 177 15.59 -6.84 1.43
C SER A 177 15.72 -6.79 -0.09
N ALA A 178 14.77 -7.42 -0.84
CA ALA A 178 14.65 -7.34 -2.31
C ALA A 178 14.10 -5.97 -2.75
N SER A 179 13.24 -5.35 -1.91
CA SER A 179 12.71 -4.02 -2.22
C SER A 179 13.82 -2.97 -2.04
N MSE A 180 14.75 -3.26 -1.11
CA MSE A 180 15.92 -2.38 -0.84
C MSE A 180 16.95 -2.49 -1.97
O MSE A 180 17.62 -1.51 -2.34
CB MSE A 180 16.57 -2.80 0.47
CG MSE A 180 15.70 -2.53 1.68
SE MSE A 180 16.45 -3.33 3.28
CE MSE A 180 18.15 -2.41 3.36
N THR A 181 17.05 -3.70 -2.53
CA THR A 181 17.92 -4.02 -3.68
C THR A 181 17.37 -3.17 -4.84
N GLY A 182 18.27 -2.64 -5.68
CA GLY A 182 17.88 -1.80 -6.81
C GLY A 182 18.25 -2.50 -8.09
N LYS A 183 17.57 -3.63 -8.37
CA LYS A 183 17.81 -4.50 -9.52
C LYS A 183 16.55 -4.66 -10.38
N PRO A 184 16.69 -4.52 -11.73
CA PRO A 184 15.50 -4.63 -12.61
C PRO A 184 14.78 -5.98 -12.52
N TYR A 185 15.51 -7.06 -12.20
CA TYR A 185 14.90 -8.39 -12.11
C TYR A 185 13.81 -8.53 -11.03
N ASN A 186 13.84 -7.66 -10.00
CA ASN A 186 12.82 -7.73 -8.95
C ASN A 186 11.39 -7.40 -9.38
N SER A 187 11.24 -6.87 -10.63
CA SER A 187 9.92 -6.61 -11.25
C SER A 187 9.13 -7.93 -11.37
N VAL A 188 9.83 -9.08 -11.53
CA VAL A 188 9.17 -10.39 -11.68
C VAL A 188 8.36 -10.82 -10.43
N PHE A 189 8.62 -10.17 -9.28
CA PHE A 189 7.95 -10.47 -8.00
C PHE A 189 6.95 -9.37 -7.63
N GLY A 190 6.79 -8.38 -8.52
CA GLY A 190 5.94 -7.22 -8.27
C GLY A 190 6.55 -6.38 -7.17
N LEU A 191 7.89 -6.38 -7.08
CA LEU A 191 8.64 -5.62 -6.08
C LEU A 191 9.34 -4.42 -6.80
N PRO A 192 9.74 -3.32 -6.11
CA PRO A 192 9.74 -3.13 -4.64
C PRO A 192 8.38 -2.90 -4.05
N LEU A 193 8.27 -3.18 -2.75
CA LEU A 193 7.08 -2.88 -1.96
C LEU A 193 7.04 -1.34 -1.85
N PRO A 194 5.87 -0.75 -1.49
CA PRO A 194 5.86 0.71 -1.27
C PRO A 194 6.76 1.05 -0.06
N GLY A 195 7.30 2.26 -0.08
CA GLY A 195 8.14 2.80 0.98
C GLY A 195 9.61 2.53 0.80
N PHE A 196 10.04 2.09 -0.40
CA PHE A 196 11.45 1.78 -0.67
C PHE A 196 11.94 2.67 -1.80
N VAL A 197 12.74 3.69 -1.45
CA VAL A 197 13.20 4.75 -2.34
C VAL A 197 14.64 4.50 -2.80
N HIS A 198 14.84 4.49 -4.14
CA HIS A 198 16.15 4.22 -4.73
C HIS A 198 16.80 5.48 -5.25
N LEU A 199 17.90 5.89 -4.60
CA LEU A 199 18.64 7.09 -5.00
C LEU A 199 19.56 6.77 -6.19
N THR A 200 20.09 7.80 -6.86
CA THR A 200 21.02 7.59 -7.97
C THR A 200 22.28 6.84 -7.47
N CYS A 201 22.72 5.86 -8.25
CA CYS A 201 23.89 5.08 -7.94
C CYS A 201 25.17 5.92 -8.17
N PRO A 202 26.09 6.03 -7.17
CA PRO A 202 27.27 6.87 -7.35
C PRO A 202 28.38 6.26 -8.23
N HIS A 203 28.01 5.68 -9.37
CA HIS A 203 28.94 5.10 -10.33
C HIS A 203 29.18 6.19 -11.36
N TYR A 204 30.30 6.90 -11.23
CA TYR A 204 30.62 8.04 -12.12
C TYR A 204 30.72 7.66 -13.58
N TRP A 205 31.45 6.58 -13.91
CA TRP A 205 31.59 6.13 -15.28
C TRP A 205 30.25 5.89 -15.99
N ARG A 206 29.25 5.35 -15.28
CA ARG A 206 27.95 5.03 -15.88
C ARG A 206 26.95 6.18 -15.77
N TYR A 207 26.82 6.75 -14.57
CA TYR A 207 25.83 7.78 -14.29
C TYR A 207 26.20 9.21 -14.46
N GLY A 208 27.50 9.49 -14.60
CA GLY A 208 27.95 10.84 -14.89
C GLY A 208 27.44 11.22 -16.27
N GLU A 209 26.90 12.44 -16.41
CA GLU A 209 26.37 12.90 -17.69
C GLU A 209 27.47 13.39 -18.61
N GLU A 210 27.16 13.57 -19.91
CA GLU A 210 28.09 14.10 -20.90
C GLU A 210 28.58 15.46 -20.39
N GLY A 211 29.90 15.60 -20.24
CA GLY A 211 30.50 16.85 -19.77
C GLY A 211 30.38 17.12 -18.29
N GLU A 212 29.89 16.15 -17.50
CA GLU A 212 29.79 16.33 -16.04
C GLU A 212 31.06 15.81 -15.37
N THR A 213 31.71 16.66 -14.59
CA THR A 213 32.92 16.27 -13.85
C THR A 213 32.53 15.42 -12.65
N GLU A 214 33.48 14.67 -12.07
CA GLU A 214 33.21 13.85 -10.91
C GLU A 214 32.77 14.67 -9.68
N GLU A 215 33.38 15.84 -9.47
CA GLU A 215 33.03 16.80 -8.41
C GLU A 215 31.57 17.27 -8.59
N GLN A 216 31.17 17.61 -9.83
CA GLN A 216 29.78 18.03 -10.14
C GLN A 216 28.80 16.88 -9.92
N PHE A 217 29.21 15.66 -10.33
CA PHE A 217 28.39 14.46 -10.20
C PHE A 217 28.03 14.20 -8.72
N VAL A 218 29.03 14.30 -7.82
CA VAL A 218 28.84 14.10 -6.38
C VAL A 218 27.92 15.18 -5.79
N ALA A 219 28.15 16.45 -6.19
CA ALA A 219 27.35 17.61 -5.77
C ALA A 219 25.89 17.38 -6.20
N ARG A 220 25.67 16.83 -7.40
CA ARG A 220 24.31 16.55 -7.90
C ARG A 220 23.66 15.44 -7.06
N LEU A 221 24.43 14.40 -6.68
CA LEU A 221 23.92 13.32 -5.84
C LEU A 221 23.45 13.83 -4.51
N ALA A 222 24.21 14.79 -3.92
CA ALA A 222 23.88 15.43 -2.65
C ALA A 222 22.61 16.31 -2.81
N ARG A 223 22.52 17.11 -3.90
CA ARG A 223 21.30 17.93 -4.13
C ARG A 223 20.09 16.99 -4.36
N GLU A 224 20.30 15.87 -5.06
CA GLU A 224 19.21 14.90 -5.33
C GLU A 224 18.70 14.26 -4.04
N LEU A 225 19.63 13.88 -3.12
CA LEU A 225 19.23 13.28 -1.84
C LEU A 225 18.42 14.29 -1.03
N GLU A 226 18.91 15.54 -0.93
CA GLU A 226 18.25 16.62 -0.20
C GLU A 226 16.84 16.88 -0.75
N GLU A 227 16.70 16.98 -2.11
CA GLU A 227 15.39 17.19 -2.75
C GLU A 227 14.44 16.02 -2.42
N THR A 228 14.94 14.76 -2.56
CA THR A 228 14.19 13.53 -2.24
C THR A 228 13.66 13.56 -0.79
N ILE A 229 14.52 13.89 0.19
CA ILE A 229 14.13 13.98 1.61
C ILE A 229 13.05 15.05 1.79
N GLN A 230 13.19 16.21 1.12
CA GLN A 230 12.22 17.31 1.21
C GLN A 230 10.86 16.93 0.63
N ARG A 231 10.84 16.23 -0.54
CA ARG A 231 9.59 15.78 -1.18
C ARG A 231 8.90 14.69 -0.38
N GLU A 232 9.66 13.68 0.06
CA GLU A 232 9.11 12.56 0.82
C GLU A 232 8.70 12.97 2.24
N GLY A 233 9.45 13.90 2.83
CA GLY A 233 9.26 14.39 4.19
C GLY A 233 10.18 13.59 5.10
N ALA A 234 11.13 14.26 5.79
CA ALA A 234 12.09 13.61 6.68
C ALA A 234 11.41 12.73 7.74
N ASP A 235 10.23 13.18 8.23
CA ASP A 235 9.41 12.47 9.24
C ASP A 235 8.86 11.13 8.77
N THR A 236 8.89 10.86 7.45
CA THR A 236 8.39 9.61 6.89
C THR A 236 9.54 8.62 6.59
N ILE A 237 10.80 9.06 6.73
CA ILE A 237 11.99 8.27 6.36
C ILE A 237 12.67 7.61 7.56
N ALA A 238 12.62 6.29 7.58
CA ALA A 238 13.16 5.46 8.66
C ALA A 238 14.66 5.30 8.65
N GLY A 239 15.28 5.24 7.48
CA GLY A 239 16.71 4.99 7.47
C GLY A 239 17.29 4.98 6.09
N PHE A 240 18.62 4.96 6.04
CA PHE A 240 19.42 4.92 4.82
C PHE A 240 20.43 3.79 4.98
N PHE A 241 20.48 2.91 3.98
CA PHE A 241 21.45 1.82 3.99
C PHE A 241 22.36 1.97 2.81
N ALA A 242 23.63 1.62 2.99
CA ALA A 242 24.56 1.65 1.88
C ALA A 242 25.66 0.62 2.06
N GLU A 243 25.99 -0.06 0.97
CA GLU A 243 27.18 -0.89 0.92
C GLU A 243 28.28 0.16 0.65
N PRO A 244 29.39 0.19 1.43
CA PRO A 244 30.48 1.15 1.13
C PRO A 244 30.95 1.03 -0.33
N VAL A 245 31.25 -0.20 -0.77
CA VAL A 245 31.57 -0.54 -2.16
C VAL A 245 30.45 -1.52 -2.55
N MSE A 246 29.74 -1.23 -3.65
CA MSE A 246 28.64 -2.12 -4.10
C MSE A 246 29.21 -3.42 -4.64
O MSE A 246 30.18 -3.38 -5.40
CB MSE A 246 27.81 -1.44 -5.18
CG MSE A 246 26.88 -0.39 -4.62
SE MSE A 246 26.30 0.77 -6.07
CE MSE A 246 24.65 1.38 -5.25
N GLY A 247 28.66 -4.54 -4.20
CA GLY A 247 29.10 -5.88 -4.57
C GLY A 247 28.41 -6.43 -5.80
N ALA A 248 27.17 -6.95 -5.63
CA ALA A 248 26.40 -7.55 -6.73
C ALA A 248 26.01 -6.57 -7.81
N GLY A 249 26.14 -5.27 -7.52
CA GLY A 249 25.92 -4.19 -8.47
C GLY A 249 27.02 -4.13 -9.52
N GLY A 250 28.10 -4.87 -9.29
CA GLY A 250 29.22 -5.00 -10.23
C GLY A 250 30.54 -4.42 -9.75
N VAL A 251 30.78 -4.41 -8.43
CA VAL A 251 32.00 -3.86 -7.80
C VAL A 251 32.06 -2.36 -8.09
N ILE A 252 31.33 -1.58 -7.31
CA ILE A 252 31.28 -0.15 -7.56
C ILE A 252 31.76 0.69 -6.40
N PRO A 253 33.04 1.13 -6.40
CA PRO A 253 33.48 2.09 -5.39
C PRO A 253 32.75 3.40 -5.68
N PRO A 254 32.26 4.10 -4.63
CA PRO A 254 31.51 5.34 -4.89
C PRO A 254 32.42 6.44 -5.41
N ALA A 255 31.82 7.38 -6.16
CA ALA A 255 32.52 8.52 -6.71
C ALA A 255 33.25 9.29 -5.57
N LYS A 256 34.41 9.87 -5.86
CA LYS A 256 35.23 10.59 -4.86
C LYS A 256 34.42 11.58 -4.02
N GLY A 257 34.46 11.42 -2.69
CA GLY A 257 33.82 12.33 -1.76
C GLY A 257 32.33 12.15 -1.56
N TYR A 258 31.75 11.07 -2.12
CA TYR A 258 30.32 10.77 -2.02
C TYR A 258 29.82 10.71 -0.58
N PHE A 259 30.42 9.84 0.26
CA PHE A 259 29.98 9.71 1.66
C PHE A 259 30.13 11.02 2.42
N GLN A 260 31.20 11.78 2.14
CA GLN A 260 31.42 13.09 2.77
C GLN A 260 30.36 14.13 2.36
N ALA A 261 29.72 13.97 1.18
CA ALA A 261 28.68 14.90 0.75
C ALA A 261 27.29 14.48 1.28
N ILE A 262 26.99 13.18 1.25
CA ILE A 262 25.66 12.66 1.65
C ILE A 262 25.38 12.53 3.13
N LEU A 263 26.38 12.07 3.92
CA LEU A 263 26.21 11.86 5.36
C LEU A 263 25.77 13.10 6.16
N PRO A 264 26.36 14.32 5.94
CA PRO A 264 25.83 15.52 6.64
C PRO A 264 24.34 15.75 6.35
N ILE A 265 23.88 15.51 5.10
CA ILE A 265 22.47 15.68 4.74
C ILE A 265 21.61 14.72 5.57
N LEU A 266 21.99 13.44 5.62
CA LEU A 266 21.26 12.41 6.39
C LEU A 266 21.17 12.76 7.88
N ARG A 267 22.29 13.20 8.45
CA ARG A 267 22.38 13.60 9.86
C ARG A 267 21.47 14.80 10.15
N LYS A 268 21.45 15.77 9.22
CA LYS A 268 20.64 16.98 9.29
C LYS A 268 19.15 16.62 9.43
N TYR A 269 18.73 15.51 8.78
CA TYR A 269 17.33 15.10 8.71
C TYR A 269 16.89 13.97 9.62
N ASP A 270 17.73 13.59 10.60
CA ASP A 270 17.45 12.51 11.56
C ASP A 270 17.14 11.18 10.86
N ILE A 271 18.00 10.86 9.85
CA ILE A 271 17.85 9.62 9.10
C ILE A 271 18.99 8.67 9.53
N PRO A 272 18.67 7.61 10.31
CA PRO A 272 19.70 6.64 10.72
C PRO A 272 20.48 6.09 9.53
N VAL A 273 21.81 5.95 9.69
CA VAL A 273 22.73 5.50 8.63
C VAL A 273 23.23 4.10 8.94
N ILE A 274 22.96 3.18 8.02
CA ILE A 274 23.37 1.78 8.19
C ILE A 274 24.41 1.43 7.14
N SER A 275 25.55 0.89 7.56
CA SER A 275 26.51 0.41 6.58
C SER A 275 26.26 -1.09 6.36
N ASP A 276 25.96 -1.47 5.11
CA ASP A 276 25.76 -2.88 4.84
C ASP A 276 27.16 -3.41 4.54
N GLU A 277 27.75 -4.06 5.54
CA GLU A 277 29.13 -4.59 5.47
C GLU A 277 29.10 -6.12 5.15
N VAL A 278 28.02 -6.62 4.57
CA VAL A 278 27.93 -8.07 4.25
C VAL A 278 29.14 -8.54 3.42
N ILE A 279 29.51 -7.76 2.37
CA ILE A 279 30.68 -8.05 1.57
C ILE A 279 31.93 -7.33 2.10
N CYS A 280 31.81 -6.05 2.46
CA CYS A 280 32.94 -5.23 2.90
C CYS A 280 33.52 -5.49 4.29
N GLY A 281 32.78 -6.20 5.14
CA GLY A 281 33.23 -6.50 6.49
C GLY A 281 34.34 -7.53 6.46
N PHE A 282 35.33 -7.33 7.30
CA PHE A 282 36.50 -8.20 7.45
C PHE A 282 37.45 -8.30 6.26
N GLY A 283 37.92 -7.14 5.80
CA GLY A 283 39.08 -7.03 4.91
C GLY A 283 39.08 -6.84 3.42
N ARG A 284 38.01 -7.14 2.66
CA ARG A 284 38.06 -7.03 1.21
C ARG A 284 38.43 -5.68 0.59
N THR A 285 38.11 -4.55 1.29
CA THR A 285 38.47 -3.20 0.81
C THR A 285 39.82 -2.71 1.37
N GLY A 286 40.55 -3.59 2.06
CA GLY A 286 41.86 -3.25 2.65
C GLY A 286 41.80 -2.76 4.09
N ASN A 287 40.60 -2.78 4.68
CA ASN A 287 40.36 -2.42 6.08
C ASN A 287 39.33 -3.37 6.62
N THR A 288 39.19 -3.40 7.94
CA THR A 288 38.24 -4.27 8.63
C THR A 288 36.81 -3.95 8.21
N TRP A 289 36.52 -2.68 7.94
CA TRP A 289 35.17 -2.29 7.52
C TRP A 289 35.26 -1.38 6.33
N GLY A 290 34.31 -1.50 5.41
CA GLY A 290 34.25 -0.60 4.26
C GLY A 290 34.02 0.82 4.72
N CYS A 291 33.27 1.01 5.85
CA CYS A 291 33.04 2.37 6.37
C CYS A 291 34.34 3.02 6.90
N VAL A 292 35.35 2.20 7.31
CA VAL A 292 36.67 2.72 7.74
C VAL A 292 37.42 3.17 6.46
N THR A 293 37.42 2.32 5.40
CA THR A 293 38.08 2.68 4.14
C THR A 293 37.53 4.00 3.59
N TYR A 294 36.20 4.21 3.69
CA TYR A 294 35.51 5.41 3.17
C TYR A 294 35.31 6.53 4.18
N ASP A 295 35.95 6.37 5.36
CA ASP A 295 36.00 7.36 6.43
C ASP A 295 34.64 7.93 6.90
N PHE A 296 33.68 7.04 7.20
CA PHE A 296 32.39 7.47 7.73
C PHE A 296 31.97 6.59 8.90
N THR A 297 31.21 7.16 9.85
CA THR A 297 30.74 6.39 10.97
C THR A 297 29.24 6.17 10.89
N PRO A 298 28.82 4.91 10.65
CA PRO A 298 27.37 4.63 10.59
C PRO A 298 26.79 4.47 11.99
N ASP A 299 25.45 4.33 12.10
CA ASP A 299 24.80 4.11 13.39
C ASP A 299 24.68 2.62 13.71
N ALA A 300 24.80 1.78 12.67
CA ALA A 300 24.75 0.32 12.76
C ALA A 300 25.47 -0.32 11.57
N ILE A 301 25.88 -1.59 11.76
CA ILE A 301 26.57 -2.35 10.73
C ILE A 301 25.83 -3.66 10.51
N ILE A 302 25.77 -4.11 9.25
CA ILE A 302 25.17 -5.40 8.89
C ILE A 302 26.33 -6.26 8.49
N SER A 303 26.48 -7.42 9.11
CA SER A 303 27.62 -8.29 8.81
C SER A 303 27.15 -9.70 8.51
N SER A 304 27.85 -10.38 7.61
CA SER A 304 27.64 -11.79 7.27
C SER A 304 28.84 -12.23 6.45
N LYS A 305 28.67 -13.23 5.54
CA LYS A 305 29.71 -13.71 4.64
C LYS A 305 31.06 -14.07 5.30
N ASN A 306 32.10 -13.17 5.23
CA ASN A 306 33.42 -13.40 5.83
C ASN A 306 33.32 -13.64 7.32
N LEU A 307 32.25 -13.14 7.95
CA LEU A 307 31.98 -13.34 9.38
C LEU A 307 32.25 -14.80 9.80
N THR A 308 31.90 -15.78 8.95
CA THR A 308 32.15 -17.18 9.29
C THR A 308 33.05 -17.86 8.24
N ALA A 309 33.61 -17.07 7.29
CA ALA A 309 34.42 -17.57 6.17
C ALA A 309 33.66 -18.62 5.32
N GLY A 310 32.33 -18.45 5.26
CA GLY A 310 31.44 -19.35 4.52
C GLY A 310 31.25 -20.71 5.17
N PHE A 311 31.79 -20.93 6.38
CA PHE A 311 31.70 -22.23 7.04
C PHE A 311 30.35 -22.46 7.74
N PHE A 312 29.56 -21.39 7.95
CA PHE A 312 28.28 -21.52 8.66
C PHE A 312 27.38 -20.29 8.36
N PRO A 313 26.05 -20.47 8.26
CA PRO A 313 25.19 -19.29 8.01
C PRO A 313 25.00 -18.45 9.27
N MSE A 314 25.60 -17.26 9.27
CA MSE A 314 25.45 -16.28 10.35
C MSE A 314 25.41 -14.90 9.75
O MSE A 314 26.21 -14.58 8.86
CB MSE A 314 26.63 -16.33 11.34
CG MSE A 314 26.47 -15.39 12.56
SE MSE A 314 27.03 -16.33 14.20
CE MSE A 314 25.69 -17.81 13.97
N GLY A 315 24.52 -14.08 10.27
CA GLY A 315 24.43 -12.67 10.01
C GLY A 315 24.38 -11.97 11.35
N ALA A 316 24.79 -10.70 11.40
CA ALA A 316 24.72 -9.96 12.67
C ALA A 316 24.35 -8.54 12.39
N VAL A 317 23.54 -7.98 13.30
CA VAL A 317 23.21 -6.56 13.29
C VAL A 317 24.00 -5.99 14.46
N ILE A 318 25.01 -5.13 14.18
CA ILE A 318 25.85 -4.49 15.20
C ILE A 318 25.37 -3.05 15.37
N LEU A 319 24.69 -2.79 16.46
CA LEU A 319 24.12 -1.48 16.73
C LEU A 319 25.11 -0.61 17.50
N GLY A 320 25.30 0.62 17.03
CA GLY A 320 26.18 1.61 17.65
C GLY A 320 25.61 2.11 18.96
N PRO A 321 26.31 2.99 19.69
CA PRO A 321 25.80 3.40 21.01
C PRO A 321 24.46 4.15 21.01
N GLU A 322 24.25 5.03 20.03
CA GLU A 322 23.03 5.84 19.91
C GLU A 322 21.80 4.96 19.69
N LEU A 323 21.83 4.06 18.68
CA LEU A 323 20.69 3.16 18.43
C LEU A 323 20.54 2.11 19.52
N SER A 324 21.64 1.60 20.10
CA SER A 324 21.56 0.63 21.20
C SER A 324 20.74 1.21 22.36
N LYS A 325 21.08 2.43 22.81
CA LYS A 325 20.40 3.12 23.90
C LYS A 325 18.93 3.34 23.59
N ARG A 326 18.64 3.87 22.37
CA ARG A 326 17.28 4.15 21.91
C ARG A 326 16.42 2.91 21.84
N LEU A 327 16.94 1.81 21.23
CA LEU A 327 16.21 0.54 21.13
C LEU A 327 15.91 -0.09 22.50
N GLU A 328 16.90 -0.10 23.41
CA GLU A 328 16.72 -0.63 24.76
C GLU A 328 15.63 0.10 25.54
N THR A 329 15.54 1.45 25.42
CA THR A 329 14.46 2.19 26.09
C THR A 329 13.12 1.75 25.51
N ALA A 330 13.04 1.64 24.16
CA ALA A 330 11.82 1.20 23.46
C ALA A 330 11.45 -0.23 23.86
N ILE A 331 12.45 -1.13 23.98
CA ILE A 331 12.20 -2.53 24.39
C ILE A 331 11.79 -2.58 25.87
N GLU A 332 12.48 -1.79 26.74
CA GLU A 332 12.12 -1.78 28.17
C GLU A 332 10.64 -1.38 28.37
N ALA A 333 10.16 -0.41 27.56
CA ALA A 333 8.77 0.06 27.64
C ALA A 333 7.76 -1.04 27.33
N ILE A 334 8.01 -1.93 26.32
CA ILE A 334 7.08 -3.02 26.01
C ILE A 334 7.41 -4.34 26.69
N GLU A 335 8.62 -4.40 27.33
CA GLU A 335 9.13 -5.54 28.12
C GLU A 335 9.73 -6.68 27.31
N GLU A 336 9.50 -6.72 25.99
CA GLU A 336 10.01 -7.79 25.14
C GLU A 336 10.12 -7.34 23.70
N PHE A 337 11.19 -7.78 23.00
CA PHE A 337 11.38 -7.43 21.60
C PHE A 337 10.94 -8.69 20.82
N PRO A 338 9.73 -8.66 20.20
CA PRO A 338 9.18 -9.88 19.61
C PRO A 338 9.70 -10.17 18.22
N HIS A 339 10.96 -10.63 18.15
CA HIS A 339 11.63 -10.89 16.89
C HIS A 339 12.82 -11.78 17.17
N GLY A 340 13.06 -12.73 16.27
CA GLY A 340 14.18 -13.65 16.40
C GLY A 340 13.99 -14.85 15.51
N PHE A 341 15.09 -15.50 15.15
CA PHE A 341 15.11 -16.68 14.30
C PHE A 341 15.50 -17.85 15.16
N THR A 342 14.97 -19.04 14.85
CA THR A 342 15.24 -20.29 15.61
C THR A 342 16.75 -20.49 15.87
N ALA A 343 17.56 -20.33 14.82
CA ALA A 343 19.00 -20.51 14.92
C ALA A 343 19.81 -19.27 15.28
N SER A 344 19.17 -18.12 15.56
CA SER A 344 19.88 -16.88 15.97
C SER A 344 20.83 -17.16 17.10
N GLY A 345 22.12 -16.85 16.93
CA GLY A 345 23.11 -17.03 17.98
C GLY A 345 23.57 -18.45 18.21
N HIS A 346 23.35 -19.35 17.22
CA HIS A 346 23.75 -20.77 17.29
C HIS A 346 25.20 -20.91 17.78
N PRO A 347 25.45 -21.75 18.85
CA PRO A 347 26.82 -21.83 19.40
C PRO A 347 27.88 -22.21 18.39
N VAL A 348 27.54 -23.10 17.45
CA VAL A 348 28.47 -23.54 16.40
C VAL A 348 28.87 -22.37 15.48
N GLY A 349 27.88 -21.60 15.03
CA GLY A 349 28.15 -20.43 14.19
C GLY A 349 28.98 -19.40 14.92
N CYS A 350 28.70 -19.21 16.22
CA CYS A 350 29.44 -18.24 17.04
C CYS A 350 30.89 -18.64 17.24
N ALA A 351 31.15 -19.94 17.52
CA ALA A 351 32.52 -20.46 17.69
C ALA A 351 33.28 -20.33 16.35
N ILE A 352 32.63 -20.69 15.22
CA ILE A 352 33.20 -20.60 13.86
C ILE A 352 33.53 -19.15 13.53
N ALA A 353 32.60 -18.19 13.84
CA ALA A 353 32.80 -16.76 13.59
C ALA A 353 33.97 -16.24 14.41
N LEU A 354 34.08 -16.66 15.69
CA LEU A 354 35.23 -16.26 16.52
C LEU A 354 36.54 -16.69 15.84
N LYS A 355 36.55 -17.91 15.26
CA LYS A 355 37.74 -18.40 14.56
C LYS A 355 37.97 -17.66 13.25
N ALA A 356 36.91 -17.44 12.44
CA ALA A 356 37.05 -16.71 11.15
C ALA A 356 37.65 -15.33 11.38
N ILE A 357 37.16 -14.62 12.41
CA ILE A 357 37.65 -13.27 12.71
C ILE A 357 39.14 -13.34 13.07
N ASP A 358 39.51 -14.33 13.90
CA ASP A 358 40.92 -14.55 14.30
C ASP A 358 41.77 -14.85 13.06
N VAL A 359 41.27 -15.73 12.16
CA VAL A 359 42.02 -16.10 10.95
C VAL A 359 42.25 -14.90 10.04
N VAL A 360 41.19 -14.14 9.76
CA VAL A 360 41.26 -12.99 8.87
C VAL A 360 42.20 -11.90 9.42
N MSE A 361 41.98 -11.53 10.69
CA MSE A 361 42.70 -10.43 11.29
C MSE A 361 44.08 -10.73 11.80
O MSE A 361 44.92 -9.84 11.73
CB MSE A 361 41.84 -9.75 12.38
CG MSE A 361 40.48 -9.27 11.85
SE MSE A 361 39.44 -8.39 13.24
CE MSE A 361 40.45 -6.66 13.32
N ASN A 362 44.33 -11.95 12.27
CA ASN A 362 45.59 -12.32 12.90
C ASN A 362 46.49 -13.30 12.16
N GLU A 363 46.01 -13.91 11.09
CA GLU A 363 46.81 -14.92 10.37
C GLU A 363 47.33 -14.39 9.01
N GLY A 364 47.32 -13.08 8.85
CA GLY A 364 47.83 -12.40 7.66
C GLY A 364 46.91 -12.30 6.45
N LEU A 365 45.68 -12.87 6.53
CA LEU A 365 44.75 -12.83 5.39
C LEU A 365 44.34 -11.42 4.99
N ALA A 366 43.92 -10.59 5.96
CA ALA A 366 43.56 -9.19 5.69
C ALA A 366 44.80 -8.41 5.18
N GLU A 367 45.99 -8.74 5.71
CA GLU A 367 47.23 -8.08 5.28
C GLU A 367 47.57 -8.46 3.87
N ASN A 368 47.32 -9.74 3.49
CA ASN A 368 47.59 -10.24 2.15
C ASN A 368 46.80 -9.46 1.10
N VAL A 369 45.55 -9.06 1.43
CA VAL A 369 44.78 -8.22 0.51
C VAL A 369 45.45 -6.86 0.30
N ARG A 370 45.92 -6.21 1.37
CA ARG A 370 46.64 -4.93 1.28
C ARG A 370 47.94 -5.09 0.51
N ARG A 371 48.66 -6.17 0.78
CA ARG A 371 49.96 -6.41 0.15
C ARG A 371 49.84 -6.65 -1.35
N LEU A 372 48.86 -7.45 -1.76
CA LEU A 372 48.65 -7.82 -3.16
C LEU A 372 47.75 -6.91 -3.98
N ALA A 373 46.98 -5.99 -3.32
CA ALA A 373 46.10 -5.06 -4.05
C ALA A 373 46.85 -4.21 -5.09
N PRO A 374 48.08 -3.67 -4.84
CA PRO A 374 48.76 -2.89 -5.91
C PRO A 374 49.04 -3.68 -7.19
N ARG A 375 49.55 -4.93 -7.06
CA ARG A 375 49.82 -5.84 -8.18
C ARG A 375 48.50 -6.17 -8.91
N PHE A 376 47.42 -6.41 -8.13
CA PHE A 376 46.07 -6.70 -8.63
C PHE A 376 45.62 -5.59 -9.58
N GLU A 377 45.71 -4.34 -9.10
CA GLU A 377 45.33 -3.13 -9.83
C GLU A 377 46.23 -2.90 -11.04
N GLU A 378 47.54 -3.13 -10.88
CA GLU A 378 48.50 -2.95 -11.96
C GLU A 378 48.16 -3.85 -13.16
N ARG A 379 47.83 -5.14 -12.91
CA ARG A 379 47.46 -6.05 -13.99
C ARG A 379 46.12 -5.66 -14.65
N LEU A 380 45.16 -5.13 -13.86
CA LEU A 380 43.86 -4.72 -14.40
C LEU A 380 44.02 -3.49 -15.26
N LYS A 381 44.93 -2.58 -14.87
CA LYS A 381 45.24 -1.36 -15.61
C LYS A 381 45.79 -1.73 -17.00
N HIS A 382 46.70 -2.74 -17.07
CA HIS A 382 47.24 -3.23 -18.33
C HIS A 382 46.15 -3.85 -19.20
N ILE A 383 45.26 -4.66 -18.58
CA ILE A 383 44.13 -5.30 -19.27
C ILE A 383 43.15 -4.27 -19.84
N ALA A 384 42.95 -3.15 -19.10
CA ALA A 384 42.06 -2.06 -19.49
C ALA A 384 42.52 -1.28 -20.72
N GLU A 385 43.79 -1.49 -21.17
CA GLU A 385 44.33 -0.85 -22.38
C GLU A 385 43.66 -1.42 -23.63
N ARG A 386 43.04 -2.63 -23.53
CA ARG A 386 42.33 -3.26 -24.65
C ARG A 386 41.14 -2.38 -25.10
N PRO A 387 40.84 -2.30 -26.42
CA PRO A 387 39.73 -1.43 -26.86
C PRO A 387 38.34 -1.84 -26.38
N ASN A 388 38.15 -3.13 -26.03
CA ASN A 388 36.85 -3.64 -25.57
C ASN A 388 36.63 -3.58 -24.04
N ILE A 389 37.56 -2.95 -23.30
CA ILE A 389 37.42 -2.76 -21.85
C ILE A 389 37.13 -1.28 -21.62
N GLY A 390 35.90 -0.99 -21.19
CA GLY A 390 35.43 0.37 -20.91
C GLY A 390 36.07 1.00 -19.68
N GLU A 391 36.30 0.17 -18.65
CA GLU A 391 36.96 0.55 -17.42
C GLU A 391 37.25 -0.65 -16.54
N TYR A 392 38.16 -0.44 -15.59
CA TYR A 392 38.44 -1.36 -14.50
C TYR A 392 38.09 -0.54 -13.27
N ARG A 393 37.56 -1.20 -12.25
CA ARG A 393 37.17 -0.53 -11.02
C ARG A 393 37.27 -1.53 -9.88
N GLY A 394 37.45 -1.00 -8.69
CA GLY A 394 37.54 -1.81 -7.49
C GLY A 394 38.51 -1.26 -6.47
N ILE A 395 38.82 -2.10 -5.48
CA ILE A 395 39.70 -1.77 -4.33
C ILE A 395 40.05 -3.08 -3.62
N GLY A 396 41.23 -3.16 -2.99
CA GLY A 396 41.68 -4.33 -2.24
C GLY A 396 41.57 -5.62 -3.04
N PHE A 397 40.65 -6.51 -2.62
CA PHE A 397 40.39 -7.78 -3.32
C PHE A 397 38.99 -7.87 -3.98
N MSE A 398 38.44 -6.73 -4.45
CA MSE A 398 37.13 -6.65 -5.15
C MSE A 398 37.38 -5.84 -6.40
O MSE A 398 37.58 -4.64 -6.26
CB MSE A 398 36.17 -5.73 -4.36
CG MSE A 398 35.38 -6.38 -3.34
SE MSE A 398 34.72 -4.90 -2.24
CE MSE A 398 32.99 -4.86 -3.06
N TRP A 399 37.30 -6.43 -7.59
CA TRP A 399 37.54 -5.67 -8.84
C TRP A 399 36.59 -6.11 -9.94
N ALA A 400 36.39 -5.24 -10.94
CA ALA A 400 35.58 -5.54 -12.12
C ALA A 400 36.21 -4.99 -13.36
N LEU A 401 35.99 -5.69 -14.49
CA LEU A 401 36.38 -5.23 -15.83
C LEU A 401 35.05 -5.08 -16.58
N GLU A 402 34.79 -3.89 -17.15
CA GLU A 402 33.55 -3.63 -17.89
C GLU A 402 33.80 -3.82 -19.40
N ALA A 403 32.99 -4.67 -20.07
CA ALA A 403 33.12 -4.91 -21.51
C ALA A 403 32.32 -3.87 -22.32
N VAL A 404 32.94 -3.30 -23.38
CA VAL A 404 32.31 -2.33 -24.27
C VAL A 404 32.65 -2.63 -25.74
N LYS A 405 31.74 -2.26 -26.67
CA LYS A 405 31.93 -2.37 -28.12
C LYS A 405 32.86 -1.23 -28.55
N ASP A 406 32.62 -0.01 -28.02
CA ASP A 406 33.43 1.18 -28.30
C ASP A 406 33.73 1.92 -27.00
N LYS A 407 35.03 2.16 -26.74
CA LYS A 407 35.53 2.82 -25.55
C LYS A 407 35.11 4.29 -25.40
N ALA A 408 35.54 5.16 -26.34
CA ALA A 408 35.27 6.60 -26.35
C ALA A 408 33.81 6.99 -26.09
N SER A 409 32.85 6.27 -26.68
CA SER A 409 31.42 6.53 -26.51
C SER A 409 30.77 5.66 -25.41
N LYS A 410 31.55 4.79 -24.73
CA LYS A 410 31.09 3.85 -23.69
C LYS A 410 29.94 2.96 -24.23
N THR A 411 29.99 2.62 -25.53
CA THR A 411 28.96 1.82 -26.18
C THR A 411 29.05 0.35 -25.77
N PRO A 412 27.98 -0.24 -25.21
CA PRO A 412 28.05 -1.66 -24.86
C PRO A 412 27.79 -2.55 -26.07
N PHE A 413 28.09 -3.85 -25.94
CA PHE A 413 27.77 -4.86 -26.93
C PHE A 413 26.30 -5.15 -26.70
N ASP A 414 25.55 -5.56 -27.74
CA ASP A 414 24.13 -5.91 -27.62
C ASP A 414 23.95 -6.97 -26.55
N GLY A 415 22.88 -6.84 -25.77
CA GLY A 415 22.53 -7.76 -24.71
C GLY A 415 22.42 -9.22 -25.13
N ASN A 416 22.12 -9.45 -26.43
CA ASN A 416 21.97 -10.77 -27.02
C ASN A 416 23.31 -11.45 -27.29
N LEU A 417 24.41 -10.66 -27.39
CA LEU A 417 25.76 -11.16 -27.62
C LEU A 417 26.35 -11.85 -26.36
N SER A 418 25.77 -11.58 -25.17
CA SER A 418 26.14 -12.12 -23.84
C SER A 418 27.66 -12.17 -23.59
N VAL A 419 28.38 -11.08 -23.93
CA VAL A 419 29.83 -10.96 -23.83
C VAL A 419 30.43 -11.40 -22.47
N SER A 420 29.85 -10.96 -21.34
CA SER A 420 30.34 -11.29 -20.00
C SER A 420 30.15 -12.78 -19.69
N GLU A 421 28.95 -13.34 -19.98
CA GLU A 421 28.60 -14.77 -19.83
C GLU A 421 29.56 -15.64 -20.69
N ARG A 422 29.91 -15.16 -21.91
CA ARG A 422 30.83 -15.80 -22.84
C ARG A 422 32.24 -15.82 -22.27
N ILE A 423 32.69 -14.68 -21.70
CA ILE A 423 34.02 -14.58 -21.04
C ILE A 423 34.06 -15.57 -19.88
N ALA A 424 33.00 -15.58 -19.06
CA ALA A 424 32.85 -16.45 -17.89
C ALA A 424 32.80 -17.94 -18.25
N ASN A 425 32.07 -18.31 -19.33
CA ASN A 425 31.98 -19.70 -19.79
C ASN A 425 33.33 -20.18 -20.32
N THR A 426 34.05 -19.29 -21.03
CA THR A 426 35.40 -19.55 -21.56
C THR A 426 36.39 -19.70 -20.41
N CYS A 427 36.17 -18.94 -19.31
CA CYS A 427 37.01 -19.02 -18.11
C CYS A 427 36.83 -20.38 -17.45
N THR A 428 35.58 -20.84 -17.29
CA THR A 428 35.22 -22.16 -16.72
C THR A 428 35.94 -23.31 -17.44
N ASP A 429 35.95 -23.23 -18.80
CA ASP A 429 36.60 -24.19 -19.69
C ASP A 429 38.12 -24.17 -19.55
N LEU A 430 38.69 -23.06 -19.03
CA LEU A 430 40.12 -22.95 -18.77
C LEU A 430 40.43 -23.26 -17.29
N GLY A 431 39.41 -23.53 -16.50
CA GLY A 431 39.55 -23.85 -15.08
C GLY A 431 39.57 -22.66 -14.13
N LEU A 432 38.88 -21.57 -14.51
CA LEU A 432 38.78 -20.37 -13.70
C LEU A 432 37.33 -20.04 -13.50
N ILE A 433 36.94 -19.82 -12.23
CA ILE A 433 35.58 -19.39 -11.90
C ILE A 433 35.64 -17.87 -11.83
N CYS A 434 34.84 -17.27 -12.70
CA CYS A 434 34.65 -15.85 -12.90
C CYS A 434 33.18 -15.55 -12.73
N ARG A 435 32.84 -14.32 -12.33
CA ARG A 435 31.44 -13.94 -12.17
C ARG A 435 31.00 -12.92 -13.22
N PRO A 436 30.08 -13.29 -14.15
CA PRO A 436 29.56 -12.27 -15.08
C PRO A 436 28.40 -11.51 -14.42
N LEU A 437 28.44 -10.18 -14.52
CA LEU A 437 27.42 -9.30 -13.94
C LEU A 437 27.19 -8.17 -14.93
N GLY A 438 26.02 -8.17 -15.59
CA GLY A 438 25.71 -7.19 -16.63
C GLY A 438 26.69 -7.34 -17.79
N GLN A 439 27.45 -6.28 -18.09
CA GLN A 439 28.48 -6.26 -19.14
C GLN A 439 29.87 -6.40 -18.51
N SER A 440 29.92 -6.73 -17.24
CA SER A 440 31.18 -6.84 -16.49
C SER A 440 31.52 -8.26 -16.09
N VAL A 441 32.78 -8.44 -15.72
CA VAL A 441 33.37 -9.65 -15.17
C VAL A 441 33.97 -9.21 -13.82
N VAL A 442 33.54 -9.89 -12.74
CA VAL A 442 33.91 -9.58 -11.36
C VAL A 442 34.92 -10.58 -10.83
N LEU A 443 35.95 -10.07 -10.12
CA LEU A 443 36.94 -10.88 -9.43
C LEU A 443 36.91 -10.50 -7.96
N CYS A 444 36.74 -11.49 -7.09
CA CYS A 444 36.75 -11.31 -5.64
C CYS A 444 37.36 -12.58 -5.05
N PRO A 445 38.67 -12.81 -5.25
CA PRO A 445 39.26 -14.09 -4.83
C PRO A 445 39.50 -14.24 -3.33
N PRO A 446 39.86 -15.45 -2.85
CA PRO A 446 40.10 -15.63 -1.40
C PRO A 446 41.35 -14.86 -0.97
N PHE A 447 41.40 -14.49 0.30
CA PHE A 447 42.50 -13.72 0.86
C PHE A 447 43.79 -14.53 0.97
N ILE A 448 43.69 -15.87 0.82
CA ILE A 448 44.84 -16.78 0.86
C ILE A 448 45.56 -16.83 -0.49
N LEU A 449 45.02 -16.15 -1.50
CA LEU A 449 45.56 -16.14 -2.86
C LEU A 449 47.06 -15.78 -2.88
N THR A 450 47.85 -16.59 -3.57
CA THR A 450 49.28 -16.30 -3.69
C THR A 450 49.50 -15.48 -4.95
N GLU A 451 50.72 -14.92 -5.11
CA GLU A 451 51.09 -14.17 -6.31
C GLU A 451 50.94 -15.08 -7.55
N ALA A 452 51.40 -16.36 -7.44
CA ALA A 452 51.36 -17.34 -8.53
C ALA A 452 49.93 -17.64 -8.93
N GLN A 453 49.02 -17.75 -7.93
CA GLN A 453 47.61 -18.00 -8.17
C GLN A 453 46.92 -16.79 -8.79
N MSE A 454 47.37 -15.58 -8.42
CA MSE A 454 46.86 -14.33 -9.00
C MSE A 454 47.28 -14.24 -10.48
O MSE A 454 46.47 -13.86 -11.33
CB MSE A 454 47.38 -13.12 -8.22
CG MSE A 454 46.57 -11.88 -8.44
SE MSE A 454 47.52 -10.31 -7.83
CE MSE A 454 47.88 -9.59 -9.56
N ASP A 455 48.52 -14.66 -10.78
CA ASP A 455 49.03 -14.72 -12.15
C ASP A 455 48.20 -15.77 -12.95
N GLU A 456 47.91 -16.93 -12.32
CA GLU A 456 47.10 -18.00 -12.90
C GLU A 456 45.71 -17.47 -13.26
N MSE A 457 45.06 -16.78 -12.30
CA MSE A 457 43.74 -16.16 -12.47
C MSE A 457 43.78 -15.19 -13.67
O MSE A 457 42.96 -15.31 -14.57
CB MSE A 457 43.37 -15.42 -11.18
CG MSE A 457 42.07 -14.66 -11.26
SE MSE A 457 41.85 -13.55 -9.69
CE MSE A 457 43.24 -12.23 -9.99
N PHE A 458 44.76 -14.27 -13.69
CA PHE A 458 44.90 -13.31 -14.77
C PHE A 458 45.21 -13.88 -16.15
N ASP A 459 46.11 -14.90 -16.23
CA ASP A 459 46.48 -15.55 -17.49
C ASP A 459 45.27 -16.20 -18.15
N LYS A 460 44.47 -16.96 -17.36
CA LYS A 460 43.25 -17.62 -17.84
C LYS A 460 42.17 -16.59 -18.24
N LEU A 461 41.97 -15.52 -17.45
CA LEU A 461 41.00 -14.47 -17.79
C LEU A 461 41.43 -13.84 -19.13
N GLU A 462 42.72 -13.47 -19.29
CA GLU A 462 43.25 -12.85 -20.51
C GLU A 462 43.03 -13.71 -21.76
N LYS A 463 43.23 -15.04 -21.65
CA LYS A 463 43.00 -15.99 -22.74
C LYS A 463 41.51 -16.02 -23.11
N ALA A 464 40.63 -15.89 -22.10
CA ALA A 464 39.18 -15.84 -22.30
C ALA A 464 38.75 -14.53 -22.94
N LEU A 465 39.41 -13.40 -22.57
CA LEU A 465 39.16 -12.09 -23.15
C LEU A 465 39.65 -12.07 -24.60
N ASP A 466 40.86 -12.62 -24.84
CA ASP A 466 41.49 -12.73 -26.16
C ASP A 466 40.63 -13.51 -27.14
N LYS A 467 39.87 -14.52 -26.65
CA LYS A 467 38.99 -15.36 -27.45
C LYS A 467 37.69 -14.64 -27.77
N VAL A 468 36.92 -14.26 -26.72
CA VAL A 468 35.61 -13.59 -26.80
C VAL A 468 35.64 -12.25 -27.59
N PHE A 469 36.71 -11.46 -27.44
CA PHE A 469 36.86 -10.19 -28.16
C PHE A 469 37.26 -10.36 -29.63
N ALA A 470 38.03 -11.42 -29.96
CA ALA A 470 38.43 -11.72 -31.34
C ALA A 470 37.23 -12.29 -32.11
N GLU A 471 36.28 -12.90 -31.37
CA GLU A 471 35.05 -13.51 -31.87
C GLU A 471 33.95 -12.47 -32.14
N VAL A 472 33.43 -11.81 -31.07
CA VAL A 472 32.34 -10.82 -31.13
C VAL A 472 32.74 -9.54 -31.90
N ALA A 473 33.92 -8.97 -31.58
CA ALA A 473 34.43 -7.77 -32.22
C ALA A 473 35.59 -8.09 -33.13
N PRO B 24 32.60 -5.52 31.94
CA PRO B 24 31.85 -6.63 32.56
C PRO B 24 32.72 -7.85 32.83
N GLN B 25 32.52 -8.50 34.01
CA GLN B 25 33.31 -9.65 34.47
C GLN B 25 32.54 -10.98 34.37
N SER B 26 31.35 -11.04 34.97
CA SER B 26 30.51 -12.24 35.00
C SER B 26 29.92 -12.56 33.63
N TRP B 27 29.51 -13.83 33.43
CA TRP B 27 28.85 -14.27 32.22
C TRP B 27 27.56 -13.49 32.04
N GLU B 28 26.83 -13.27 33.13
CA GLU B 28 25.56 -12.53 33.15
C GLU B 28 25.75 -11.07 32.72
N ALA B 29 26.77 -10.38 33.26
CA ALA B 29 27.03 -8.97 32.90
C ALA B 29 27.54 -8.84 31.48
N ARG B 30 28.36 -9.80 31.02
CA ARG B 30 28.89 -9.80 29.64
C ARG B 30 27.75 -9.96 28.64
N ALA B 31 26.82 -10.88 28.94
CA ALA B 31 25.64 -11.09 28.12
C ALA B 31 24.83 -9.79 28.01
N GLU B 32 24.51 -9.14 29.15
CA GLU B 32 23.73 -7.90 29.12
C GLU B 32 24.41 -6.69 28.48
N THR B 33 25.74 -6.59 28.57
CA THR B 33 26.52 -5.46 28.02
C THR B 33 26.53 -5.47 26.47
N TYR B 34 26.55 -6.66 25.84
CA TYR B 34 26.71 -6.77 24.38
C TYR B 34 25.57 -7.34 23.57
N SER B 35 24.52 -7.88 24.22
CA SER B 35 23.37 -8.50 23.51
C SER B 35 22.17 -7.60 23.41
N LEU B 36 21.46 -7.74 22.30
CA LEU B 36 20.12 -7.19 22.08
C LEU B 36 19.26 -8.49 22.07
N TYR B 37 18.47 -8.72 23.12
CA TYR B 37 17.70 -9.98 23.26
C TYR B 37 16.39 -9.99 22.48
N GLY B 38 16.14 -11.07 21.76
CA GLY B 38 14.88 -11.24 21.05
C GLY B 38 14.05 -12.24 21.82
N PHE B 39 12.69 -12.09 21.79
CA PHE B 39 11.76 -13.02 22.47
C PHE B 39 12.22 -13.35 23.93
N THR B 40 12.68 -12.30 24.63
CA THR B 40 13.16 -12.39 26.02
C THR B 40 12.42 -11.37 26.84
N ASP B 41 11.75 -11.83 27.89
CA ASP B 41 11.02 -10.96 28.81
C ASP B 41 12.08 -10.21 29.64
N MSE B 42 12.18 -8.92 29.41
CA MSE B 42 13.21 -8.08 30.02
C MSE B 42 13.08 -7.96 31.56
O MSE B 42 14.11 -8.15 32.23
CB MSE B 42 13.38 -6.73 29.29
CG MSE B 42 13.79 -6.91 27.79
SE MSE B 42 15.35 -8.12 27.52
CE MSE B 42 16.71 -6.97 28.40
N PRO B 43 11.87 -7.81 32.18
CA PRO B 43 11.80 -7.82 33.66
C PRO B 43 12.34 -9.11 34.29
N SER B 44 12.01 -10.28 33.73
CA SER B 44 12.51 -11.58 34.21
C SER B 44 14.02 -11.67 34.06
N LEU B 45 14.56 -11.19 32.90
CA LEU B 45 15.99 -11.21 32.61
C LEU B 45 16.74 -10.36 33.60
N HIS B 46 16.26 -9.14 33.90
CA HIS B 46 16.91 -8.26 34.86
C HIS B 46 16.91 -8.87 36.26
N GLN B 47 15.81 -9.54 36.63
CA GLN B 47 15.62 -10.22 37.92
C GLN B 47 16.54 -11.45 38.08
N ARG B 48 16.52 -12.34 37.10
CA ARG B 48 17.18 -13.63 37.17
C ARG B 48 18.58 -13.68 36.60
N GLY B 49 18.84 -12.85 35.59
CA GLY B 49 20.10 -12.87 34.87
C GLY B 49 19.99 -13.85 33.72
N THR B 50 20.80 -13.66 32.68
CA THR B 50 20.85 -14.56 31.53
C THR B 50 21.36 -15.93 31.99
N VAL B 51 20.73 -17.00 31.49
CA VAL B 51 21.16 -18.36 31.77
C VAL B 51 22.11 -18.70 30.62
N VAL B 52 23.39 -18.75 30.91
CA VAL B 52 24.42 -19.01 29.90
C VAL B 52 24.67 -20.53 29.84
N VAL B 53 24.43 -21.15 28.68
CA VAL B 53 24.53 -22.62 28.50
C VAL B 53 25.84 -22.97 27.84
N THR B 54 26.54 -23.99 28.35
CA THR B 54 27.85 -24.39 27.80
C THR B 54 27.81 -25.69 27.03
N HIS B 55 26.92 -26.64 27.44
CA HIS B 55 26.82 -27.99 26.83
C HIS B 55 25.55 -28.70 27.28
N GLY B 56 25.29 -29.85 26.70
CA GLY B 56 24.14 -30.67 27.04
C GLY B 56 24.45 -32.15 27.05
N GLU B 57 23.54 -32.94 27.58
CA GLU B 57 23.68 -34.41 27.65
C GLU B 57 22.30 -34.97 27.50
N GLY B 58 22.09 -35.72 26.44
CA GLY B 58 20.76 -36.27 26.15
C GLY B 58 19.74 -35.14 26.07
N PRO B 59 18.65 -35.19 26.86
CA PRO B 59 17.67 -34.08 26.86
C PRO B 59 17.98 -32.96 27.86
N TYR B 60 19.16 -33.00 28.48
CA TYR B 60 19.53 -32.01 29.49
C TYR B 60 20.48 -30.95 28.98
N ILE B 61 20.30 -29.74 29.47
CA ILE B 61 21.21 -28.63 29.16
C ILE B 61 21.94 -28.29 30.46
N VAL B 62 23.20 -27.83 30.35
CA VAL B 62 24.01 -27.52 31.53
C VAL B 62 24.50 -26.07 31.42
N ASP B 63 24.29 -25.29 32.48
CA ASP B 63 24.70 -23.88 32.48
C ASP B 63 26.14 -23.64 32.99
N VAL B 64 26.62 -22.37 32.99
CA VAL B 64 27.97 -21.98 33.44
C VAL B 64 28.26 -22.37 34.91
N ASN B 65 27.21 -22.47 35.73
CA ASN B 65 27.32 -22.89 37.12
C ASN B 65 27.24 -24.40 37.34
N GLY B 66 27.15 -25.17 36.25
CA GLY B 66 27.07 -26.62 36.33
C GLY B 66 25.68 -27.14 36.67
N ARG B 67 24.65 -26.26 36.70
CA ARG B 67 23.26 -26.68 36.95
C ARG B 67 22.72 -27.35 35.70
N ARG B 68 21.98 -28.44 35.91
CA ARG B 68 21.43 -29.25 34.82
C ARG B 68 19.92 -29.12 34.76
N TYR B 69 19.38 -28.84 33.59
CA TYR B 69 17.94 -28.68 33.36
C TYR B 69 17.44 -29.64 32.31
N LEU B 70 16.25 -30.22 32.57
CA LEU B 70 15.63 -31.08 31.58
C LEU B 70 14.96 -30.11 30.61
N ASP B 71 15.41 -30.06 29.34
CA ASP B 71 14.83 -29.13 28.39
C ASP B 71 13.63 -29.80 27.69
N ALA B 72 12.43 -29.61 28.27
CA ALA B 72 11.20 -30.21 27.77
C ALA B 72 10.66 -29.51 26.55
N ASN B 73 11.47 -28.60 25.94
CA ASN B 73 11.08 -27.91 24.71
C ASN B 73 12.01 -28.22 23.56
N SER B 74 12.98 -29.17 23.74
CA SER B 74 13.96 -29.55 22.70
C SER B 74 14.74 -28.30 22.22
N GLY B 75 15.05 -27.38 23.16
CA GLY B 75 15.61 -26.09 22.78
C GLY B 75 14.45 -25.27 22.24
N LEU B 76 14.26 -25.28 20.93
CA LEU B 76 13.17 -24.58 20.26
C LEU B 76 12.46 -25.57 19.32
N TRP B 77 11.84 -26.65 19.91
CA TRP B 77 11.14 -27.72 19.17
C TRP B 77 12.08 -28.59 18.32
N ASN B 78 13.26 -28.06 17.98
CA ASN B 78 14.14 -28.64 16.97
C ASN B 78 15.18 -29.67 17.37
N MSE B 79 15.64 -29.65 18.61
CA MSE B 79 16.70 -30.56 19.03
C MSE B 79 16.18 -31.93 19.51
O MSE B 79 16.36 -32.33 20.67
CB MSE B 79 17.70 -29.86 19.96
CG MSE B 79 18.28 -28.63 19.21
SE MSE B 79 19.73 -27.83 20.07
CE MSE B 79 21.09 -29.29 19.68
N VAL B 80 15.55 -32.61 18.58
CA VAL B 80 14.84 -33.88 18.75
C VAL B 80 15.71 -35.06 19.12
N ALA B 81 17.00 -35.01 18.77
CA ALA B 81 17.96 -36.07 19.13
C ALA B 81 18.75 -35.73 20.40
N GLY B 82 18.36 -34.64 21.08
CA GLY B 82 19.07 -34.25 22.29
C GLY B 82 20.23 -33.32 22.01
N PHE B 83 21.04 -33.05 23.03
CA PHE B 83 22.10 -32.04 22.96
C PHE B 83 23.52 -32.54 22.74
N ASP B 84 23.74 -33.84 22.64
CA ASP B 84 25.10 -34.38 22.42
C ASP B 84 25.07 -35.66 21.57
N HIS B 85 24.06 -35.82 20.68
CA HIS B 85 23.91 -37.02 19.83
C HIS B 85 25.20 -37.30 19.07
N LYS B 86 25.86 -38.43 19.39
CA LYS B 86 27.13 -38.80 18.79
C LYS B 86 27.07 -38.97 17.26
N GLY B 87 26.05 -39.66 16.74
CA GLY B 87 25.89 -39.87 15.30
C GLY B 87 25.86 -38.55 14.54
N LEU B 88 25.08 -37.59 15.06
CA LEU B 88 24.94 -36.25 14.47
C LEU B 88 26.19 -35.43 14.59
N ILE B 89 26.86 -35.48 15.74
CA ILE B 89 28.13 -34.76 15.93
C ILE B 89 29.17 -35.32 14.94
N ASP B 90 29.24 -36.66 14.81
CA ASP B 90 30.18 -37.29 13.88
C ASP B 90 29.91 -36.94 12.42
N ALA B 91 28.64 -36.86 12.04
CA ALA B 91 28.24 -36.51 10.66
C ALA B 91 28.64 -35.06 10.33
N ALA B 92 28.41 -34.14 11.28
CA ALA B 92 28.80 -32.72 11.16
C ALA B 92 30.31 -32.61 10.98
N LYS B 93 31.09 -33.25 11.88
CA LYS B 93 32.56 -33.23 11.79
C LYS B 93 33.06 -33.78 10.46
N ALA B 94 32.49 -34.94 10.03
CA ALA B 94 32.90 -35.57 8.76
C ALA B 94 32.68 -34.65 7.55
N GLN B 95 31.58 -33.89 7.53
CA GLN B 95 31.39 -32.97 6.39
C GLN B 95 32.36 -31.78 6.41
N TYR B 96 32.69 -31.23 7.59
CA TYR B 96 33.68 -30.14 7.67
C TYR B 96 35.03 -30.63 7.14
N GLU B 97 35.39 -31.90 7.46
CA GLU B 97 36.63 -32.50 6.95
C GLU B 97 36.61 -32.71 5.43
N ARG B 98 35.42 -32.97 4.87
CA ARG B 98 35.25 -33.25 3.44
C ARG B 98 35.09 -31.97 2.59
N PHE B 99 34.10 -31.13 2.89
CA PHE B 99 33.82 -29.89 2.13
C PHE B 99 33.04 -28.95 3.05
N PRO B 100 33.72 -27.94 3.64
CA PRO B 100 33.11 -27.13 4.70
C PRO B 100 32.17 -26.00 4.32
N GLY B 101 31.98 -25.81 3.03
CA GLY B 101 31.06 -24.77 2.58
C GLY B 101 31.09 -24.53 1.10
N TYR B 102 29.94 -24.07 0.58
CA TYR B 102 29.75 -23.67 -0.81
C TYR B 102 28.33 -23.12 -0.95
N HIS B 103 27.99 -22.71 -2.15
CA HIS B 103 26.69 -22.13 -2.46
C HIS B 103 26.00 -23.01 -3.53
N ALA B 104 24.81 -22.60 -3.98
CA ALA B 104 24.09 -23.35 -5.00
C ALA B 104 23.56 -22.43 -6.12
N PHE B 105 24.35 -21.39 -6.47
CA PHE B 105 24.02 -20.45 -7.53
C PHE B 105 24.88 -20.73 -8.74
N PHE B 106 24.54 -20.08 -9.88
CA PHE B 106 25.26 -20.10 -11.15
C PHE B 106 25.50 -21.48 -11.75
N GLY B 107 24.59 -22.42 -11.51
CA GLY B 107 24.76 -23.77 -12.05
C GLY B 107 25.78 -24.65 -11.34
N ARG B 108 26.17 -24.27 -10.13
CA ARG B 108 27.09 -25.04 -9.30
C ARG B 108 26.35 -25.39 -8.04
N MSE B 109 26.70 -26.52 -7.42
CA MSE B 109 26.03 -27.04 -6.24
C MSE B 109 26.87 -28.20 -5.69
O MSE B 109 27.45 -28.96 -6.47
CB MSE B 109 24.69 -27.57 -6.81
CG MSE B 109 23.85 -28.31 -5.90
SE MSE B 109 22.27 -28.79 -6.92
CE MSE B 109 21.45 -26.97 -7.14
N SER B 110 26.91 -28.37 -4.34
CA SER B 110 27.61 -29.51 -3.74
C SER B 110 26.89 -30.83 -4.01
N ASP B 111 27.63 -31.94 -3.93
CA ASP B 111 27.07 -33.30 -4.06
C ASP B 111 26.00 -33.54 -2.95
N GLN B 112 26.28 -33.06 -1.72
CA GLN B 112 25.38 -33.14 -0.55
C GLN B 112 24.01 -32.46 -0.80
N THR B 113 24.01 -31.33 -1.54
CA THR B 113 22.80 -30.59 -1.91
C THR B 113 21.92 -31.46 -2.83
N VAL B 114 22.54 -32.11 -3.85
CA VAL B 114 21.82 -33.01 -4.77
C VAL B 114 21.22 -34.16 -3.97
N MSE B 115 22.03 -34.76 -3.07
CA MSE B 115 21.60 -35.90 -2.26
C MSE B 115 20.43 -35.56 -1.37
O MSE B 115 19.50 -36.33 -1.25
CB MSE B 115 22.78 -36.45 -1.43
CG MSE B 115 23.87 -37.07 -2.31
SE MSE B 115 25.64 -37.08 -1.40
CE MSE B 115 25.22 -38.63 -0.51
N LEU B 116 20.47 -34.40 -0.74
CA LEU B 116 19.38 -34.01 0.15
C LEU B 116 18.08 -33.72 -0.61
N SER B 117 18.17 -33.09 -1.79
CA SER B 117 16.98 -32.80 -2.59
C SER B 117 16.29 -34.10 -2.99
N GLU B 118 17.08 -35.09 -3.41
CA GLU B 118 16.61 -36.43 -3.76
C GLU B 118 15.90 -37.09 -2.56
N LYS B 119 16.53 -37.00 -1.38
CA LYS B 119 15.99 -37.57 -0.13
C LYS B 119 14.70 -36.84 0.31
N LEU B 120 14.69 -35.51 0.25
CA LEU B 120 13.53 -34.72 0.66
C LEU B 120 12.30 -35.03 -0.20
N VAL B 121 12.48 -35.17 -1.52
CA VAL B 121 11.38 -35.53 -2.43
C VAL B 121 10.86 -36.93 -2.07
N GLU B 122 11.79 -37.86 -1.83
CA GLU B 122 11.45 -39.23 -1.45
C GLU B 122 10.63 -39.29 -0.14
N VAL B 123 11.09 -38.64 0.96
CA VAL B 123 10.40 -38.68 2.26
C VAL B 123 9.15 -37.80 2.33
N SER B 124 9.04 -36.82 1.42
CA SER B 124 7.84 -35.97 1.33
C SER B 124 6.64 -36.85 0.86
N PRO B 125 5.38 -36.42 1.07
CA PRO B 125 4.25 -37.21 0.53
C PRO B 125 4.13 -37.13 -1.01
N PHE B 126 4.99 -36.33 -1.68
CA PHE B 126 4.95 -36.16 -3.11
C PHE B 126 5.64 -37.29 -3.87
N ASP B 127 5.08 -37.69 -5.02
CA ASP B 127 5.70 -38.73 -5.86
C ASP B 127 6.91 -38.15 -6.59
N SER B 128 6.92 -36.83 -6.81
CA SER B 128 8.01 -36.13 -7.49
C SER B 128 7.91 -34.67 -7.07
N GLY B 129 8.96 -33.91 -7.34
CA GLY B 129 8.96 -32.51 -6.97
C GLY B 129 10.33 -31.88 -6.99
N ARG B 130 10.43 -30.66 -6.48
CA ARG B 130 11.70 -29.90 -6.44
C ARG B 130 11.87 -29.20 -5.12
N VAL B 131 13.15 -29.02 -4.70
CA VAL B 131 13.49 -28.40 -3.44
C VAL B 131 14.30 -27.11 -3.67
N PHE B 132 13.94 -26.06 -2.93
CA PHE B 132 14.71 -24.82 -2.88
C PHE B 132 15.11 -24.65 -1.43
N TYR B 133 16.37 -24.26 -1.18
CA TYR B 133 16.90 -24.11 0.17
C TYR B 133 16.94 -22.71 0.69
N THR B 134 16.80 -22.60 2.00
CA THR B 134 16.96 -21.37 2.78
C THR B 134 17.75 -21.74 4.05
N ASN B 135 17.98 -20.75 4.93
CA ASN B 135 18.61 -20.99 6.23
C ASN B 135 17.52 -21.17 7.28
N SER B 136 16.43 -20.41 7.18
CA SER B 136 15.40 -20.45 8.21
C SER B 136 13.98 -20.75 7.68
N GLY B 137 13.09 -21.04 8.62
CA GLY B 137 11.66 -21.21 8.33
C GLY B 137 11.04 -19.90 7.87
N SER B 138 11.48 -18.74 8.43
CA SER B 138 11.01 -17.38 8.03
C SER B 138 11.38 -17.09 6.56
N GLU B 139 12.63 -17.37 6.16
CA GLU B 139 13.08 -17.17 4.78
C GLU B 139 12.31 -18.10 3.85
N ALA B 140 12.07 -19.34 4.29
CA ALA B 140 11.37 -20.35 3.47
C ALA B 140 9.92 -19.88 3.18
N ASN B 141 9.23 -19.33 4.20
CA ASN B 141 7.88 -18.76 4.01
C ASN B 141 7.92 -17.51 3.15
N ASP B 142 8.86 -16.59 3.43
CA ASP B 142 9.03 -15.37 2.61
C ASP B 142 9.31 -15.78 1.13
N THR B 143 10.13 -16.83 0.93
CA THR B 143 10.48 -17.36 -0.40
C THR B 143 9.24 -17.91 -1.11
N MSE B 144 8.46 -18.72 -0.39
CA MSE B 144 7.24 -19.32 -0.95
C MSE B 144 6.28 -18.22 -1.41
O MSE B 144 5.68 -18.33 -2.47
CB MSE B 144 6.57 -20.26 0.08
CG MSE B 144 5.40 -21.06 -0.53
SE MSE B 144 6.00 -22.38 -1.86
CE MSE B 144 5.04 -21.72 -3.36
N VAL B 145 6.17 -17.12 -0.62
CA VAL B 145 5.31 -15.99 -1.02
C VAL B 145 5.83 -15.36 -2.34
N LYS B 146 7.15 -15.15 -2.45
CA LYS B 146 7.75 -14.55 -3.67
C LYS B 146 7.53 -15.47 -4.87
N MSE B 147 7.65 -16.80 -4.64
CA MSE B 147 7.43 -17.83 -5.68
C MSE B 147 6.01 -17.73 -6.21
O MSE B 147 5.84 -17.80 -7.43
CB MSE B 147 7.65 -19.22 -5.08
CG MSE B 147 9.09 -19.63 -5.11
SE MSE B 147 9.32 -21.31 -4.18
CE MSE B 147 11.20 -21.62 -4.65
N LEU B 148 5.01 -17.55 -5.31
CA LEU B 148 3.61 -17.39 -5.73
C LEU B 148 3.38 -16.08 -6.49
N TRP B 149 3.96 -14.97 -6.03
CA TRP B 149 3.86 -13.69 -6.73
C TRP B 149 4.43 -13.83 -8.13
N PHE B 150 5.58 -14.47 -8.22
CA PHE B 150 6.30 -14.71 -9.46
C PHE B 150 5.46 -15.53 -10.44
N LEU B 151 4.92 -16.65 -9.94
CA LEU B 151 4.15 -17.61 -10.72
C LEU B 151 2.85 -17.04 -11.27
N HIS B 152 2.01 -16.44 -10.40
CA HIS B 152 0.75 -15.89 -10.86
C HIS B 152 0.97 -14.76 -11.87
N ALA B 153 1.97 -13.87 -11.63
CA ALA B 153 2.29 -12.78 -12.59
C ALA B 153 2.70 -13.36 -13.96
N ALA B 154 3.58 -14.39 -13.96
CA ALA B 154 4.01 -15.10 -15.17
C ALA B 154 2.83 -15.75 -15.90
N GLU B 155 1.80 -16.18 -15.14
CA GLU B 155 0.59 -16.81 -15.68
C GLU B 155 -0.52 -15.80 -16.04
N GLY B 156 -0.15 -14.52 -16.07
CA GLY B 156 -1.04 -13.43 -16.45
C GLY B 156 -1.97 -12.90 -15.39
N LYS B 157 -1.66 -13.16 -14.11
CA LYS B 157 -2.46 -12.66 -12.99
C LYS B 157 -1.54 -11.97 -11.97
N PRO B 158 -0.98 -10.78 -12.31
CA PRO B 158 -0.07 -10.11 -11.37
C PRO B 158 -0.75 -9.52 -10.14
N GLN B 159 -2.10 -9.40 -10.15
CA GLN B 159 -2.89 -8.92 -9.02
C GLN B 159 -3.12 -10.03 -7.95
N LYS B 160 -2.81 -11.31 -8.31
CA LYS B 160 -2.99 -12.49 -7.42
C LYS B 160 -1.82 -12.49 -6.44
N ARG B 161 -1.96 -11.68 -5.38
CA ARG B 161 -0.90 -11.40 -4.42
C ARG B 161 -1.23 -11.64 -2.96
N LYS B 162 -2.51 -11.60 -2.55
CA LYS B 162 -2.89 -11.74 -1.15
C LYS B 162 -2.58 -13.08 -0.57
N ILE B 163 -2.16 -13.11 0.71
CA ILE B 163 -1.83 -14.38 1.36
C ILE B 163 -2.78 -14.62 2.52
N LEU B 164 -3.39 -15.80 2.54
CA LEU B 164 -4.31 -16.22 3.58
C LEU B 164 -3.59 -17.05 4.62
N THR B 165 -3.67 -16.63 5.87
CA THR B 165 -3.15 -17.38 7.01
C THR B 165 -4.27 -17.33 8.08
N ARG B 166 -4.02 -17.88 9.27
CA ARG B 166 -5.01 -17.84 10.36
C ARG B 166 -4.51 -16.96 11.47
N TRP B 167 -5.44 -16.41 12.26
CA TRP B 167 -5.07 -15.70 13.49
C TRP B 167 -4.47 -16.78 14.41
N ASN B 168 -3.44 -16.44 15.22
CA ASN B 168 -2.66 -17.33 16.10
C ASN B 168 -1.63 -18.17 15.33
N ALA B 169 -1.59 -18.08 13.98
CA ALA B 169 -0.55 -18.80 13.20
C ALA B 169 0.82 -18.14 13.46
N TYR B 170 1.89 -18.89 13.29
CA TYR B 170 3.24 -18.34 13.39
C TYR B 170 3.99 -18.90 12.21
N HIS B 171 4.48 -18.00 11.35
CA HIS B 171 5.18 -18.37 10.13
C HIS B 171 6.59 -17.76 10.02
N GLY B 172 6.97 -16.99 11.02
CA GLY B 172 8.29 -16.37 11.05
C GLY B 172 8.29 -14.90 11.38
N VAL B 173 9.44 -14.26 11.19
CA VAL B 173 9.67 -12.87 11.59
C VAL B 173 10.19 -11.94 10.52
N THR B 174 10.39 -12.40 9.27
CA THR B 174 10.77 -11.39 8.25
C THR B 174 9.50 -10.49 8.12
N ALA B 175 9.61 -9.30 7.48
CA ALA B 175 8.42 -8.45 7.37
C ALA B 175 7.22 -9.23 6.81
N VAL B 176 7.45 -10.03 5.72
CA VAL B 176 6.40 -10.85 5.12
C VAL B 176 5.95 -12.01 6.03
N SER B 177 6.90 -12.82 6.57
CA SER B 177 6.49 -13.96 7.43
C SER B 177 5.90 -13.52 8.76
N ALA B 178 6.29 -12.30 9.26
CA ALA B 178 5.65 -11.69 10.44
C ALA B 178 4.23 -11.24 10.07
N SER B 179 4.03 -10.74 8.81
CA SER B 179 2.68 -10.34 8.34
C SER B 179 1.74 -11.54 8.24
N MSE B 180 2.31 -12.74 7.95
CA MSE B 180 1.59 -14.02 7.85
C MSE B 180 1.27 -14.54 9.26
O MSE B 180 0.26 -15.20 9.45
CB MSE B 180 2.45 -15.05 7.13
CG MSE B 180 2.68 -14.72 5.66
SE MSE B 180 4.01 -15.85 4.85
CE MSE B 180 3.19 -17.56 5.27
N THR B 181 2.14 -14.26 10.22
CA THR B 181 1.98 -14.65 11.64
C THR B 181 0.79 -13.85 12.15
N GLY B 182 -0.11 -14.48 12.92
CA GLY B 182 -1.29 -13.81 13.44
C GLY B 182 -1.15 -13.55 14.93
N LYS B 183 -0.21 -12.66 15.30
CA LYS B 183 0.09 -12.36 16.70
C LYS B 183 -0.13 -10.86 16.97
N PRO B 184 -0.79 -10.47 18.09
CA PRO B 184 -0.99 -9.03 18.36
C PRO B 184 0.30 -8.23 18.49
N TYR B 185 1.40 -8.86 18.95
CA TYR B 185 2.67 -8.16 19.13
C TYR B 185 3.26 -7.54 17.86
N ASN B 186 2.88 -8.04 16.66
CA ASN B 186 3.36 -7.48 15.40
C ASN B 186 2.95 -6.03 15.10
N SER B 187 1.99 -5.50 15.89
CA SER B 187 1.54 -4.10 15.80
C SER B 187 2.71 -3.15 16.15
N VAL B 188 3.70 -3.64 16.96
CA VAL B 188 4.88 -2.82 17.32
C VAL B 188 5.77 -2.48 16.10
N PHE B 189 5.63 -3.24 15.00
CA PHE B 189 6.39 -3.02 13.75
C PHE B 189 5.55 -2.37 12.64
N GLY B 190 4.32 -2.01 12.97
CA GLY B 190 3.37 -1.46 12.00
C GLY B 190 2.97 -2.53 11.01
N LEU B 191 3.01 -3.81 11.47
CA LEU B 191 2.67 -4.99 10.67
C LEU B 191 1.32 -5.56 11.12
N PRO B 192 0.56 -6.30 10.28
CA PRO B 192 0.89 -6.81 8.94
C PRO B 192 0.96 -5.78 7.84
N LEU B 193 1.72 -6.13 6.79
CA LEU B 193 1.77 -5.32 5.57
C LEU B 193 0.38 -5.53 4.92
N PRO B 194 -0.06 -4.62 4.04
CA PRO B 194 -1.32 -4.87 3.31
C PRO B 194 -1.24 -6.17 2.49
N GLY B 195 -2.38 -6.82 2.30
CA GLY B 195 -2.46 -8.06 1.53
C GLY B 195 -2.26 -9.35 2.32
N PHE B 196 -2.20 -9.28 3.63
CA PHE B 196 -2.03 -10.49 4.45
C PHE B 196 -3.28 -10.61 5.27
N VAL B 197 -4.08 -11.62 4.95
CA VAL B 197 -5.41 -11.80 5.54
C VAL B 197 -5.40 -12.93 6.58
N HIS B 198 -5.90 -12.63 7.79
CA HIS B 198 -5.94 -13.62 8.87
C HIS B 198 -7.34 -14.16 9.09
N LEU B 199 -7.56 -15.44 8.78
CA LEU B 199 -8.84 -16.13 8.95
C LEU B 199 -9.02 -16.50 10.44
N THR B 200 -10.24 -16.89 10.85
CA THR B 200 -10.45 -17.29 12.25
C THR B 200 -9.58 -18.53 12.57
N CYS B 201 -8.99 -18.55 13.76
CA CYS B 201 -8.18 -19.67 14.27
C CYS B 201 -9.12 -20.84 14.59
N PRO B 202 -8.85 -22.05 14.05
CA PRO B 202 -9.75 -23.19 14.33
C PRO B 202 -9.52 -23.83 15.71
N HIS B 203 -9.44 -23.00 16.77
CA HIS B 203 -9.29 -23.43 18.17
C HIS B 203 -10.68 -23.37 18.77
N TYR B 204 -11.39 -24.51 18.78
CA TYR B 204 -12.78 -24.57 19.22
C TYR B 204 -13.00 -24.10 20.67
N TRP B 205 -12.14 -24.52 21.60
CA TRP B 205 -12.28 -24.14 23.01
C TRP B 205 -12.28 -22.60 23.20
N ARG B 206 -11.43 -21.89 22.45
CA ARG B 206 -11.33 -20.43 22.57
C ARG B 206 -12.28 -19.66 21.65
N TYR B 207 -12.38 -20.08 20.37
CA TYR B 207 -13.17 -19.35 19.38
C TYR B 207 -14.57 -19.81 19.08
N GLY B 208 -14.94 -20.98 19.59
CA GLY B 208 -16.29 -21.45 19.47
C GLY B 208 -17.18 -20.51 20.26
N GLU B 209 -18.32 -20.08 19.68
CA GLU B 209 -19.21 -19.15 20.38
C GLU B 209 -20.06 -19.88 21.41
N GLU B 210 -20.65 -19.13 22.36
CA GLU B 210 -21.59 -19.69 23.35
C GLU B 210 -22.70 -20.37 22.53
N GLY B 211 -23.01 -21.62 22.85
CA GLY B 211 -24.04 -22.37 22.15
C GLY B 211 -23.69 -22.86 20.76
N GLU B 212 -22.43 -22.73 20.35
CA GLU B 212 -21.98 -23.20 19.03
C GLU B 212 -21.28 -24.56 19.17
N THR B 213 -21.75 -25.59 18.44
CA THR B 213 -21.12 -26.93 18.48
C THR B 213 -19.85 -26.92 17.67
N GLU B 214 -18.98 -27.92 17.87
CA GLU B 214 -17.75 -28.05 17.11
C GLU B 214 -18.03 -28.17 15.61
N GLU B 215 -19.09 -28.94 15.23
CA GLU B 215 -19.52 -29.11 13.83
C GLU B 215 -19.93 -27.76 13.22
N GLN B 216 -20.72 -26.94 13.98
CA GLN B 216 -21.17 -25.61 13.53
C GLN B 216 -19.97 -24.68 13.41
N PHE B 217 -19.03 -24.78 14.36
CA PHE B 217 -17.81 -23.97 14.36
C PHE B 217 -17.02 -24.18 13.06
N VAL B 218 -16.78 -25.46 12.67
CA VAL B 218 -16.04 -25.81 11.45
C VAL B 218 -16.79 -25.32 10.20
N ALA B 219 -18.12 -25.54 10.16
CA ALA B 219 -19.00 -25.09 9.07
C ALA B 219 -18.90 -23.57 8.93
N ARG B 220 -18.86 -22.83 10.06
CA ARG B 220 -18.71 -21.37 10.04
C ARG B 220 -17.37 -20.96 9.43
N LEU B 221 -16.26 -21.61 9.82
CA LEU B 221 -14.95 -21.22 9.30
C LEU B 221 -14.86 -21.47 7.80
N ALA B 222 -15.57 -22.52 7.29
CA ALA B 222 -15.67 -22.84 5.84
C ALA B 222 -16.46 -21.72 5.15
N ARG B 223 -17.63 -21.34 5.73
CA ARG B 223 -18.47 -20.25 5.23
C ARG B 223 -17.65 -18.95 5.21
N GLU B 224 -16.93 -18.68 6.31
CA GLU B 224 -16.08 -17.49 6.46
C GLU B 224 -14.98 -17.43 5.40
N LEU B 225 -14.37 -18.58 5.07
CA LEU B 225 -13.31 -18.65 4.05
C LEU B 225 -13.89 -18.28 2.68
N GLU B 226 -14.99 -18.95 2.31
CA GLU B 226 -15.73 -18.73 1.07
C GLU B 226 -16.12 -17.25 0.93
N GLU B 227 -16.65 -16.64 2.02
CA GLU B 227 -17.04 -15.22 2.02
C GLU B 227 -15.84 -14.34 1.77
N THR B 228 -14.70 -14.57 2.47
CA THR B 228 -13.44 -13.81 2.29
C THR B 228 -12.94 -13.92 0.85
N ILE B 229 -12.97 -15.13 0.25
CA ILE B 229 -12.51 -15.36 -1.13
C ILE B 229 -13.41 -14.57 -2.07
N GLN B 230 -14.73 -14.65 -1.84
CA GLN B 230 -15.68 -13.93 -2.66
C GLN B 230 -15.54 -12.41 -2.53
N ARG B 231 -15.31 -11.89 -1.29
CA ARG B 231 -15.13 -10.44 -1.07
C ARG B 231 -13.81 -9.93 -1.68
N GLU B 232 -12.70 -10.65 -1.43
CA GLU B 232 -11.38 -10.26 -1.94
C GLU B 232 -11.24 -10.44 -3.45
N GLY B 233 -11.88 -11.48 -3.97
CA GLY B 233 -11.78 -11.91 -5.37
C GLY B 233 -10.68 -12.96 -5.43
N ALA B 234 -11.02 -14.18 -5.90
CA ALA B 234 -10.09 -15.31 -6.01
C ALA B 234 -8.86 -14.97 -6.86
N ASP B 235 -9.04 -14.12 -7.88
CA ASP B 235 -7.96 -13.68 -8.76
C ASP B 235 -6.96 -12.74 -8.08
N THR B 236 -7.22 -12.34 -6.82
CA THR B 236 -6.31 -11.47 -6.06
C THR B 236 -5.61 -12.21 -4.92
N ILE B 237 -5.90 -13.52 -4.74
CA ILE B 237 -5.35 -14.33 -3.64
C ILE B 237 -4.28 -15.30 -4.15
N ALA B 238 -3.02 -15.11 -3.72
CA ALA B 238 -1.89 -15.92 -4.15
C ALA B 238 -1.78 -17.30 -3.53
N GLY B 239 -2.21 -17.42 -2.29
CA GLY B 239 -2.06 -18.69 -1.60
C GLY B 239 -2.56 -18.71 -0.18
N PHE B 240 -2.64 -19.93 0.35
CA PHE B 240 -3.05 -20.20 1.70
C PHE B 240 -1.96 -21.04 2.39
N PHE B 241 -1.57 -20.63 3.60
CA PHE B 241 -0.58 -21.37 4.38
C PHE B 241 -1.19 -21.83 5.67
N ALA B 242 -0.91 -23.08 6.06
CA ALA B 242 -1.35 -23.58 7.35
C ALA B 242 -0.36 -24.50 8.00
N GLU B 243 -0.12 -24.27 9.28
CA GLU B 243 0.59 -25.21 10.12
C GLU B 243 -0.46 -26.29 10.39
N PRO B 244 -0.20 -27.60 10.19
CA PRO B 244 -1.24 -28.60 10.52
C PRO B 244 -1.66 -28.50 11.98
N VAL B 245 -0.68 -28.43 12.91
CA VAL B 245 -0.92 -28.19 14.34
C VAL B 245 -0.16 -26.90 14.60
N MSE B 246 -0.83 -25.86 15.10
CA MSE B 246 -0.20 -24.58 15.41
C MSE B 246 0.78 -24.76 16.55
O MSE B 246 0.44 -25.42 17.53
CB MSE B 246 -1.24 -23.52 15.76
CG MSE B 246 -1.95 -23.01 14.53
SE MSE B 246 -3.55 -22.09 15.14
CE MSE B 246 -3.99 -21.18 13.52
N GLY B 247 1.97 -24.21 16.38
CA GLY B 247 3.04 -24.34 17.36
C GLY B 247 3.13 -23.19 18.34
N ALA B 248 3.75 -22.05 17.92
CA ALA B 248 3.89 -20.84 18.77
C ALA B 248 2.55 -20.25 19.18
N GLY B 249 1.47 -20.64 18.48
CA GLY B 249 0.10 -20.26 18.79
C GLY B 249 -0.38 -20.87 20.11
N GLY B 250 0.37 -21.88 20.57
CA GLY B 250 0.13 -22.53 21.86
C GLY B 250 -0.28 -23.98 21.80
N VAL B 251 0.20 -24.72 20.78
CA VAL B 251 -0.11 -26.15 20.52
C VAL B 251 -1.62 -26.28 20.24
N ILE B 252 -2.01 -25.95 19.01
CA ILE B 252 -3.41 -25.96 18.66
C ILE B 252 -3.75 -26.95 17.54
N PRO B 253 -4.20 -28.20 17.89
CA PRO B 253 -4.70 -29.10 16.86
C PRO B 253 -6.00 -28.48 16.32
N PRO B 254 -6.27 -28.54 15.01
CA PRO B 254 -7.46 -27.86 14.50
C PRO B 254 -8.72 -28.57 14.92
N ALA B 255 -9.86 -27.86 14.93
CA ALA B 255 -11.16 -28.45 15.27
C ALA B 255 -11.46 -29.61 14.31
N LYS B 256 -12.17 -30.64 14.80
CA LYS B 256 -12.50 -31.86 14.03
C LYS B 256 -13.08 -31.56 12.63
N GLY B 257 -12.43 -32.12 11.61
CA GLY B 257 -12.85 -31.96 10.21
C GLY B 257 -12.52 -30.64 9.56
N TYR B 258 -11.69 -29.80 10.21
CA TYR B 258 -11.31 -28.49 9.68
C TYR B 258 -10.74 -28.51 8.24
N PHE B 259 -9.65 -29.28 8.01
CA PHE B 259 -8.99 -29.34 6.69
C PHE B 259 -9.91 -29.95 5.60
N GLN B 260 -10.74 -30.92 5.99
CA GLN B 260 -11.72 -31.58 5.11
C GLN B 260 -12.79 -30.59 4.62
N ALA B 261 -13.08 -29.54 5.43
CA ALA B 261 -14.04 -28.50 5.08
C ALA B 261 -13.41 -27.32 4.33
N ILE B 262 -12.18 -26.92 4.69
CA ILE B 262 -11.56 -25.77 4.02
C ILE B 262 -10.89 -26.07 2.67
N LEU B 263 -10.20 -27.21 2.55
CA LEU B 263 -9.47 -27.56 1.32
C LEU B 263 -10.31 -27.60 0.04
N PRO B 264 -11.52 -28.22 0.01
CA PRO B 264 -12.33 -28.18 -1.22
C PRO B 264 -12.64 -26.75 -1.68
N ILE B 265 -12.82 -25.80 -0.72
CA ILE B 265 -13.05 -24.38 -1.03
C ILE B 265 -11.80 -23.77 -1.69
N LEU B 266 -10.60 -23.99 -1.10
CA LEU B 266 -9.35 -23.47 -1.65
C LEU B 266 -9.09 -24.02 -3.05
N ARG B 267 -9.32 -25.34 -3.24
CA ARG B 267 -9.15 -26.01 -4.54
C ARG B 267 -10.15 -25.48 -5.57
N LYS B 268 -11.39 -25.23 -5.13
CA LYS B 268 -12.47 -24.68 -5.95
C LYS B 268 -12.07 -23.34 -6.54
N TYR B 269 -11.37 -22.50 -5.75
CA TYR B 269 -10.96 -21.15 -6.14
C TYR B 269 -9.54 -20.94 -6.67
N ASP B 270 -8.80 -22.03 -7.00
CA ASP B 270 -7.43 -21.96 -7.53
C ASP B 270 -6.46 -21.22 -6.57
N ILE B 271 -6.53 -21.59 -5.27
CA ILE B 271 -5.67 -20.98 -4.25
C ILE B 271 -4.67 -22.04 -3.79
N PRO B 272 -3.37 -21.94 -4.21
CA PRO B 272 -2.37 -22.91 -3.75
C PRO B 272 -2.36 -23.10 -2.23
N VAL B 273 -2.19 -24.36 -1.81
CA VAL B 273 -2.21 -24.75 -0.40
C VAL B 273 -0.81 -25.14 0.03
N ILE B 274 -0.30 -24.44 1.04
CA ILE B 274 1.06 -24.68 1.54
C ILE B 274 1.00 -25.20 2.97
N SER B 275 1.61 -26.36 3.23
CA SER B 275 1.64 -26.82 4.61
C SER B 275 2.92 -26.32 5.26
N ASP B 276 2.80 -25.52 6.33
CA ASP B 276 4.00 -25.07 7.02
C ASP B 276 4.34 -26.21 8.00
N GLU B 277 5.33 -27.04 7.63
CA GLU B 277 5.75 -28.22 8.42
C GLU B 277 7.03 -27.93 9.21
N VAL B 278 7.29 -26.64 9.53
CA VAL B 278 8.51 -26.28 10.25
C VAL B 278 8.57 -26.98 11.62
N ILE B 279 7.44 -27.04 12.36
CA ILE B 279 7.43 -27.80 13.62
C ILE B 279 6.95 -29.25 13.36
N CYS B 280 5.88 -29.43 12.56
CA CYS B 280 5.27 -30.76 12.35
C CYS B 280 6.06 -31.73 11.50
N GLY B 281 7.01 -31.24 10.69
CA GLY B 281 7.79 -32.12 9.84
C GLY B 281 8.71 -33.01 10.63
N PHE B 282 8.85 -34.26 10.22
CA PHE B 282 9.70 -35.26 10.89
C PHE B 282 9.31 -35.68 12.31
N GLY B 283 8.07 -36.13 12.48
CA GLY B 283 7.70 -36.87 13.68
C GLY B 283 6.89 -36.36 14.85
N ARG B 284 6.88 -35.06 15.13
CA ARG B 284 6.22 -34.57 16.34
C ARG B 284 4.72 -34.88 16.53
N THR B 285 3.95 -34.96 15.42
CA THR B 285 2.53 -35.29 15.47
C THR B 285 2.26 -36.79 15.41
N GLY B 286 3.31 -37.61 15.30
CA GLY B 286 3.16 -39.05 15.22
C GLY B 286 3.26 -39.60 13.80
N ASN B 287 3.58 -38.73 12.83
CA ASN B 287 3.77 -39.04 11.43
C ASN B 287 4.92 -38.19 10.87
N THR B 288 5.50 -38.57 9.72
CA THR B 288 6.59 -37.79 9.09
C THR B 288 6.13 -36.35 8.78
N TRP B 289 4.83 -36.15 8.51
CA TRP B 289 4.34 -34.80 8.24
C TRP B 289 3.00 -34.60 8.93
N GLY B 290 2.75 -33.37 9.38
CA GLY B 290 1.47 -33.01 9.98
C GLY B 290 0.34 -33.14 9.00
N CYS B 291 0.60 -32.84 7.70
CA CYS B 291 -0.40 -32.97 6.64
C CYS B 291 -0.83 -34.45 6.44
N VAL B 292 0.06 -35.42 6.78
CA VAL B 292 -0.30 -36.85 6.73
C VAL B 292 -1.21 -37.14 7.95
N THR B 293 -0.82 -36.65 9.15
CA THR B 293 -1.63 -36.85 10.37
C THR B 293 -3.07 -36.31 10.14
N TYR B 294 -3.18 -35.17 9.41
CA TYR B 294 -4.48 -34.55 9.15
C TYR B 294 -5.12 -34.88 7.79
N ASP B 295 -4.56 -35.90 7.10
CA ASP B 295 -5.09 -36.48 5.86
C ASP B 295 -5.39 -35.46 4.76
N PHE B 296 -4.43 -34.58 4.47
CA PHE B 296 -4.56 -33.60 3.40
C PHE B 296 -3.30 -33.50 2.56
N THR B 297 -3.48 -33.24 1.27
CA THR B 297 -2.37 -33.11 0.33
C THR B 297 -2.13 -31.64 0.00
N PRO B 298 -1.01 -31.04 0.49
CA PRO B 298 -0.73 -29.66 0.12
C PRO B 298 -0.05 -29.61 -1.27
N ASP B 299 0.12 -28.43 -1.83
CA ASP B 299 0.81 -28.28 -3.11
C ASP B 299 2.32 -28.09 -2.88
N ALA B 300 2.69 -27.68 -1.66
CA ALA B 300 4.07 -27.47 -1.22
C ALA B 300 4.17 -27.64 0.28
N ILE B 301 5.41 -27.91 0.76
CA ILE B 301 5.75 -28.07 2.16
C ILE B 301 6.90 -27.17 2.53
N ILE B 302 6.82 -26.56 3.73
CA ILE B 302 7.89 -25.73 4.33
C ILE B 302 8.52 -26.53 5.45
N SER B 303 9.81 -26.80 5.34
CA SER B 303 10.50 -27.62 6.33
C SER B 303 11.69 -26.90 6.96
N SER B 304 11.91 -27.12 8.26
CA SER B 304 13.08 -26.60 8.98
C SER B 304 13.17 -27.33 10.32
N LYS B 305 13.80 -26.70 11.33
CA LYS B 305 13.90 -27.25 12.69
C LYS B 305 14.44 -28.71 12.79
N ASN B 306 13.54 -29.74 12.88
CA ASN B 306 13.94 -31.17 12.96
C ASN B 306 14.77 -31.62 11.78
N LEU B 307 14.62 -30.93 10.66
CA LEU B 307 15.35 -31.17 9.43
C LEU B 307 16.85 -31.38 9.69
N THR B 308 17.43 -30.59 10.60
CA THR B 308 18.84 -30.74 10.96
C THR B 308 19.02 -31.09 12.42
N ALA B 309 17.92 -31.45 13.12
CA ALA B 309 17.95 -31.73 14.56
C ALA B 309 18.57 -30.54 15.35
N GLY B 310 18.43 -29.31 14.81
CA GLY B 310 18.98 -28.10 15.42
C GLY B 310 20.49 -27.93 15.35
N PHE B 311 21.16 -28.82 14.63
CA PHE B 311 22.62 -28.78 14.48
C PHE B 311 23.11 -27.77 13.45
N PHE B 312 22.22 -27.25 12.60
CA PHE B 312 22.65 -26.33 11.53
C PHE B 312 21.43 -25.56 11.01
N PRO B 313 21.56 -24.27 10.64
CA PRO B 313 20.37 -23.54 10.17
C PRO B 313 20.07 -23.94 8.73
N MSE B 314 18.96 -24.65 8.54
CA MSE B 314 18.51 -24.99 7.21
C MSE B 314 17.00 -25.00 7.16
O MSE B 314 16.33 -25.46 8.09
CB MSE B 314 19.09 -26.36 6.73
CG MSE B 314 20.12 -26.25 5.58
SE MSE B 314 20.09 -27.94 4.53
CE MSE B 314 18.24 -28.22 4.46
N GLY B 315 16.48 -24.48 6.07
CA GLY B 315 15.07 -24.49 5.72
C GLY B 315 14.95 -25.03 4.30
N ALA B 316 13.79 -25.61 3.97
CA ALA B 316 13.60 -26.12 2.61
C ALA B 316 12.16 -25.86 2.16
N VAL B 317 12.02 -25.52 0.89
CA VAL B 317 10.70 -25.39 0.26
C VAL B 317 10.59 -26.63 -0.63
N ILE B 318 9.65 -27.54 -0.32
CA ILE B 318 9.45 -28.76 -1.10
C ILE B 318 8.21 -28.57 -1.98
N LEU B 319 8.43 -28.38 -3.27
CA LEU B 319 7.36 -28.15 -4.22
C LEU B 319 6.85 -29.44 -4.75
N GLY B 320 5.53 -29.65 -4.65
CA GLY B 320 4.83 -30.83 -5.17
C GLY B 320 4.89 -30.87 -6.71
N PRO B 321 4.35 -31.89 -7.40
CA PRO B 321 4.49 -31.94 -8.89
C PRO B 321 3.83 -30.80 -9.66
N GLU B 322 2.63 -30.37 -9.23
CA GLU B 322 1.88 -29.31 -9.92
C GLU B 322 2.62 -27.96 -9.88
N LEU B 323 3.03 -27.50 -8.69
CA LEU B 323 3.77 -26.24 -8.57
C LEU B 323 5.16 -26.35 -9.19
N SER B 324 5.81 -27.54 -9.07
CA SER B 324 7.13 -27.74 -9.68
C SER B 324 7.05 -27.48 -11.19
N LYS B 325 6.05 -28.06 -11.88
CA LYS B 325 5.87 -27.89 -13.32
C LYS B 325 5.52 -26.45 -13.70
N ARG B 326 4.59 -25.82 -12.98
CA ARG B 326 4.20 -24.45 -13.31
C ARG B 326 5.35 -23.47 -13.06
N LEU B 327 6.12 -23.66 -11.94
CA LEU B 327 7.27 -22.79 -11.68
C LEU B 327 8.36 -22.97 -12.69
N GLU B 328 8.65 -24.22 -13.07
CA GLU B 328 9.70 -24.48 -14.08
C GLU B 328 9.38 -23.83 -15.41
N THR B 329 8.09 -23.84 -15.82
CA THR B 329 7.67 -23.20 -17.07
C THR B 329 7.85 -21.67 -17.02
N ALA B 330 7.48 -21.05 -15.89
CA ALA B 330 7.64 -19.62 -15.66
C ALA B 330 9.14 -19.24 -15.62
N ILE B 331 9.99 -20.04 -14.94
CA ILE B 331 11.43 -19.78 -14.86
C ILE B 331 12.11 -19.93 -16.26
N GLU B 332 11.75 -20.98 -17.00
CA GLU B 332 12.31 -21.18 -18.36
C GLU B 332 11.98 -20.02 -19.29
N ALA B 333 10.80 -19.38 -19.08
CA ALA B 333 10.35 -18.24 -19.88
C ALA B 333 11.18 -16.98 -19.62
N ILE B 334 11.66 -16.78 -18.35
CA ILE B 334 12.55 -15.64 -18.07
C ILE B 334 14.03 -15.99 -18.00
N GLU B 335 14.33 -17.30 -18.10
CA GLU B 335 15.68 -17.86 -18.15
C GLU B 335 16.43 -17.96 -16.82
N GLU B 336 15.90 -17.36 -15.74
CA GLU B 336 16.57 -17.36 -14.43
C GLU B 336 15.58 -16.98 -13.34
N PHE B 337 15.65 -17.65 -12.18
CA PHE B 337 14.83 -17.34 -11.04
C PHE B 337 15.72 -16.47 -10.13
N PRO B 338 15.55 -15.11 -10.11
CA PRO B 338 16.49 -14.27 -9.37
C PRO B 338 16.20 -14.19 -7.88
N HIS B 339 16.55 -15.25 -7.17
CA HIS B 339 16.27 -15.39 -5.75
C HIS B 339 17.20 -16.46 -5.17
N GLY B 340 17.63 -16.23 -3.95
CA GLY B 340 18.49 -17.17 -3.23
C GLY B 340 19.29 -16.50 -2.15
N PHE B 341 19.75 -17.31 -1.18
CA PHE B 341 20.56 -16.85 -0.05
C PHE B 341 21.97 -17.39 -0.21
N THR B 342 22.96 -16.59 0.17
CA THR B 342 24.37 -16.98 0.09
C THR B 342 24.62 -18.45 0.56
N ALA B 343 24.04 -18.81 1.72
CA ALA B 343 24.23 -20.15 2.30
C ALA B 343 23.22 -21.22 1.87
N SER B 344 22.27 -20.92 0.95
CA SER B 344 21.29 -21.89 0.45
C SER B 344 22.01 -23.16 -0.06
N GLY B 345 21.59 -24.32 0.44
CA GLY B 345 22.14 -25.61 0.03
C GLY B 345 23.54 -25.89 0.51
N HIS B 346 23.98 -25.20 1.59
CA HIS B 346 25.29 -25.37 2.21
C HIS B 346 25.59 -26.87 2.42
N PRO B 347 26.76 -27.38 1.94
CA PRO B 347 27.04 -28.83 2.05
C PRO B 347 27.06 -29.40 3.46
N VAL B 348 27.49 -28.59 4.44
CA VAL B 348 27.48 -29.06 5.84
C VAL B 348 26.03 -29.24 6.30
N GLY B 349 25.17 -28.24 6.04
CA GLY B 349 23.75 -28.32 6.39
C GLY B 349 23.08 -29.51 5.76
N CYS B 350 23.45 -29.77 4.48
CA CYS B 350 22.87 -30.90 3.73
C CYS B 350 23.31 -32.24 4.26
N ALA B 351 24.62 -32.43 4.55
CA ALA B 351 25.13 -33.68 5.14
C ALA B 351 24.49 -33.90 6.54
N ILE B 352 24.28 -32.82 7.31
CA ILE B 352 23.65 -32.89 8.65
C ILE B 352 22.18 -33.30 8.56
N ALA B 353 21.45 -32.68 7.62
CA ALA B 353 20.03 -32.96 7.39
C ALA B 353 19.84 -34.40 6.96
N LEU B 354 20.73 -34.93 6.09
CA LEU B 354 20.69 -36.34 5.67
C LEU B 354 20.80 -37.24 6.90
N LYS B 355 21.72 -36.92 7.82
CA LYS B 355 21.88 -37.69 9.06
C LYS B 355 20.68 -37.54 10.00
N ALA B 356 20.18 -36.29 10.21
CA ALA B 356 19.03 -36.06 11.10
C ALA B 356 17.79 -36.86 10.66
N ILE B 357 17.52 -36.89 9.35
CA ILE B 357 16.40 -37.63 8.76
C ILE B 357 16.61 -39.14 9.08
N ASP B 358 17.84 -39.64 8.88
CA ASP B 358 18.22 -41.02 9.15
C ASP B 358 17.98 -41.33 10.65
N VAL B 359 18.43 -40.44 11.52
CA VAL B 359 18.29 -40.68 12.97
C VAL B 359 16.82 -40.70 13.38
N VAL B 360 16.06 -39.74 12.89
CA VAL B 360 14.64 -39.67 13.26
C VAL B 360 13.84 -40.88 12.76
N MSE B 361 14.03 -41.21 11.48
CA MSE B 361 13.24 -42.25 10.83
C MSE B 361 13.75 -43.66 10.99
O MSE B 361 12.95 -44.57 10.89
CB MSE B 361 13.06 -41.92 9.33
CG MSE B 361 12.40 -40.55 9.14
SE MSE B 361 12.10 -40.14 7.25
CE MSE B 361 10.58 -41.44 6.95
N ASN B 362 15.07 -43.84 11.17
CA ASN B 362 15.65 -45.19 11.21
C ASN B 362 16.18 -45.62 12.55
N GLU B 363 16.41 -44.67 13.46
CA GLU B 363 17.00 -44.97 14.77
C GLU B 363 15.96 -45.01 15.93
N GLY B 364 14.67 -45.08 15.58
CA GLY B 364 13.61 -45.25 16.59
C GLY B 364 13.04 -44.02 17.26
N LEU B 365 13.49 -42.83 16.86
CA LEU B 365 13.04 -41.57 17.46
C LEU B 365 11.57 -41.28 17.13
N ALA B 366 11.21 -41.31 15.84
CA ALA B 366 9.82 -41.09 15.39
C ALA B 366 8.90 -42.13 16.00
N GLU B 367 9.39 -43.38 16.14
CA GLU B 367 8.64 -44.48 16.74
C GLU B 367 8.46 -44.24 18.25
N ASN B 368 9.49 -43.71 18.96
CA ASN B 368 9.38 -43.43 20.40
C ASN B 368 8.24 -42.41 20.69
N VAL B 369 8.04 -41.43 19.79
CA VAL B 369 6.94 -40.47 19.88
C VAL B 369 5.59 -41.20 19.86
N ARG B 370 5.36 -42.09 18.87
CA ARG B 370 4.11 -42.88 18.78
C ARG B 370 3.92 -43.76 20.02
N ARG B 371 5.01 -44.41 20.46
CA ARG B 371 4.99 -45.32 21.61
C ARG B 371 4.67 -44.60 22.92
N LEU B 372 5.23 -43.39 23.13
CA LEU B 372 5.04 -42.66 24.38
C LEU B 372 3.92 -41.61 24.43
N ALA B 373 3.36 -41.20 23.26
CA ALA B 373 2.23 -40.25 23.15
C ALA B 373 1.02 -40.69 24.04
N PRO B 374 0.61 -41.99 24.09
CA PRO B 374 -0.52 -42.35 24.99
C PRO B 374 -0.24 -42.05 26.47
N ARG B 375 0.99 -42.39 26.98
CA ARG B 375 1.39 -42.11 28.37
C ARG B 375 1.37 -40.57 28.60
N PHE B 376 1.90 -39.83 27.62
CA PHE B 376 1.95 -38.36 27.64
C PHE B 376 0.54 -37.80 27.84
N GLU B 377 -0.43 -38.26 27.03
CA GLU B 377 -1.81 -37.78 27.12
C GLU B 377 -2.50 -38.21 28.40
N GLU B 378 -2.28 -39.49 28.82
CA GLU B 378 -2.89 -40.02 30.03
C GLU B 378 -2.52 -39.12 31.22
N ARG B 379 -1.23 -38.73 31.33
CA ARG B 379 -0.78 -37.90 32.44
C ARG B 379 -1.41 -36.49 32.38
N LEU B 380 -1.49 -35.91 31.19
CA LEU B 380 -2.09 -34.59 30.95
C LEU B 380 -3.57 -34.57 31.29
N LYS B 381 -4.29 -35.67 30.94
CA LYS B 381 -5.72 -35.82 31.27
C LYS B 381 -5.93 -35.73 32.80
N HIS B 382 -5.02 -36.38 33.59
CA HIS B 382 -5.03 -36.36 35.06
C HIS B 382 -4.75 -34.93 35.57
N ILE B 383 -3.72 -34.27 35.01
CA ILE B 383 -3.37 -32.90 35.41
C ILE B 383 -4.57 -31.96 35.14
N ALA B 384 -5.28 -32.15 34.00
CA ALA B 384 -6.42 -31.34 33.57
C ALA B 384 -7.66 -31.41 34.47
N GLU B 385 -7.63 -32.33 35.46
CA GLU B 385 -8.68 -32.48 36.47
C GLU B 385 -8.61 -31.31 37.46
N ARG B 386 -7.43 -30.68 37.59
CA ARG B 386 -7.21 -29.55 38.49
C ARG B 386 -8.17 -28.40 38.15
N PRO B 387 -8.75 -27.71 39.18
CA PRO B 387 -9.69 -26.60 38.90
C PRO B 387 -9.12 -25.46 38.04
N ASN B 388 -7.79 -25.23 38.09
CA ASN B 388 -7.16 -24.15 37.33
C ASN B 388 -6.62 -24.53 35.95
N ILE B 389 -6.98 -25.72 35.46
CA ILE B 389 -6.58 -26.14 34.10
C ILE B 389 -7.83 -26.13 33.23
N GLY B 390 -7.92 -25.18 32.31
CA GLY B 390 -9.05 -25.02 31.39
C GLY B 390 -9.15 -26.14 30.36
N GLU B 391 -7.99 -26.61 29.86
CA GLU B 391 -7.91 -27.77 28.95
C GLU B 391 -6.49 -28.21 28.75
N TYR B 392 -6.34 -29.43 28.24
CA TYR B 392 -5.06 -29.91 27.73
C TYR B 392 -5.36 -30.11 26.26
N ARG B 393 -4.34 -29.97 25.43
CA ARG B 393 -4.49 -30.15 23.98
C ARG B 393 -3.17 -30.51 23.39
N GLY B 394 -3.21 -31.18 22.25
CA GLY B 394 -2.01 -31.58 21.54
C GLY B 394 -2.12 -32.92 20.88
N ILE B 395 -0.97 -33.48 20.48
CA ILE B 395 -0.86 -34.76 19.78
C ILE B 395 0.62 -35.17 19.76
N GLY B 396 0.87 -36.48 19.66
CA GLY B 396 2.24 -37.01 19.62
C GLY B 396 3.10 -36.49 20.75
N PHE B 397 4.15 -35.69 20.41
CA PHE B 397 5.06 -35.04 21.38
C PHE B 397 4.92 -33.50 21.40
N MSE B 398 3.70 -32.96 21.16
CA MSE B 398 3.38 -31.52 21.18
C MSE B 398 2.20 -31.40 22.09
O MSE B 398 1.12 -31.83 21.66
CB MSE B 398 2.77 -31.11 19.81
CG MSE B 398 3.54 -30.19 19.05
SE MSE B 398 2.96 -30.49 17.20
CE MSE B 398 3.32 -32.10 17.11
N TRP B 399 2.32 -30.76 23.25
CA TRP B 399 1.14 -30.61 24.13
C TRP B 399 1.15 -29.27 24.83
N ALA B 400 -0.03 -28.83 25.28
CA ALA B 400 -0.18 -27.64 26.11
C ALA B 400 -1.25 -27.80 27.23
N LEU B 401 -1.07 -27.05 28.33
CA LEU B 401 -2.03 -26.99 29.44
C LEU B 401 -2.39 -25.52 29.56
N GLU B 402 -3.70 -25.23 29.55
CA GLU B 402 -4.19 -23.86 29.59
C GLU B 402 -4.62 -23.53 31.03
N ALA B 403 -4.03 -22.50 31.65
CA ALA B 403 -4.39 -22.09 33.00
C ALA B 403 -5.62 -21.17 32.96
N VAL B 404 -6.59 -21.39 33.87
CA VAL B 404 -7.81 -20.56 34.00
C VAL B 404 -8.06 -20.27 35.49
N LYS B 405 -8.78 -19.16 35.76
CA LYS B 405 -9.20 -18.79 37.10
C LYS B 405 -10.47 -19.59 37.41
N ASP B 406 -11.36 -19.71 36.42
CA ASP B 406 -12.60 -20.46 36.52
C ASP B 406 -12.79 -21.37 35.31
N LYS B 407 -12.95 -22.68 35.56
CA LYS B 407 -13.11 -23.73 34.56
C LYS B 407 -14.40 -23.63 33.74
N ALA B 408 -15.55 -23.59 34.43
CA ALA B 408 -16.89 -23.52 33.85
C ALA B 408 -17.06 -22.36 32.86
N SER B 409 -16.61 -21.17 33.25
CA SER B 409 -16.74 -19.96 32.43
C SER B 409 -15.53 -19.67 31.53
N LYS B 410 -14.47 -20.53 31.60
CA LYS B 410 -13.20 -20.38 30.84
C LYS B 410 -12.53 -19.01 31.17
N THR B 411 -12.76 -18.49 32.39
CA THR B 411 -12.20 -17.22 32.81
C THR B 411 -10.72 -17.35 33.09
N PRO B 412 -9.87 -16.62 32.34
CA PRO B 412 -8.44 -16.68 32.63
C PRO B 412 -8.08 -15.82 33.84
N PHE B 413 -6.87 -16.01 34.37
CA PHE B 413 -6.34 -15.15 35.42
C PHE B 413 -5.96 -13.86 34.72
N ASP B 414 -5.98 -12.73 35.44
CA ASP B 414 -5.61 -11.42 34.90
C ASP B 414 -4.19 -11.49 34.35
N GLY B 415 -3.99 -10.89 33.18
CA GLY B 415 -2.69 -10.81 32.52
C GLY B 415 -1.58 -10.34 33.43
N ASN B 416 -1.91 -9.41 34.38
CA ASN B 416 -0.98 -8.86 35.38
C ASN B 416 -0.42 -9.91 36.36
N LEU B 417 -1.13 -11.06 36.52
CA LEU B 417 -0.70 -12.15 37.41
C LEU B 417 0.40 -13.02 36.82
N SER B 418 0.61 -12.93 35.47
CA SER B 418 1.62 -13.68 34.70
C SER B 418 1.74 -15.16 35.16
N VAL B 419 0.57 -15.84 35.31
CA VAL B 419 0.46 -17.23 35.79
C VAL B 419 1.35 -18.23 35.03
N SER B 420 1.41 -18.14 33.69
CA SER B 420 2.21 -19.06 32.88
C SER B 420 3.72 -18.83 33.09
N GLU B 421 4.17 -17.56 33.08
CA GLU B 421 5.57 -17.18 33.36
C GLU B 421 5.98 -17.66 34.77
N ARG B 422 5.08 -17.51 35.75
CA ARG B 422 5.33 -17.95 37.13
C ARG B 422 5.51 -19.47 37.20
N ILE B 423 4.69 -20.23 36.45
CA ILE B 423 4.79 -21.69 36.36
C ILE B 423 6.15 -22.07 35.77
N ALA B 424 6.53 -21.42 34.65
CA ALA B 424 7.81 -21.66 33.95
C ALA B 424 9.04 -21.27 34.73
N ASN B 425 8.99 -20.15 35.50
CA ASN B 425 10.13 -19.71 36.31
C ASN B 425 10.31 -20.71 37.46
N THR B 426 9.19 -21.19 38.04
CA THR B 426 9.18 -22.21 39.09
C THR B 426 9.77 -23.50 38.55
N CYS B 427 9.37 -23.91 37.31
CA CYS B 427 9.91 -25.08 36.65
C CYS B 427 11.43 -24.94 36.51
N THR B 428 11.94 -23.77 36.04
CA THR B 428 13.40 -23.53 35.93
C THR B 428 14.11 -23.78 37.30
N ASP B 429 13.51 -23.28 38.42
CA ASP B 429 14.07 -23.42 39.77
C ASP B 429 14.04 -24.88 40.25
N LEU B 430 13.29 -25.75 39.53
CA LEU B 430 13.22 -27.17 39.87
C LEU B 430 14.05 -28.01 38.89
N GLY B 431 14.70 -27.36 37.94
CA GLY B 431 15.54 -28.03 36.94
C GLY B 431 14.79 -28.51 35.73
N LEU B 432 13.69 -27.81 35.38
CA LEU B 432 12.89 -28.16 34.21
C LEU B 432 12.70 -26.94 33.34
N ILE B 433 12.88 -27.12 32.03
CA ILE B 433 12.60 -26.04 31.10
C ILE B 433 11.29 -26.34 30.38
N CYS B 434 10.28 -25.48 30.56
CA CYS B 434 9.00 -25.58 29.85
C CYS B 434 8.65 -24.19 29.33
N ARG B 435 7.76 -24.10 28.36
CA ARG B 435 7.53 -22.81 27.72
C ARG B 435 6.21 -22.14 28.03
N PRO B 436 6.26 -20.90 28.59
CA PRO B 436 5.01 -20.17 28.81
C PRO B 436 4.56 -19.49 27.51
N LEU B 437 3.28 -19.64 27.15
CA LEU B 437 2.72 -18.99 25.95
C LEU B 437 1.32 -18.57 26.29
N GLY B 438 1.06 -17.26 26.34
CA GLY B 438 -0.25 -16.74 26.71
C GLY B 438 -0.57 -17.14 28.13
N GLN B 439 -1.68 -17.86 28.33
CA GLN B 439 -2.08 -18.37 29.64
C GLN B 439 -1.75 -19.87 29.71
N SER B 440 -0.96 -20.36 28.77
CA SER B 440 -0.66 -21.78 28.67
C SER B 440 0.79 -22.13 28.96
N VAL B 441 1.04 -23.43 29.14
CA VAL B 441 2.36 -24.01 29.31
C VAL B 441 2.50 -25.10 28.26
N VAL B 442 3.58 -25.01 27.48
CA VAL B 442 3.84 -25.90 26.35
C VAL B 442 4.95 -26.90 26.63
N LEU B 443 4.70 -28.15 26.25
CA LEU B 443 5.70 -29.21 26.35
C LEU B 443 5.95 -29.79 24.97
N CYS B 444 7.19 -29.74 24.50
CA CYS B 444 7.55 -30.35 23.19
C CYS B 444 8.94 -30.98 23.37
N PRO B 445 9.03 -32.08 24.15
CA PRO B 445 10.34 -32.64 24.48
C PRO B 445 11.05 -33.40 23.37
N PRO B 446 12.35 -33.73 23.54
CA PRO B 446 13.08 -34.44 22.47
C PRO B 446 12.52 -35.85 22.26
N PHE B 447 12.71 -36.41 21.06
CA PHE B 447 12.19 -37.74 20.73
C PHE B 447 12.94 -38.86 21.42
N ILE B 448 14.13 -38.54 21.97
CA ILE B 448 14.95 -39.48 22.75
C ILE B 448 14.45 -39.63 24.19
N LEU B 449 13.40 -38.89 24.61
CA LEU B 449 12.89 -38.93 25.99
C LEU B 449 12.50 -40.34 26.42
N THR B 450 13.00 -40.77 27.58
CA THR B 450 12.66 -42.08 28.16
C THR B 450 11.42 -41.90 29.05
N GLU B 451 10.81 -43.01 29.49
CA GLU B 451 9.67 -42.95 30.41
C GLU B 451 10.06 -42.28 31.74
N ALA B 452 11.27 -42.57 32.27
CA ALA B 452 11.76 -41.98 33.52
C ALA B 452 11.91 -40.46 33.40
N GLN B 453 12.39 -39.99 32.23
CA GLN B 453 12.57 -38.57 31.98
C GLN B 453 11.22 -37.88 31.79
N MSE B 454 10.22 -38.60 31.23
CA MSE B 454 8.86 -38.07 31.09
C MSE B 454 8.28 -37.90 32.50
O MSE B 454 7.65 -36.88 32.77
CB MSE B 454 7.98 -39.02 30.28
CG MSE B 454 6.59 -38.43 30.02
SE MSE B 454 5.51 -39.57 28.91
CE MSE B 454 6.24 -39.02 27.16
N ASP B 455 8.50 -38.91 33.38
CA ASP B 455 8.07 -38.86 34.79
C ASP B 455 8.69 -37.66 35.50
N GLU B 456 10.01 -37.42 35.28
CA GLU B 456 10.76 -36.29 35.83
C GLU B 456 10.15 -34.94 35.37
N MSE B 457 9.86 -34.81 34.08
CA MSE B 457 9.23 -33.63 33.47
C MSE B 457 7.88 -33.33 34.13
O MSE B 457 7.65 -32.21 34.57
CB MSE B 457 9.07 -33.85 31.96
CG MSE B 457 8.29 -32.73 31.24
SE MSE B 457 7.91 -33.30 29.43
CE MSE B 457 6.48 -34.60 29.81
N PHE B 458 6.99 -34.34 34.19
CA PHE B 458 5.68 -34.18 34.80
C PHE B 458 5.71 -33.96 36.32
N ASP B 459 6.62 -34.64 37.06
CA ASP B 459 6.69 -34.48 38.53
C ASP B 459 7.10 -33.05 38.87
N LYS B 460 8.09 -32.51 38.14
CA LYS B 460 8.54 -31.13 38.31
C LYS B 460 7.44 -30.13 37.94
N LEU B 461 6.72 -30.36 36.82
CA LEU B 461 5.62 -29.50 36.35
C LEU B 461 4.50 -29.47 37.37
N GLU B 462 4.08 -30.65 37.86
CA GLU B 462 3.03 -30.75 38.86
C GLU B 462 3.38 -30.03 40.14
N LYS B 463 4.69 -30.04 40.55
CA LYS B 463 5.12 -29.28 41.72
C LYS B 463 5.01 -27.77 41.45
N ALA B 464 5.36 -27.32 40.22
CA ALA B 464 5.24 -25.90 39.86
C ALA B 464 3.78 -25.46 39.79
N LEU B 465 2.88 -26.34 39.29
CA LEU B 465 1.44 -26.07 39.22
C LEU B 465 0.87 -25.95 40.63
N ASP B 466 1.23 -26.89 41.53
CA ASP B 466 0.80 -26.87 42.93
C ASP B 466 1.24 -25.55 43.58
N LYS B 467 2.51 -25.14 43.39
CA LYS B 467 3.07 -23.90 43.96
C LYS B 467 2.37 -22.63 43.48
N VAL B 468 2.31 -22.43 42.15
CA VAL B 468 1.70 -21.24 41.52
C VAL B 468 0.19 -21.13 41.77
N PHE B 469 -0.56 -22.26 41.68
CA PHE B 469 -2.01 -22.25 41.88
C PHE B 469 -2.43 -21.99 43.33
N ALA B 470 -1.60 -22.44 44.29
CA ALA B 470 -1.83 -22.22 45.73
C ALA B 470 -1.67 -20.74 46.10
N GLU B 471 -0.80 -20.01 45.38
CA GLU B 471 -0.47 -18.60 45.57
C GLU B 471 -1.48 -17.66 44.92
N VAL B 472 -1.95 -18.02 43.72
CA VAL B 472 -2.83 -17.22 42.89
C VAL B 472 -4.33 -17.33 43.25
N ALA B 473 -4.74 -18.40 43.96
CA ALA B 473 -6.13 -18.64 44.38
C ALA B 473 -6.19 -19.53 45.62
N ASN C 22 -20.19 11.11 -39.20
CA ASN C 22 -21.24 10.40 -39.93
C ASN C 22 -22.65 11.03 -39.69
N LYS C 23 -22.69 12.14 -38.93
CA LYS C 23 -23.87 12.91 -38.55
C LYS C 23 -25.08 12.11 -37.96
N PRO C 24 -25.08 11.76 -36.64
CA PRO C 24 -26.25 11.09 -36.05
C PRO C 24 -27.48 12.02 -36.12
N GLN C 25 -28.64 11.49 -36.49
CA GLN C 25 -29.86 12.28 -36.69
C GLN C 25 -30.79 12.32 -35.48
N SER C 26 -31.25 11.15 -35.02
CA SER C 26 -32.18 11.04 -33.88
C SER C 26 -31.55 11.39 -32.56
N TRP C 27 -32.38 11.68 -31.56
CA TRP C 27 -31.94 11.95 -30.19
C TRP C 27 -31.19 10.74 -29.67
N GLU C 28 -31.71 9.52 -29.96
CA GLU C 28 -31.14 8.23 -29.56
C GLU C 28 -29.75 8.04 -30.17
N ALA C 29 -29.60 8.30 -31.48
CA ALA C 29 -28.32 8.14 -32.18
C ALA C 29 -27.28 9.15 -31.65
N ARG C 30 -27.70 10.42 -31.49
CA ARG C 30 -26.85 11.48 -30.94
C ARG C 30 -26.33 11.14 -29.54
N ALA C 31 -27.22 10.58 -28.69
CA ALA C 31 -26.87 10.21 -27.33
C ALA C 31 -25.78 9.13 -27.33
N GLU C 32 -25.93 8.10 -28.17
CA GLU C 32 -24.98 6.99 -28.28
C GLU C 32 -23.64 7.38 -28.92
N THR C 33 -23.65 8.36 -29.85
CA THR C 33 -22.45 8.80 -30.57
C THR C 33 -21.43 9.55 -29.68
N TYR C 34 -21.92 10.33 -28.71
CA TYR C 34 -21.07 11.21 -27.92
C TYR C 34 -21.03 10.94 -26.43
N SER C 35 -21.82 9.96 -25.93
CA SER C 35 -21.83 9.67 -24.48
C SER C 35 -21.01 8.47 -24.06
N LEU C 36 -20.43 8.56 -22.87
CA LEU C 36 -19.83 7.43 -22.17
C LEU C 36 -20.79 7.26 -20.97
N TYR C 37 -21.63 6.21 -21.02
CA TYR C 37 -22.66 5.95 -20.02
C TYR C 37 -22.16 5.34 -18.69
N GLY C 38 -22.57 5.95 -17.59
CA GLY C 38 -22.27 5.45 -16.24
C GLY C 38 -23.51 4.80 -15.66
N PHE C 39 -23.33 3.69 -14.89
CA PHE C 39 -24.42 2.94 -14.22
C PHE C 39 -25.59 2.68 -15.21
N THR C 40 -25.24 2.27 -16.43
CA THR C 40 -26.18 2.03 -17.52
C THR C 40 -25.93 0.67 -18.10
N ASP C 41 -26.96 -0.19 -18.06
CA ASP C 41 -26.87 -1.53 -18.61
C ASP C 41 -26.86 -1.42 -20.13
N MSE C 42 -25.70 -1.73 -20.73
CA MSE C 42 -25.49 -1.60 -22.18
C MSE C 42 -26.37 -2.50 -23.09
O MSE C 42 -26.89 -1.96 -24.07
CB MSE C 42 -23.99 -1.62 -22.57
CG MSE C 42 -23.16 -0.52 -21.87
SE MSE C 42 -23.89 1.33 -22.03
CE MSE C 42 -23.58 1.55 -23.97
N PRO C 43 -26.64 -3.81 -22.78
CA PRO C 43 -27.55 -4.58 -23.65
C PRO C 43 -28.95 -3.96 -23.72
N SER C 44 -29.48 -3.42 -22.58
CA SER C 44 -30.78 -2.75 -22.49
C SER C 44 -30.73 -1.43 -23.29
N LEU C 45 -29.64 -0.67 -23.17
CA LEU C 45 -29.50 0.59 -23.91
C LEU C 45 -29.53 0.39 -25.41
N HIS C 46 -28.75 -0.59 -25.93
CA HIS C 46 -28.74 -0.86 -27.37
C HIS C 46 -30.10 -1.36 -27.85
N GLN C 47 -30.82 -2.11 -27.00
CA GLN C 47 -32.13 -2.64 -27.33
C GLN C 47 -33.25 -1.58 -27.28
N ARG C 48 -33.29 -0.77 -26.21
CA ARG C 48 -34.35 0.22 -26.00
C ARG C 48 -34.06 1.63 -26.51
N GLY C 49 -32.79 2.01 -26.52
CA GLY C 49 -32.36 3.34 -26.90
C GLY C 49 -32.37 4.21 -25.66
N THR C 50 -31.57 5.28 -25.67
CA THR C 50 -31.51 6.22 -24.55
C THR C 50 -32.88 6.93 -24.43
N VAL C 51 -33.37 7.09 -23.20
CA VAL C 51 -34.59 7.84 -22.97
C VAL C 51 -34.10 9.26 -22.70
N VAL C 52 -34.30 10.18 -23.67
CA VAL C 52 -33.86 11.57 -23.59
C VAL C 52 -35.00 12.44 -23.06
N VAL C 53 -34.83 12.95 -21.83
CA VAL C 53 -35.85 13.70 -21.08
C VAL C 53 -35.77 15.21 -21.32
N THR C 54 -36.92 15.86 -21.58
CA THR C 54 -36.96 17.30 -21.86
C THR C 54 -37.47 18.19 -20.72
N HIS C 55 -38.43 17.68 -19.93
CA HIS C 55 -39.08 18.42 -18.84
C HIS C 55 -39.91 17.47 -17.95
N GLY C 56 -40.54 18.04 -16.94
CA GLY C 56 -41.40 17.30 -16.02
C GLY C 56 -42.52 18.16 -15.44
N GLU C 57 -43.42 17.52 -14.67
CA GLU C 57 -44.59 18.14 -14.05
C GLU C 57 -44.88 17.36 -12.80
N GLY C 58 -44.76 18.01 -11.64
CA GLY C 58 -44.93 17.32 -10.38
C GLY C 58 -44.02 16.10 -10.34
N PRO C 59 -44.57 14.87 -10.12
CA PRO C 59 -43.68 13.68 -10.10
C PRO C 59 -43.49 12.98 -11.46
N TYR C 60 -43.93 13.63 -12.55
CA TYR C 60 -43.83 13.06 -13.89
C TYR C 60 -42.72 13.69 -14.72
N ILE C 61 -42.10 12.88 -15.59
CA ILE C 61 -41.09 13.33 -16.55
C ILE C 61 -41.59 13.03 -17.96
N VAL C 62 -41.17 13.85 -18.95
CA VAL C 62 -41.60 13.66 -20.35
C VAL C 62 -40.38 13.60 -21.24
N ASP C 63 -40.34 12.62 -22.15
CA ASP C 63 -39.21 12.45 -23.07
C ASP C 63 -39.44 13.09 -24.44
N VAL C 64 -38.41 13.07 -25.32
CA VAL C 64 -38.37 13.66 -26.67
C VAL C 64 -39.47 13.13 -27.60
N ASN C 65 -39.94 11.90 -27.34
CA ASN C 65 -40.97 11.26 -28.16
C ASN C 65 -42.37 11.48 -27.59
N GLY C 66 -42.47 12.30 -26.55
CA GLY C 66 -43.72 12.63 -25.88
C GLY C 66 -44.23 11.57 -24.92
N ARG C 67 -43.38 10.61 -24.52
CA ARG C 67 -43.79 9.59 -23.54
C ARG C 67 -43.68 10.16 -22.14
N ARG C 68 -44.70 9.92 -21.32
CA ARG C 68 -44.76 10.41 -19.94
C ARG C 68 -44.53 9.26 -18.98
N TYR C 69 -43.75 9.51 -17.92
CA TYR C 69 -43.46 8.48 -16.92
C TYR C 69 -43.62 9.01 -15.53
N LEU C 70 -44.17 8.21 -14.63
CA LEU C 70 -44.22 8.60 -13.23
C LEU C 70 -42.87 8.19 -12.64
N ASP C 71 -42.04 9.18 -12.21
CA ASP C 71 -40.72 8.86 -11.66
C ASP C 71 -40.81 8.57 -10.16
N ALA C 72 -41.02 7.28 -9.83
CA ALA C 72 -41.18 6.80 -8.46
C ALA C 72 -39.85 6.61 -7.74
N ASN C 73 -38.78 7.11 -8.36
CA ASN C 73 -37.45 7.11 -7.77
C ASN C 73 -36.93 8.52 -7.53
N SER C 74 -37.78 9.57 -7.79
CA SER C 74 -37.44 11.00 -7.62
C SER C 74 -36.15 11.34 -8.39
N GLY C 75 -35.99 10.74 -9.57
CA GLY C 75 -34.77 10.89 -10.34
C GLY C 75 -33.77 9.93 -9.71
N LEU C 76 -32.94 10.45 -8.79
CA LEU C 76 -31.97 9.63 -8.05
C LEU C 76 -32.16 9.92 -6.55
N TRP C 77 -33.39 9.65 -6.00
CA TRP C 77 -33.77 9.86 -4.58
C TRP C 77 -33.98 11.35 -4.20
N ASN C 78 -33.35 12.26 -4.95
CA ASN C 78 -33.19 13.68 -4.62
C ASN C 78 -34.27 14.68 -4.99
N MSE C 79 -35.00 14.42 -6.06
CA MSE C 79 -36.00 15.36 -6.53
C MSE C 79 -37.36 15.21 -5.85
O MSE C 79 -38.38 14.88 -6.45
CB MSE C 79 -35.98 15.41 -8.05
CG MSE C 79 -34.60 15.94 -8.51
SE MSE C 79 -34.49 16.12 -10.36
CE MSE C 79 -35.48 17.87 -10.44
N VAL C 80 -37.30 15.47 -4.53
CA VAL C 80 -38.37 15.33 -3.55
C VAL C 80 -39.50 16.30 -3.74
N ALA C 81 -39.22 17.46 -4.38
CA ALA C 81 -40.22 18.48 -4.65
C ALA C 81 -40.79 18.35 -6.07
N GLY C 82 -40.40 17.26 -6.75
CA GLY C 82 -40.85 17.02 -8.11
C GLY C 82 -40.01 17.70 -9.17
N PHE C 83 -40.51 17.71 -10.42
CA PHE C 83 -39.75 18.18 -11.58
C PHE C 83 -40.03 19.56 -12.14
N ASP C 84 -40.95 20.34 -11.52
CA ASP C 84 -41.25 21.71 -11.97
C ASP C 84 -41.67 22.63 -10.82
N HIS C 85 -41.20 22.32 -9.58
CA HIS C 85 -41.57 23.07 -8.37
C HIS C 85 -41.31 24.58 -8.57
N LYS C 86 -42.40 25.40 -8.56
CA LYS C 86 -42.32 26.85 -8.81
C LYS C 86 -41.44 27.63 -7.80
N GLY C 87 -41.67 27.40 -6.51
CA GLY C 87 -40.92 28.03 -5.42
C GLY C 87 -39.42 27.83 -5.58
N LEU C 88 -39.01 26.58 -5.90
CA LEU C 88 -37.60 26.27 -6.10
C LEU C 88 -37.02 26.87 -7.37
N ILE C 89 -37.80 26.84 -8.49
CA ILE C 89 -37.41 27.47 -9.77
C ILE C 89 -37.18 28.97 -9.54
N ASP C 90 -38.14 29.65 -8.88
CA ASP C 90 -38.04 31.07 -8.57
C ASP C 90 -36.86 31.39 -7.64
N ALA C 91 -36.55 30.50 -6.68
CA ALA C 91 -35.42 30.74 -5.77
C ALA C 91 -34.08 30.65 -6.53
N ALA C 92 -33.96 29.67 -7.44
CA ALA C 92 -32.80 29.47 -8.31
C ALA C 92 -32.59 30.67 -9.22
N LYS C 93 -33.66 31.08 -9.94
CA LYS C 93 -33.64 32.25 -10.84
C LYS C 93 -33.24 33.55 -10.10
N ALA C 94 -33.79 33.75 -8.87
CA ALA C 94 -33.49 34.96 -8.07
C ALA C 94 -32.01 35.01 -7.68
N GLN C 95 -31.40 33.86 -7.36
CA GLN C 95 -29.98 33.87 -7.03
C GLN C 95 -29.10 34.15 -8.25
N TYR C 96 -29.47 33.59 -9.41
CA TYR C 96 -28.72 33.89 -10.63
C TYR C 96 -28.75 35.40 -10.92
N GLU C 97 -29.91 36.04 -10.67
CA GLU C 97 -30.07 37.47 -10.88
C GLU C 97 -29.27 38.32 -9.88
N ARG C 98 -29.12 37.83 -8.64
CA ARG C 98 -28.42 38.50 -7.55
C ARG C 98 -26.88 38.34 -7.63
N PHE C 99 -26.37 37.09 -7.61
CA PHE C 99 -24.94 36.76 -7.59
C PHE C 99 -24.80 35.30 -8.10
N PRO C 100 -24.38 35.14 -9.38
CA PRO C 100 -24.41 33.81 -10.00
C PRO C 100 -23.29 32.82 -9.74
N GLY C 101 -22.24 33.26 -9.05
CA GLY C 101 -21.14 32.36 -8.74
C GLY C 101 -20.04 33.02 -7.95
N TYR C 102 -19.32 32.18 -7.20
CA TYR C 102 -18.16 32.52 -6.42
C TYR C 102 -17.66 31.27 -5.71
N HIS C 103 -16.54 31.41 -5.03
CA HIS C 103 -15.88 30.37 -4.25
C HIS C 103 -15.97 30.72 -2.75
N ALA C 104 -15.33 29.90 -1.90
CA ALA C 104 -15.29 30.10 -0.46
C ALA C 104 -13.86 29.92 0.07
N PHE C 105 -12.85 30.34 -0.73
CA PHE C 105 -11.44 30.23 -0.35
C PHE C 105 -10.87 31.61 -0.01
N PHE C 106 -9.66 31.63 0.56
CA PHE C 106 -8.88 32.82 0.86
C PHE C 106 -9.54 33.86 1.80
N GLY C 107 -10.44 33.39 2.65
CA GLY C 107 -11.14 34.26 3.58
C GLY C 107 -12.27 35.05 2.95
N ARG C 108 -12.77 34.58 1.81
CA ARG C 108 -13.91 35.17 1.09
C ARG C 108 -14.97 34.09 0.90
N MSE C 109 -16.26 34.49 0.95
CA MSE C 109 -17.39 33.59 0.71
C MSE C 109 -18.64 34.42 0.53
O MSE C 109 -18.67 35.58 0.98
CB MSE C 109 -17.58 32.52 1.81
CG MSE C 109 -17.81 33.10 3.21
SE MSE C 109 -18.21 31.76 4.57
CE MSE C 109 -16.80 30.38 4.19
N SER C 110 -19.66 33.84 -0.13
CA SER C 110 -20.90 34.58 -0.35
C SER C 110 -21.73 34.70 0.94
N ASP C 111 -22.65 35.68 0.97
CA ASP C 111 -23.61 35.84 2.06
C ASP C 111 -24.47 34.59 2.16
N GLN C 112 -24.81 33.98 0.98
CA GLN C 112 -25.61 32.75 0.90
C GLN C 112 -24.95 31.57 1.61
N THR C 113 -23.60 31.46 1.51
CA THR C 113 -22.76 30.41 2.12
C THR C 113 -22.85 30.53 3.64
N VAL C 114 -22.71 31.77 4.17
CA VAL C 114 -22.78 32.07 5.61
C VAL C 114 -24.17 31.68 6.14
N MSE C 115 -25.22 32.04 5.40
CA MSE C 115 -26.62 31.75 5.77
C MSE C 115 -26.92 30.26 5.79
O MSE C 115 -27.57 29.76 6.74
CB MSE C 115 -27.58 32.48 4.82
CG MSE C 115 -27.47 34.00 4.91
SE MSE C 115 -28.38 34.85 3.40
CE MSE C 115 -30.09 34.62 4.14
N LEU C 116 -26.45 29.53 4.78
CA LEU C 116 -26.69 28.09 4.74
C LEU C 116 -25.97 27.33 5.89
N SER C 117 -24.71 27.70 6.20
CA SER C 117 -23.96 27.06 7.30
C SER C 117 -24.70 27.24 8.63
N GLU C 118 -25.21 28.47 8.89
CA GLU C 118 -26.01 28.80 10.08
C GLU C 118 -27.26 27.89 10.12
N LYS C 119 -27.99 27.78 8.97
CA LYS C 119 -29.18 26.97 8.83
C LYS C 119 -28.91 25.47 9.04
N LEU C 120 -27.86 24.92 8.39
CA LEU C 120 -27.51 23.51 8.54
C LEU C 120 -27.16 23.12 9.95
N VAL C 121 -26.44 23.99 10.67
CA VAL C 121 -26.11 23.69 12.09
C VAL C 121 -27.43 23.67 12.90
N GLU C 122 -28.32 24.63 12.63
CA GLU C 122 -29.63 24.77 13.26
C GLU C 122 -30.47 23.50 13.08
N VAL C 123 -30.68 23.08 11.81
CA VAL C 123 -31.50 21.90 11.46
C VAL C 123 -30.84 20.57 11.75
N SER C 124 -29.50 20.56 11.89
CA SER C 124 -28.77 19.36 12.29
C SER C 124 -29.16 18.98 13.75
N PRO C 125 -28.94 17.73 14.19
CA PRO C 125 -29.25 17.40 15.60
C PRO C 125 -28.18 17.95 16.57
N PHE C 126 -27.20 18.70 16.03
CA PHE C 126 -26.13 19.31 16.82
C PHE C 126 -26.53 20.67 17.40
N ASP C 127 -26.04 20.95 18.63
CA ASP C 127 -26.27 22.22 19.32
C ASP C 127 -25.40 23.31 18.68
N SER C 128 -24.23 22.90 18.17
CA SER C 128 -23.23 23.74 17.51
C SER C 128 -22.38 22.86 16.59
N GLY C 129 -21.61 23.48 15.72
CA GLY C 129 -20.79 22.75 14.77
C GLY C 129 -20.39 23.63 13.62
N ARG C 130 -19.70 23.04 12.63
CA ARG C 130 -19.19 23.74 11.45
C ARG C 130 -19.55 22.98 10.19
N VAL C 131 -19.65 23.70 9.06
CA VAL C 131 -20.02 23.11 7.78
C VAL C 131 -18.91 23.30 6.77
N PHE C 132 -18.65 22.25 5.99
CA PHE C 132 -17.69 22.28 4.90
C PHE C 132 -18.42 21.83 3.66
N TYR C 133 -18.28 22.59 2.56
CA TYR C 133 -19.01 22.27 1.34
C TYR C 133 -18.27 21.51 0.29
N THR C 134 -19.03 20.70 -0.47
CA THR C 134 -18.58 19.93 -1.64
C THR C 134 -19.72 20.05 -2.66
N ASN C 135 -19.53 19.44 -3.82
CA ASN C 135 -20.57 19.39 -4.85
C ASN C 135 -21.37 18.09 -4.72
N SER C 136 -20.69 16.98 -4.34
CA SER C 136 -21.30 15.67 -4.29
C SER C 136 -21.16 14.96 -2.93
N GLY C 137 -21.96 13.93 -2.74
CA GLY C 137 -21.83 13.06 -1.58
C GLY C 137 -20.52 12.27 -1.65
N SER C 138 -20.04 11.91 -2.88
CA SER C 138 -18.76 11.17 -3.03
C SER C 138 -17.61 12.04 -2.53
N GLU C 139 -17.61 13.35 -2.92
CA GLU C 139 -16.59 14.31 -2.48
C GLU C 139 -16.67 14.54 -0.98
N ALA C 140 -17.90 14.60 -0.41
CA ALA C 140 -18.14 14.84 1.03
C ALA C 140 -17.57 13.68 1.87
N ASN C 141 -17.81 12.44 1.45
CA ASN C 141 -17.27 11.25 2.14
C ASN C 141 -15.75 11.20 1.99
N ASP C 142 -15.23 11.49 0.78
CA ASP C 142 -13.79 11.52 0.51
C ASP C 142 -13.11 12.59 1.40
N THR C 143 -13.77 13.76 1.55
CA THR C 143 -13.32 14.88 2.37
C THR C 143 -13.31 14.47 3.84
N MSE C 144 -14.41 13.84 4.34
CA MSE C 144 -14.50 13.38 5.72
C MSE C 144 -13.35 12.43 6.03
O MSE C 144 -12.73 12.55 7.09
CB MSE C 144 -15.84 12.68 6.04
CG MSE C 144 -16.03 12.44 7.56
SE MSE C 144 -16.28 14.10 8.54
CE MSE C 144 -18.09 14.02 8.56
N VAL C 145 -13.04 11.50 5.09
CA VAL C 145 -11.90 10.58 5.23
C VAL C 145 -10.61 11.41 5.39
N LYS C 146 -10.38 12.39 4.49
CA LYS C 146 -9.15 13.23 4.59
C LYS C 146 -9.08 13.99 5.91
N MSE C 147 -10.24 14.51 6.40
CA MSE C 147 -10.32 15.25 7.68
C MSE C 147 -9.91 14.35 8.84
O MSE C 147 -9.20 14.82 9.74
CB MSE C 147 -11.75 15.74 7.92
CG MSE C 147 -12.08 16.97 7.10
SE MSE C 147 -13.95 17.40 7.28
CE MSE C 147 -13.82 19.25 6.53
N LEU C 148 -10.34 13.06 8.80
CA LEU C 148 -9.95 12.08 9.83
C LEU C 148 -8.46 11.76 9.79
N TRP C 149 -7.89 11.56 8.59
CA TRP C 149 -6.45 11.29 8.41
C TRP C 149 -5.65 12.47 8.95
N PHE C 150 -6.08 13.70 8.61
CA PHE C 150 -5.48 14.96 9.03
C PHE C 150 -5.50 15.10 10.56
N LEU C 151 -6.68 14.92 11.16
CA LEU C 151 -6.90 15.07 12.61
C LEU C 151 -6.10 14.11 13.44
N HIS C 152 -6.22 12.80 13.14
CA HIS C 152 -5.52 11.79 13.91
C HIS C 152 -4.02 11.99 13.86
N ALA C 153 -3.47 12.29 12.65
CA ALA C 153 -2.04 12.58 12.51
C ALA C 153 -1.61 13.81 13.30
N ALA C 154 -2.44 14.88 13.32
CA ALA C 154 -2.16 16.10 14.07
C ALA C 154 -2.19 15.80 15.56
N GLU C 155 -3.04 14.83 15.96
CA GLU C 155 -3.20 14.40 17.35
C GLU C 155 -2.17 13.37 17.81
N GLY C 156 -1.21 13.06 16.96
CA GLY C 156 -0.10 12.16 17.28
C GLY C 156 -0.31 10.71 16.91
N LYS C 157 -1.31 10.41 16.07
CA LYS C 157 -1.57 9.02 15.65
C LYS C 157 -1.70 8.95 14.11
N PRO C 158 -0.59 9.15 13.34
CA PRO C 158 -0.73 9.10 11.87
C PRO C 158 -1.11 7.74 11.30
N GLN C 159 -0.92 6.66 12.10
CA GLN C 159 -1.31 5.31 11.69
C GLN C 159 -2.84 5.10 11.74
N LYS C 160 -3.58 6.03 12.39
CA LYS C 160 -5.04 5.94 12.55
C LYS C 160 -5.67 6.35 11.22
N ARG C 161 -5.79 5.37 10.29
CA ARG C 161 -6.17 5.59 8.90
C ARG C 161 -7.27 4.71 8.33
N LYS C 162 -7.48 3.52 8.91
CA LYS C 162 -8.49 2.56 8.43
C LYS C 162 -9.88 3.09 8.57
N ILE C 163 -10.73 2.81 7.56
CA ILE C 163 -12.14 3.24 7.55
C ILE C 163 -13.05 2.00 7.60
N LEU C 164 -13.98 1.99 8.55
CA LEU C 164 -14.94 0.91 8.71
C LEU C 164 -16.26 1.30 8.08
N THR C 165 -16.77 0.44 7.21
CA THR C 165 -18.09 0.57 6.61
C THR C 165 -18.73 -0.84 6.64
N ARG C 166 -19.90 -1.02 6.07
CA ARG C 166 -20.51 -2.34 6.03
C ARG C 166 -20.54 -2.82 4.59
N TRP C 167 -20.51 -4.14 4.37
CA TRP C 167 -20.73 -4.72 3.06
C TRP C 167 -22.18 -4.29 2.66
N ASN C 168 -22.45 -4.06 1.36
CA ASN C 168 -23.74 -3.54 0.83
C ASN C 168 -23.91 -2.03 1.02
N ALA C 169 -22.98 -1.36 1.74
CA ALA C 169 -23.02 0.10 1.89
C ALA C 169 -22.69 0.76 0.57
N TYR C 170 -23.21 1.97 0.37
CA TYR C 170 -22.86 2.77 -0.80
C TYR C 170 -22.54 4.17 -0.30
N HIS C 171 -21.31 4.62 -0.58
CA HIS C 171 -20.83 5.91 -0.10
C HIS C 171 -20.26 6.80 -1.22
N GLY C 172 -20.34 6.31 -2.44
CA GLY C 172 -19.85 7.08 -3.58
C GLY C 172 -18.91 6.36 -4.51
N VAL C 173 -18.33 7.14 -5.42
CA VAL C 173 -17.50 6.62 -6.50
C VAL C 173 -16.09 7.15 -6.65
N THR C 174 -15.63 8.07 -5.79
CA THR C 174 -14.20 8.47 -5.91
C THR C 174 -13.42 7.21 -5.50
N ALA C 175 -12.10 7.10 -5.75
CA ALA C 175 -11.36 5.89 -5.35
C ALA C 175 -11.63 5.54 -3.88
N VAL C 176 -11.57 6.56 -2.99
CA VAL C 176 -11.81 6.37 -1.56
C VAL C 176 -13.30 6.05 -1.26
N SER C 177 -14.24 6.82 -1.81
CA SER C 177 -15.66 6.52 -1.52
C SER C 177 -16.17 5.21 -2.15
N ALA C 178 -15.56 4.77 -3.27
CA ALA C 178 -15.86 3.46 -3.89
C ALA C 178 -15.23 2.37 -3.01
N SER C 179 -14.13 2.69 -2.28
CA SER C 179 -13.50 1.72 -1.39
C SER C 179 -14.37 1.49 -0.14
N MSE C 180 -15.09 2.55 0.29
CA MSE C 180 -15.99 2.55 1.43
C MSE C 180 -17.26 1.79 1.08
O MSE C 180 -17.80 1.08 1.91
CB MSE C 180 -16.35 4.00 1.78
CG MSE C 180 -15.18 4.75 2.38
SE MSE C 180 -15.55 6.63 2.54
CE MSE C 180 -17.11 6.58 3.66
N THR C 181 -17.71 1.94 -0.18
CA THR C 181 -18.86 1.24 -0.77
C THR C 181 -18.55 -0.26 -0.71
N GLY C 182 -19.53 -1.07 -0.34
CA GLY C 182 -19.35 -2.52 -0.22
C GLY C 182 -20.04 -3.25 -1.35
N LYS C 183 -19.60 -2.99 -2.58
CA LYS C 183 -20.19 -3.60 -3.76
C LYS C 183 -19.23 -4.49 -4.55
N PRO C 184 -19.69 -5.66 -5.03
CA PRO C 184 -18.80 -6.52 -5.84
C PRO C 184 -18.24 -5.88 -7.12
N TYR C 185 -19.02 -4.99 -7.76
CA TYR C 185 -18.60 -4.37 -9.02
C TYR C 185 -17.31 -3.52 -8.97
N ASN C 186 -16.88 -3.11 -7.75
CA ASN C 186 -15.66 -2.32 -7.59
C ASN C 186 -14.37 -3.08 -7.88
N SER C 187 -14.44 -4.44 -7.99
CA SER C 187 -13.30 -5.28 -8.36
C SER C 187 -12.78 -4.88 -9.76
N VAL C 188 -13.67 -4.34 -10.62
CA VAL C 188 -13.28 -3.90 -11.99
C VAL C 188 -12.27 -2.73 -12.03
N PHE C 189 -12.13 -2.03 -10.89
CA PHE C 189 -11.22 -0.88 -10.72
C PHE C 189 -9.98 -1.26 -9.89
N GLY C 190 -9.93 -2.50 -9.41
CA GLY C 190 -8.88 -2.97 -8.51
C GLY C 190 -9.10 -2.35 -7.14
N LEU C 191 -10.38 -2.09 -6.80
CA LEU C 191 -10.77 -1.52 -5.52
C LEU C 191 -11.44 -2.59 -4.67
N PRO C 192 -11.50 -2.48 -3.33
CA PRO C 192 -11.13 -1.32 -2.49
C PRO C 192 -9.64 -1.15 -2.31
N LEU C 193 -9.23 0.09 -2.05
CA LEU C 193 -7.85 0.42 -1.72
C LEU C 193 -7.55 -0.27 -0.36
N PRO C 194 -6.27 -0.45 0.04
CA PRO C 194 -6.01 -1.00 1.38
C PRO C 194 -6.52 -0.03 2.45
N GLY C 195 -6.91 -0.55 3.61
CA GLY C 195 -7.36 0.25 4.74
C GLY C 195 -8.85 0.52 4.81
N PHE C 196 -9.63 -0.23 4.03
CA PHE C 196 -11.10 -0.09 4.01
C PHE C 196 -11.66 -1.43 4.40
N VAL C 197 -12.23 -1.49 5.61
CA VAL C 197 -12.75 -2.70 6.23
C VAL C 197 -14.28 -2.72 6.16
N HIS C 198 -14.82 -3.81 5.60
CA HIS C 198 -16.27 -3.98 5.44
C HIS C 198 -16.82 -4.95 6.48
N LEU C 199 -17.70 -4.45 7.32
CA LEU C 199 -18.37 -5.25 8.38
C LEU C 199 -19.58 -5.97 7.75
N THR C 200 -20.17 -6.95 8.47
CA THR C 200 -21.34 -7.67 7.96
C THR C 200 -22.51 -6.67 7.82
N CYS C 201 -23.28 -6.82 6.73
CA CYS C 201 -24.44 -5.97 6.51
C CYS C 201 -25.56 -6.34 7.50
N PRO C 202 -26.17 -5.37 8.22
CA PRO C 202 -27.22 -5.75 9.20
C PRO C 202 -28.59 -6.03 8.57
N HIS C 203 -28.63 -6.78 7.46
CA HIS C 203 -29.87 -7.17 6.79
C HIS C 203 -30.22 -8.56 7.32
N TYR C 204 -31.13 -8.61 8.31
CA TYR C 204 -31.52 -9.85 8.99
C TYR C 204 -32.05 -10.92 8.05
N TRP C 205 -33.00 -10.56 7.19
CA TRP C 205 -33.61 -11.50 6.26
C TRP C 205 -32.54 -12.21 5.40
N ARG C 206 -31.49 -11.48 4.95
CA ARG C 206 -30.46 -12.07 4.10
C ARG C 206 -29.32 -12.74 4.86
N TYR C 207 -28.82 -12.08 5.91
CA TYR C 207 -27.64 -12.54 6.65
C TYR C 207 -27.88 -13.30 7.92
N GLY C 208 -29.11 -13.34 8.41
CA GLY C 208 -29.42 -14.15 9.58
C GLY C 208 -29.19 -15.61 9.23
N GLU C 209 -28.54 -16.35 10.15
CA GLU C 209 -28.26 -17.76 9.94
C GLU C 209 -29.48 -18.58 10.31
N GLU C 210 -29.50 -19.86 9.90
CA GLU C 210 -30.60 -20.78 10.24
C GLU C 210 -30.69 -20.92 11.76
N GLY C 211 -31.87 -20.61 12.31
CA GLY C 211 -32.13 -20.68 13.74
C GLY C 211 -31.59 -19.52 14.56
N GLU C 212 -31.12 -18.49 13.88
CA GLU C 212 -30.58 -17.32 14.55
C GLU C 212 -31.69 -16.28 14.57
N THR C 213 -32.08 -15.86 15.79
CA THR C 213 -33.10 -14.82 15.96
C THR C 213 -32.52 -13.47 15.56
N GLU C 214 -33.38 -12.48 15.40
CA GLU C 214 -32.91 -11.13 15.09
C GLU C 214 -32.03 -10.55 16.20
N GLU C 215 -32.38 -10.82 17.48
CA GLU C 215 -31.61 -10.39 18.65
C GLU C 215 -30.19 -11.03 18.65
N GLN C 216 -30.09 -12.37 18.37
CA GLN C 216 -28.78 -13.05 18.31
C GLN C 216 -27.97 -12.49 17.15
N PHE C 217 -28.67 -12.14 16.03
CA PHE C 217 -28.04 -11.58 14.82
C PHE C 217 -27.39 -10.26 15.16
N VAL C 218 -28.11 -9.39 15.90
CA VAL C 218 -27.55 -8.09 16.31
C VAL C 218 -26.40 -8.26 17.31
N ALA C 219 -26.55 -9.19 18.26
CA ALA C 219 -25.46 -9.49 19.22
C ALA C 219 -24.19 -9.98 18.48
N ARG C 220 -24.35 -10.81 17.45
CA ARG C 220 -23.23 -11.31 16.65
C ARG C 220 -22.50 -10.17 15.92
N LEU C 221 -23.27 -9.25 15.29
CA LEU C 221 -22.67 -8.10 14.61
C LEU C 221 -21.86 -7.26 15.56
N ALA C 222 -22.37 -7.07 16.80
CA ALA C 222 -21.66 -6.31 17.83
C ALA C 222 -20.35 -7.03 18.23
N ARG C 223 -20.40 -8.39 18.39
CA ARG C 223 -19.21 -9.20 18.71
C ARG C 223 -18.21 -9.13 17.53
N GLU C 224 -18.71 -9.24 16.28
CA GLU C 224 -17.85 -9.20 15.09
C GLU C 224 -17.12 -7.86 15.02
N LEU C 225 -17.83 -6.74 15.34
CA LEU C 225 -17.23 -5.42 15.33
C LEU C 225 -16.12 -5.31 16.37
N GLU C 226 -16.40 -5.73 17.62
CA GLU C 226 -15.39 -5.70 18.68
C GLU C 226 -14.16 -6.51 18.30
N GLU C 227 -14.37 -7.73 17.75
CA GLU C 227 -13.28 -8.62 17.32
C GLU C 227 -12.46 -7.97 16.21
N THR C 228 -13.13 -7.33 15.22
CA THR C 228 -12.45 -6.59 14.13
C THR C 228 -11.59 -5.44 14.71
N ILE C 229 -12.13 -4.69 15.69
CA ILE C 229 -11.38 -3.56 16.26
C ILE C 229 -10.12 -4.05 16.97
N GLN C 230 -10.26 -5.15 17.75
CA GLN C 230 -9.14 -5.72 18.49
C GLN C 230 -8.05 -6.31 17.56
N ARG C 231 -8.46 -6.98 16.45
CA ARG C 231 -7.50 -7.54 15.50
C ARG C 231 -6.78 -6.45 14.68
N GLU C 232 -7.52 -5.47 14.20
CA GLU C 232 -6.95 -4.37 13.42
C GLU C 232 -6.13 -3.42 14.29
N GLY C 233 -6.57 -3.25 15.53
CA GLY C 233 -5.99 -2.32 16.48
C GLY C 233 -6.75 -1.02 16.35
N ALA C 234 -7.41 -0.57 17.44
CA ALA C 234 -8.19 0.68 17.48
C ALA C 234 -7.33 1.89 17.08
N ASP C 235 -6.02 1.90 17.43
CA ASP C 235 -5.11 2.98 17.04
C ASP C 235 -4.85 3.05 15.54
N THR C 236 -5.30 2.04 14.76
CA THR C 236 -5.10 2.11 13.30
C THR C 236 -6.41 2.48 12.56
N ILE C 237 -7.52 2.64 13.30
CA ILE C 237 -8.85 2.91 12.74
C ILE C 237 -9.26 4.36 12.90
N ALA C 238 -9.41 5.05 11.76
CA ALA C 238 -9.78 6.47 11.69
C ALA C 238 -11.27 6.79 11.89
N GLY C 239 -12.15 5.88 11.48
CA GLY C 239 -13.56 6.20 11.57
C GLY C 239 -14.49 5.14 11.06
N PHE C 240 -15.74 5.31 11.42
CA PHE C 240 -16.84 4.43 11.04
C PHE C 240 -17.91 5.29 10.36
N PHE C 241 -18.38 4.82 9.20
CA PHE C 241 -19.43 5.50 8.47
C PHE C 241 -20.60 4.55 8.31
N ALA C 242 -21.80 5.08 8.45
CA ALA C 242 -23.00 4.29 8.20
C ALA C 242 -24.13 5.12 7.66
N GLU C 243 -24.81 4.57 6.65
CA GLU C 243 -26.09 5.10 6.20
C GLU C 243 -27.10 4.56 7.25
N PRO C 244 -27.98 5.38 7.88
CA PRO C 244 -28.98 4.81 8.82
C PRO C 244 -29.82 3.71 8.17
N VAL C 245 -30.38 4.01 6.98
CA VAL C 245 -31.07 3.04 6.13
C VAL C 245 -30.23 3.02 4.86
N MSE C 246 -29.76 1.82 4.48
CA MSE C 246 -28.94 1.66 3.29
C MSE C 246 -29.79 1.92 2.03
O MSE C 246 -30.89 1.42 1.94
CB MSE C 246 -28.35 0.26 3.26
CG MSE C 246 -27.18 0.08 4.20
SE MSE C 246 -26.81 -1.82 4.30
CE MSE C 246 -25.07 -1.69 5.11
N GLY C 247 -29.28 2.77 1.12
CA GLY C 247 -30.01 3.15 -0.10
C GLY C 247 -29.76 2.21 -1.27
N ALA C 248 -28.62 2.42 -2.00
CA ALA C 248 -28.22 1.63 -3.18
C ALA C 248 -28.01 0.16 -2.88
N GLY C 249 -27.89 -0.18 -1.60
CA GLY C 249 -27.80 -1.56 -1.13
C GLY C 249 -29.11 -2.31 -1.28
N GLY C 250 -30.19 -1.58 -1.55
CA GLY C 250 -31.51 -2.15 -1.77
C GLY C 250 -32.58 -1.81 -0.76
N VAL C 251 -32.48 -0.62 -0.11
CA VAL C 251 -33.44 -0.12 0.91
C VAL C 251 -33.37 -1.06 2.12
N ILE C 252 -32.32 -0.90 2.93
CA ILE C 252 -32.11 -1.83 4.05
C ILE C 252 -32.16 -1.14 5.41
N PRO C 253 -33.32 -1.12 6.09
CA PRO C 253 -33.34 -0.65 7.48
C PRO C 253 -32.49 -1.64 8.31
N PRO C 254 -31.71 -1.17 9.29
CA PRO C 254 -30.88 -2.11 10.06
C PRO C 254 -31.71 -3.00 10.94
N ALA C 255 -31.18 -4.20 11.28
CA ALA C 255 -31.84 -5.12 12.20
C ALA C 255 -32.15 -4.37 13.51
N LYS C 256 -33.27 -4.70 14.18
CA LYS C 256 -33.70 -4.03 15.42
C LYS C 256 -32.58 -3.97 16.48
N GLY C 257 -32.28 -2.76 16.95
CA GLY C 257 -31.28 -2.55 17.99
C GLY C 257 -29.83 -2.45 17.53
N TYR C 258 -29.60 -2.55 16.21
CA TYR C 258 -28.26 -2.51 15.61
C TYR C 258 -27.40 -1.33 16.10
N PHE C 259 -27.85 -0.08 15.88
CA PHE C 259 -27.08 1.09 16.29
C PHE C 259 -26.88 1.17 17.80
N GLN C 260 -27.85 0.70 18.57
CA GLN C 260 -27.76 0.68 20.05
C GLN C 260 -26.72 -0.32 20.55
N ALA C 261 -26.44 -1.37 19.77
CA ALA C 261 -25.44 -2.39 20.10
C ALA C 261 -24.05 -1.97 19.62
N ILE C 262 -23.93 -1.42 18.39
CA ILE C 262 -22.62 -1.06 17.82
C ILE C 262 -21.98 0.23 18.31
N LEU C 263 -22.81 1.27 18.56
CA LEU C 263 -22.28 2.59 18.99
C LEU C 263 -21.48 2.61 20.27
N PRO C 264 -21.90 1.93 21.38
CA PRO C 264 -21.04 1.90 22.59
C PRO C 264 -19.66 1.30 22.32
N ILE C 265 -19.56 0.31 21.40
CA ILE C 265 -18.27 -0.33 21.06
C ILE C 265 -17.37 0.72 20.37
N LEU C 266 -17.91 1.43 19.37
CA LEU C 266 -17.16 2.48 18.67
C LEU C 266 -16.69 3.58 19.60
N ARG C 267 -17.56 4.02 20.52
CA ARG C 267 -17.24 5.05 21.51
C ARG C 267 -16.12 4.59 22.46
N LYS C 268 -16.21 3.32 22.92
CA LYS C 268 -15.23 2.68 23.81
C LYS C 268 -13.82 2.72 23.20
N TYR C 269 -13.74 2.59 21.86
CA TYR C 269 -12.48 2.54 21.13
C TYR C 269 -12.05 3.82 20.45
N ASP C 270 -12.69 4.97 20.77
CA ASP C 270 -12.38 6.28 20.17
C ASP C 270 -12.35 6.22 18.64
N ILE C 271 -13.41 5.65 18.04
CA ILE C 271 -13.59 5.55 16.60
C ILE C 271 -14.69 6.55 16.25
N PRO C 272 -14.36 7.70 15.62
CA PRO C 272 -15.41 8.66 15.22
C PRO C 272 -16.55 8.03 14.41
N VAL C 273 -17.78 8.45 14.70
CA VAL C 273 -18.99 7.91 14.08
C VAL C 273 -19.54 8.95 13.11
N ILE C 274 -19.69 8.56 11.83
CA ILE C 274 -20.23 9.45 10.81
C ILE C 274 -21.50 8.87 10.24
N SER C 275 -22.60 9.65 10.28
CA SER C 275 -23.84 9.19 9.67
C SER C 275 -23.83 9.70 8.23
N ASP C 276 -23.89 8.79 7.27
CA ASP C 276 -23.98 9.20 5.88
C ASP C 276 -25.48 9.39 5.63
N GLU C 277 -25.91 10.67 5.67
CA GLU C 277 -27.30 11.10 5.50
C GLU C 277 -27.58 11.59 4.05
N VAL C 278 -26.77 11.15 3.08
CA VAL C 278 -26.96 11.59 1.68
C VAL C 278 -28.37 11.29 1.19
N ILE C 279 -28.91 10.10 1.51
CA ILE C 279 -30.29 9.78 1.15
C ILE C 279 -31.26 10.10 2.31
N CYS C 280 -30.88 9.75 3.56
CA CYS C 280 -31.75 9.87 4.74
C CYS C 280 -31.96 11.29 5.26
N GLY C 281 -31.09 12.22 4.88
CA GLY C 281 -31.22 13.60 5.33
C GLY C 281 -32.45 14.27 4.73
N PHE C 282 -33.16 15.06 5.54
CA PHE C 282 -34.36 15.81 5.11
C PHE C 282 -35.56 14.98 4.71
N GLY C 283 -36.00 14.11 5.60
CA GLY C 283 -37.31 13.47 5.53
C GLY C 283 -37.67 12.10 5.02
N ARG C 284 -36.87 11.43 4.17
CA ARG C 284 -37.32 10.14 3.60
C ARG C 284 -37.64 9.03 4.61
N THR C 285 -36.97 9.03 5.81
CA THR C 285 -37.25 8.03 6.85
C THR C 285 -38.36 8.49 7.81
N GLY C 286 -38.93 9.68 7.57
CA GLY C 286 -39.98 10.21 8.43
C GLY C 286 -39.51 11.17 9.51
N ASN C 287 -38.21 11.52 9.47
CA ASN C 287 -37.57 12.49 10.38
C ASN C 287 -36.57 13.29 9.57
N THR C 288 -36.09 14.42 10.11
CA THR C 288 -35.13 15.28 9.39
C THR C 288 -33.85 14.49 9.12
N TRP C 289 -33.51 13.53 10.01
CA TRP C 289 -32.32 12.71 9.84
C TRP C 289 -32.61 11.26 10.16
N GLY C 290 -31.96 10.37 9.41
CA GLY C 290 -32.04 8.94 9.66
C GLY C 290 -31.46 8.61 11.02
N CYS C 291 -30.41 9.35 11.48
CA CYS C 291 -29.84 9.11 12.83
C CYS C 291 -30.85 9.42 13.96
N VAL C 292 -31.82 10.33 13.69
CA VAL C 292 -32.90 10.69 14.59
C VAL C 292 -33.91 9.54 14.61
N THR C 293 -34.32 9.03 13.42
CA THR C 293 -35.24 7.88 13.29
C THR C 293 -34.66 6.67 14.04
N TYR C 294 -33.34 6.42 13.91
CA TYR C 294 -32.68 5.29 14.58
C TYR C 294 -32.06 5.59 15.92
N ASP C 295 -32.43 6.74 16.50
CA ASP C 295 -32.05 7.19 17.84
C ASP C 295 -30.56 7.08 18.21
N PHE C 296 -29.69 7.64 17.36
CA PHE C 296 -28.24 7.70 17.64
C PHE C 296 -27.66 9.06 17.33
N THR C 297 -26.59 9.42 18.05
CA THR C 297 -25.91 10.67 17.88
C THR C 297 -24.57 10.42 17.20
N PRO C 298 -24.40 10.89 15.95
CA PRO C 298 -23.09 10.75 15.29
C PRO C 298 -22.20 11.95 15.67
N ASP C 299 -20.93 11.93 15.26
CA ASP C 299 -20.00 13.02 15.49
C ASP C 299 -20.01 14.00 14.30
N ALA C 300 -20.47 13.51 13.14
CA ALA C 300 -20.59 14.29 11.91
C ALA C 300 -21.66 13.69 11.01
N ILE C 301 -22.18 14.52 10.09
CA ILE C 301 -23.21 14.13 9.11
C ILE C 301 -22.76 14.50 7.70
N ILE C 302 -23.01 13.59 6.77
CA ILE C 302 -22.76 13.81 5.35
C ILE C 302 -24.13 14.08 4.75
N SER C 303 -24.29 15.21 4.08
CA SER C 303 -25.57 15.58 3.48
C SER C 303 -25.42 15.93 2.01
N SER C 304 -26.43 15.59 1.19
CA SER C 304 -26.48 15.93 -0.24
C SER C 304 -27.94 15.67 -0.70
N LYS C 305 -28.15 15.39 -1.99
CA LYS C 305 -29.46 15.03 -2.59
C LYS C 305 -30.63 15.98 -2.24
N ASN C 306 -31.49 15.64 -1.25
CA ASN C 306 -32.63 16.47 -0.82
C ASN C 306 -32.19 17.85 -0.39
N LEU C 307 -30.90 18.00 0.03
CA LEU C 307 -30.31 19.28 0.42
C LEU C 307 -30.69 20.39 -0.59
N THR C 308 -30.68 20.08 -1.90
CA THR C 308 -31.04 21.07 -2.94
C THR C 308 -32.26 20.63 -3.75
N ALA C 309 -32.92 19.54 -3.30
CA ALA C 309 -34.06 18.93 -4.02
C ALA C 309 -33.65 18.59 -5.46
N GLY C 310 -32.36 18.26 -5.65
CA GLY C 310 -31.80 17.93 -6.97
C GLY C 310 -31.66 19.07 -7.97
N PHE C 311 -31.89 20.32 -7.52
CA PHE C 311 -31.80 21.50 -8.40
C PHE C 311 -30.37 22.00 -8.59
N PHE C 312 -29.41 21.51 -7.78
CA PHE C 312 -28.04 21.99 -7.86
C PHE C 312 -27.10 21.00 -7.18
N PRO C 313 -25.88 20.75 -7.71
CA PRO C 313 -24.98 19.81 -7.02
C PRO C 313 -24.37 20.46 -5.79
N MSE C 314 -24.83 20.01 -4.62
CA MSE C 314 -24.29 20.44 -3.33
C MSE C 314 -24.17 19.24 -2.41
O MSE C 314 -25.05 18.38 -2.37
CB MSE C 314 -25.20 21.52 -2.71
CG MSE C 314 -24.72 22.08 -1.35
SE MSE C 314 -24.86 24.05 -1.30
CE MSE C 314 -23.71 24.36 -2.89
N GLY C 315 -23.09 19.23 -1.67
CA GLY C 315 -22.80 18.26 -0.63
C GLY C 315 -22.31 19.04 0.57
N ALA C 316 -22.53 18.50 1.79
CA ALA C 316 -22.09 19.19 2.99
C ALA C 316 -21.62 18.22 4.04
N VAL C 317 -20.55 18.60 4.72
CA VAL C 317 -19.99 17.89 5.86
C VAL C 317 -20.38 18.74 7.07
N ILE C 318 -21.26 18.21 7.93
CA ILE C 318 -21.73 18.90 9.12
C ILE C 318 -21.04 18.28 10.31
N LEU C 319 -20.04 18.97 10.86
CA LEU C 319 -19.26 18.47 11.98
C LEU C 319 -19.94 18.86 13.29
N GLY C 320 -20.04 17.92 14.23
CA GLY C 320 -20.61 18.15 15.56
C GLY C 320 -19.66 18.95 16.43
N PRO C 321 -20.02 19.28 17.69
CA PRO C 321 -19.13 20.10 18.53
C PRO C 321 -17.74 19.50 18.80
N GLU C 322 -17.68 18.20 19.12
CA GLU C 322 -16.43 17.49 19.43
C GLU C 322 -15.44 17.51 18.25
N LEU C 323 -15.86 17.04 17.06
CA LEU C 323 -14.96 17.11 15.90
C LEU C 323 -14.65 18.53 15.42
N SER C 324 -15.63 19.49 15.50
CA SER C 324 -15.39 20.90 15.11
C SER C 324 -14.27 21.47 15.97
N LYS C 325 -14.33 21.27 17.29
CA LYS C 325 -13.32 21.77 18.24
C LYS C 325 -11.92 21.17 17.96
N ARG C 326 -11.84 19.83 17.80
CA ARG C 326 -10.59 19.11 17.53
C ARG C 326 -9.98 19.50 16.19
N LEU C 327 -10.83 19.63 15.15
CA LEU C 327 -10.38 20.01 13.82
C LEU C 327 -9.86 21.43 13.79
N GLU C 328 -10.53 22.34 14.51
CA GLU C 328 -10.13 23.74 14.61
C GLU C 328 -8.78 23.91 15.31
N THR C 329 -8.48 23.09 16.35
CA THR C 329 -7.15 23.21 16.98
C THR C 329 -6.04 22.74 16.04
N ALA C 330 -6.29 21.63 15.31
CA ALA C 330 -5.37 21.04 14.34
C ALA C 330 -5.10 22.03 13.17
N ILE C 331 -6.14 22.68 12.66
CA ILE C 331 -6.03 23.66 11.56
C ILE C 331 -5.30 24.91 12.03
N GLU C 332 -5.66 25.41 13.24
CA GLU C 332 -5.01 26.58 13.83
C GLU C 332 -3.49 26.35 14.00
N ALA C 333 -3.06 25.08 14.28
CA ALA C 333 -1.65 24.73 14.44
C ALA C 333 -0.87 24.79 13.12
N ILE C 334 -1.51 24.45 11.97
CA ILE C 334 -0.84 24.51 10.67
C ILE C 334 -1.15 25.80 9.91
N GLU C 335 -2.10 26.59 10.44
CA GLU C 335 -2.57 27.91 9.96
C GLU C 335 -3.54 27.88 8.77
N GLU C 336 -3.72 26.72 8.13
CA GLU C 336 -4.60 26.58 6.97
C GLU C 336 -4.96 25.13 6.69
N PHE C 337 -6.22 24.88 6.30
CA PHE C 337 -6.71 23.56 5.93
C PHE C 337 -6.61 23.46 4.39
N PRO C 338 -5.60 22.72 3.87
CA PRO C 338 -5.37 22.71 2.41
C PRO C 338 -6.25 21.71 1.66
N HIS C 339 -7.53 22.07 1.53
CA HIS C 339 -8.56 21.24 0.93
C HIS C 339 -9.75 22.12 0.57
N GLY C 340 -10.39 21.80 -0.55
CA GLY C 340 -11.57 22.50 -1.02
C GLY C 340 -11.75 22.31 -2.50
N PHE C 341 -12.98 22.48 -2.97
CA PHE C 341 -13.33 22.34 -4.39
C PHE C 341 -13.68 23.73 -4.90
N THR C 342 -13.32 23.99 -6.18
CA THR C 342 -13.56 25.29 -6.82
C THR C 342 -14.96 25.84 -6.55
N ALA C 343 -16.00 25.00 -6.76
CA ALA C 343 -17.37 25.42 -6.54
C ALA C 343 -17.91 25.20 -5.11
N SER C 344 -17.06 24.81 -4.13
CA SER C 344 -17.53 24.64 -2.73
C SER C 344 -18.19 25.93 -2.22
N GLY C 345 -19.40 25.81 -1.68
CA GLY C 345 -20.12 26.94 -1.10
C GLY C 345 -20.67 27.94 -2.09
N HIS C 346 -20.81 27.50 -3.37
CA HIS C 346 -21.37 28.26 -4.48
C HIS C 346 -22.65 29.00 -4.03
N PRO C 347 -22.73 30.34 -4.23
CA PRO C 347 -23.92 31.09 -3.80
C PRO C 347 -25.27 30.60 -4.35
N VAL C 348 -25.31 30.14 -5.62
CA VAL C 348 -26.56 29.65 -6.22
C VAL C 348 -27.01 28.37 -5.50
N GLY C 349 -26.08 27.45 -5.25
CA GLY C 349 -26.42 26.22 -4.54
C GLY C 349 -26.89 26.48 -3.12
N CYS C 350 -26.25 27.47 -2.46
CA CYS C 350 -26.59 27.79 -1.09
C CYS C 350 -27.98 28.40 -1.02
N ALA C 351 -28.33 29.29 -1.98
CA ALA C 351 -29.67 29.87 -2.02
C ALA C 351 -30.72 28.78 -2.33
N ILE C 352 -30.37 27.85 -3.23
CA ILE C 352 -31.27 26.75 -3.58
C ILE C 352 -31.49 25.83 -2.36
N ALA C 353 -30.39 25.48 -1.66
CA ALA C 353 -30.47 24.61 -0.49
C ALA C 353 -31.30 25.25 0.60
N LEU C 354 -31.10 26.58 0.86
CA LEU C 354 -31.92 27.31 1.83
C LEU C 354 -33.42 27.14 1.50
N LYS C 355 -33.76 27.25 0.19
CA LYS C 355 -35.16 27.08 -0.23
C LYS C 355 -35.63 25.63 -0.08
N ALA C 356 -34.82 24.66 -0.55
CA ALA C 356 -35.21 23.25 -0.47
C ALA C 356 -35.50 22.81 0.98
N ILE C 357 -34.65 23.20 1.94
CA ILE C 357 -34.81 22.87 3.37
C ILE C 357 -36.15 23.47 3.86
N ASP C 358 -36.42 24.72 3.48
CA ASP C 358 -37.67 25.39 3.82
C ASP C 358 -38.89 24.69 3.20
N VAL C 359 -38.77 24.25 1.93
CA VAL C 359 -39.85 23.54 1.22
C VAL C 359 -40.15 22.17 1.89
N VAL C 360 -39.10 21.41 2.17
CA VAL C 360 -39.27 20.10 2.79
C VAL C 360 -39.84 20.20 4.20
N MSE C 361 -39.21 21.02 5.04
CA MSE C 361 -39.59 21.11 6.45
C MSE C 361 -40.83 21.95 6.76
O MSE C 361 -41.61 21.54 7.62
CB MSE C 361 -38.40 21.58 7.30
CG MSE C 361 -37.18 20.68 7.17
SE MSE C 361 -35.67 21.33 8.26
CE MSE C 361 -36.35 20.73 10.05
N ASN C 362 -40.99 23.10 6.06
CA ASN C 362 -42.05 24.05 6.36
C ASN C 362 -43.16 24.18 5.33
N GLU C 363 -43.08 23.44 4.22
CA GLU C 363 -44.13 23.47 3.20
C GLU C 363 -44.90 22.16 3.06
N GLY C 364 -44.83 21.34 4.10
CA GLY C 364 -45.62 20.11 4.22
C GLY C 364 -45.10 18.83 3.59
N LEU C 365 -43.93 18.88 2.90
CA LEU C 365 -43.35 17.72 2.21
C LEU C 365 -42.90 16.63 3.18
N ALA C 366 -42.15 16.99 4.24
CA ALA C 366 -41.70 16.03 5.27
C ALA C 366 -42.93 15.51 6.03
N GLU C 367 -43.97 16.36 6.19
CA GLU C 367 -45.23 15.99 6.86
C GLU C 367 -45.99 14.99 5.98
N ASN C 368 -45.98 15.19 4.63
CA ASN C 368 -46.66 14.29 3.69
C ASN C 368 -46.08 12.87 3.74
N VAL C 369 -44.75 12.72 3.88
CA VAL C 369 -44.07 11.42 4.04
C VAL C 369 -44.63 10.69 5.24
N ARG C 370 -44.63 11.32 6.42
CA ARG C 370 -45.14 10.75 7.67
C ARG C 370 -46.62 10.36 7.52
N ARG C 371 -47.41 11.23 6.89
CA ARG C 371 -48.84 11.03 6.71
C ARG C 371 -49.17 9.86 5.78
N LEU C 372 -48.45 9.75 4.63
CA LEU C 372 -48.70 8.68 3.65
C LEU C 372 -47.90 7.38 3.85
N ALA C 373 -46.90 7.37 4.76
CA ALA C 373 -46.11 6.17 5.05
C ALA C 373 -46.96 4.94 5.52
N PRO C 374 -48.01 5.06 6.40
CA PRO C 374 -48.79 3.86 6.77
C PRO C 374 -49.48 3.22 5.56
N ARG C 375 -50.11 4.06 4.72
CA ARG C 375 -50.80 3.66 3.50
C ARG C 375 -49.81 2.96 2.52
N PHE C 376 -48.60 3.55 2.35
CA PHE C 376 -47.51 3.03 1.52
C PHE C 376 -47.17 1.59 1.98
N GLU C 377 -46.96 1.44 3.29
CA GLU C 377 -46.61 0.17 3.90
C GLU C 377 -47.73 -0.87 3.79
N GLU C 378 -49.00 -0.44 4.03
CA GLU C 378 -50.19 -1.33 4.00
C GLU C 378 -50.28 -1.97 2.61
N ARG C 379 -50.11 -1.17 1.55
CA ARG C 379 -50.12 -1.65 0.17
C ARG C 379 -48.98 -2.65 -0.10
N LEU C 380 -47.76 -2.38 0.41
CA LEU C 380 -46.61 -3.29 0.24
C LEU C 380 -46.83 -4.58 1.01
N LYS C 381 -47.43 -4.48 2.20
CA LYS C 381 -47.80 -5.62 3.06
C LYS C 381 -48.75 -6.55 2.28
N HIS C 382 -49.73 -5.96 1.55
CA HIS C 382 -50.67 -6.72 0.73
C HIS C 382 -49.94 -7.35 -0.47
N ILE C 383 -49.08 -6.58 -1.17
CA ILE C 383 -48.26 -7.06 -2.30
C ILE C 383 -47.35 -8.21 -1.85
N ALA C 384 -46.82 -8.13 -0.61
CA ALA C 384 -45.95 -9.13 -0.01
C ALA C 384 -46.62 -10.49 0.23
N GLU C 385 -47.97 -10.57 0.13
CA GLU C 385 -48.71 -11.84 0.27
C GLU C 385 -48.50 -12.73 -0.96
N ARG C 386 -48.06 -12.15 -2.09
CA ARG C 386 -47.78 -12.87 -3.34
C ARG C 386 -46.66 -13.88 -3.11
N PRO C 387 -46.77 -15.15 -3.60
CA PRO C 387 -45.69 -16.14 -3.37
C PRO C 387 -44.30 -15.76 -3.89
N ASN C 388 -44.22 -14.82 -4.84
CA ASN C 388 -42.93 -14.43 -5.41
C ASN C 388 -42.25 -13.22 -4.75
N ILE C 389 -42.81 -12.72 -3.63
CA ILE C 389 -42.23 -11.62 -2.88
C ILE C 389 -41.66 -12.18 -1.56
N GLY C 390 -40.33 -12.23 -1.49
CA GLY C 390 -39.59 -12.75 -0.34
C GLY C 390 -39.77 -11.92 0.91
N GLU C 391 -39.84 -10.59 0.72
CA GLU C 391 -40.07 -9.63 1.81
C GLU C 391 -40.32 -8.24 1.26
N TYR C 392 -40.92 -7.40 2.08
CA TYR C 392 -41.04 -5.99 1.82
C TYR C 392 -40.25 -5.37 2.97
N ARG C 393 -39.58 -4.26 2.69
CA ARG C 393 -38.78 -3.58 3.71
C ARG C 393 -38.69 -2.12 3.39
N GLY C 394 -38.44 -1.32 4.41
CA GLY C 394 -38.33 0.12 4.24
C GLY C 394 -38.92 0.87 5.39
N ILE C 395 -39.09 2.19 5.21
CA ILE C 395 -39.59 3.15 6.21
C ILE C 395 -39.92 4.45 5.46
N GLY C 396 -40.90 5.20 5.96
CA GLY C 396 -41.31 6.48 5.36
C GLY C 396 -41.61 6.37 3.87
N PHE C 397 -40.75 7.01 3.03
CA PHE C 397 -40.88 7.01 1.57
C PHE C 397 -39.70 6.32 0.85
N MSE C 398 -39.15 5.26 1.44
CA MSE C 398 -38.11 4.43 0.84
C MSE C 398 -38.46 3.00 1.12
O MSE C 398 -38.52 2.58 2.28
CB MSE C 398 -36.67 4.78 1.26
CG MSE C 398 -36.42 4.77 2.77
SE MSE C 398 -34.71 5.67 3.18
CE MSE C 398 -33.49 4.56 2.08
N TRP C 399 -38.77 2.26 0.07
CA TRP C 399 -39.22 0.88 0.24
C TRP C 399 -38.64 0.01 -0.85
N ALA C 400 -38.61 -1.30 -0.59
CA ALA C 400 -38.16 -2.31 -1.53
C ALA C 400 -39.00 -3.58 -1.43
N LEU C 401 -39.13 -4.27 -2.56
CA LEU C 401 -39.82 -5.55 -2.68
C LEU C 401 -38.79 -6.51 -3.24
N GLU C 402 -38.50 -7.58 -2.52
CA GLU C 402 -37.51 -8.57 -2.96
C GLU C 402 -38.23 -9.71 -3.64
N ALA C 403 -37.83 -10.04 -4.87
CA ALA C 403 -38.45 -11.14 -5.62
C ALA C 403 -37.75 -12.47 -5.32
N VAL C 404 -38.54 -13.55 -5.15
CA VAL C 404 -38.04 -14.90 -4.86
C VAL C 404 -38.77 -15.96 -5.71
N LYS C 405 -38.07 -17.09 -5.97
CA LYS C 405 -38.58 -18.27 -6.65
C LYS C 405 -39.45 -19.04 -5.63
N ASP C 406 -38.97 -19.14 -4.35
CA ASP C 406 -39.67 -19.82 -3.25
C ASP C 406 -39.57 -19.01 -1.95
N LYS C 407 -40.72 -18.68 -1.35
CA LYS C 407 -40.83 -17.87 -0.14
C LYS C 407 -40.23 -18.53 1.13
N ALA C 408 -40.59 -19.81 1.38
CA ALA C 408 -40.13 -20.56 2.56
C ALA C 408 -38.62 -20.74 2.66
N SER C 409 -37.95 -21.01 1.53
CA SER C 409 -36.50 -21.23 1.47
C SER C 409 -35.68 -19.99 1.09
N LYS C 410 -36.36 -18.88 0.73
CA LYS C 410 -35.74 -17.61 0.31
C LYS C 410 -34.89 -17.82 -0.97
N THR C 411 -35.27 -18.82 -1.79
CA THR C 411 -34.56 -19.13 -3.03
C THR C 411 -34.86 -18.05 -4.07
N PRO C 412 -33.85 -17.35 -4.60
CA PRO C 412 -34.14 -16.36 -5.64
C PRO C 412 -34.22 -17.03 -7.02
N PHE C 413 -34.69 -16.28 -8.03
CA PHE C 413 -34.70 -16.72 -9.43
C PHE C 413 -33.23 -16.60 -9.88
N ASP C 414 -32.78 -17.47 -10.80
CA ASP C 414 -31.41 -17.42 -11.33
C ASP C 414 -31.19 -16.04 -11.94
N GLY C 415 -30.01 -15.47 -11.71
CA GLY C 415 -29.63 -14.14 -12.19
C GLY C 415 -29.88 -13.90 -13.67
N ASN C 416 -29.80 -14.98 -14.48
CA ASN C 416 -30.01 -14.98 -15.93
C ASN C 416 -31.48 -14.71 -16.32
N LEU C 417 -32.44 -14.91 -15.39
CA LEU C 417 -33.87 -14.64 -15.61
C LEU C 417 -34.13 -13.13 -15.62
N SER C 418 -33.25 -12.33 -14.93
CA SER C 418 -33.30 -10.85 -14.81
C SER C 418 -34.68 -10.34 -14.36
N VAL C 419 -35.31 -11.01 -13.37
CA VAL C 419 -36.65 -10.73 -12.87
C VAL C 419 -36.92 -9.26 -12.49
N SER C 420 -36.01 -8.64 -11.70
CA SER C 420 -36.12 -7.23 -11.28
C SER C 420 -36.05 -6.28 -12.49
N GLU C 421 -35.09 -6.52 -13.41
CA GLU C 421 -34.91 -5.78 -14.66
C GLU C 421 -36.19 -5.87 -15.51
N ARG C 422 -36.82 -7.07 -15.57
CA ARG C 422 -38.05 -7.37 -16.30
C ARG C 422 -39.26 -6.61 -15.73
N ILE C 423 -39.32 -6.49 -14.38
CA ILE C 423 -40.39 -5.77 -13.70
C ILE C 423 -40.28 -4.27 -14.04
N ALA C 424 -39.06 -3.70 -13.93
CA ALA C 424 -38.77 -2.30 -14.22
C ALA C 424 -39.13 -1.92 -15.66
N ASN C 425 -38.72 -2.75 -16.64
CA ASN C 425 -39.00 -2.54 -18.07
C ASN C 425 -40.49 -2.52 -18.40
N THR C 426 -41.25 -3.40 -17.72
CA THR C 426 -42.70 -3.49 -17.85
C THR C 426 -43.35 -2.25 -17.21
N CYS C 427 -42.74 -1.75 -16.11
CA CYS C 427 -43.20 -0.53 -15.44
C CYS C 427 -42.97 0.66 -16.39
N THR C 428 -41.76 0.74 -17.03
CA THR C 428 -41.39 1.79 -18.00
C THR C 428 -42.39 1.83 -19.15
N ASP C 429 -42.80 0.64 -19.66
CA ASP C 429 -43.81 0.53 -20.72
C ASP C 429 -45.17 1.02 -20.26
N LEU C 430 -45.47 0.86 -18.95
CA LEU C 430 -46.72 1.33 -18.35
C LEU C 430 -46.59 2.78 -17.87
N GLY C 431 -45.45 3.41 -18.15
CA GLY C 431 -45.20 4.80 -17.77
C GLY C 431 -44.85 5.00 -16.31
N LEU C 432 -44.11 4.05 -15.73
CA LEU C 432 -43.65 4.11 -14.35
C LEU C 432 -42.15 3.86 -14.30
N ILE C 433 -41.42 4.74 -13.60
CA ILE C 433 -39.99 4.55 -13.38
C ILE C 433 -39.85 4.00 -11.97
N CYS C 434 -39.36 2.76 -11.87
CA CYS C 434 -39.05 2.06 -10.63
C CYS C 434 -37.63 1.50 -10.82
N ARG C 435 -36.88 1.28 -9.74
CA ARG C 435 -35.48 0.88 -9.86
C ARG C 435 -35.17 -0.59 -9.58
N PRO C 436 -34.57 -1.34 -10.55
CA PRO C 436 -34.15 -2.73 -10.24
C PRO C 436 -32.79 -2.73 -9.53
N LEU C 437 -32.68 -3.50 -8.45
CA LEU C 437 -31.45 -3.56 -7.65
C LEU C 437 -31.34 -4.97 -7.15
N GLY C 438 -30.42 -5.74 -7.71
CA GLY C 438 -30.28 -7.16 -7.38
C GLY C 438 -31.56 -7.87 -7.77
N GLN C 439 -32.22 -8.55 -6.80
CA GLN C 439 -33.50 -9.23 -7.04
C GLN C 439 -34.65 -8.38 -6.50
N SER C 440 -34.39 -7.10 -6.24
CA SER C 440 -35.38 -6.21 -5.67
C SER C 440 -35.85 -5.10 -6.61
N VAL C 441 -37.01 -4.56 -6.27
CA VAL C 441 -37.60 -3.40 -6.91
C VAL C 441 -37.69 -2.34 -5.81
N VAL C 442 -37.08 -1.17 -6.06
CA VAL C 442 -37.04 -0.07 -5.09
C VAL C 442 -38.01 1.05 -5.46
N LEU C 443 -38.66 1.63 -4.44
CA LEU C 443 -39.56 2.75 -4.61
C LEU C 443 -39.11 3.84 -3.65
N CYS C 444 -38.84 5.01 -4.18
CA CYS C 444 -38.44 6.17 -3.39
C CYS C 444 -39.03 7.42 -4.08
N PRO C 445 -40.38 7.57 -4.05
CA PRO C 445 -41.01 8.68 -4.80
C PRO C 445 -40.88 10.09 -4.19
N PRO C 446 -41.20 11.15 -4.98
CA PRO C 446 -41.12 12.51 -4.42
C PRO C 446 -42.09 12.68 -3.24
N PHE C 447 -41.73 13.57 -2.29
CA PHE C 447 -42.54 13.84 -1.10
C PHE C 447 -43.86 14.57 -1.44
N ILE C 448 -43.98 15.12 -2.67
CA ILE C 448 -45.18 15.82 -3.15
C ILE C 448 -46.27 14.82 -3.61
N LEU C 449 -45.94 13.51 -3.63
CA LEU C 449 -46.84 12.45 -4.09
C LEU C 449 -48.20 12.49 -3.38
N THR C 450 -49.28 12.52 -4.18
CA THR C 450 -50.66 12.50 -3.67
C THR C 450 -51.08 11.02 -3.54
N GLU C 451 -52.15 10.74 -2.75
CA GLU C 451 -52.71 9.40 -2.58
C GLU C 451 -53.06 8.78 -3.92
N ALA C 452 -53.64 9.57 -4.83
CA ALA C 452 -54.03 9.18 -6.18
C ALA C 452 -52.79 8.77 -7.01
N GLN C 453 -51.67 9.55 -6.93
CA GLN C 453 -50.45 9.20 -7.66
C GLN C 453 -49.79 7.95 -7.03
N MSE C 454 -49.89 7.81 -5.69
CA MSE C 454 -49.37 6.61 -5.04
C MSE C 454 -50.14 5.37 -5.56
O MSE C 454 -49.52 4.35 -5.86
CB MSE C 454 -49.50 6.70 -3.52
CG MSE C 454 -48.96 5.48 -2.80
SE MSE C 454 -49.07 5.67 -0.89
CE MSE C 454 -47.66 6.93 -0.61
N ASP C 455 -51.48 5.50 -5.70
CA ASP C 455 -52.36 4.45 -6.22
C ASP C 455 -51.98 4.12 -7.68
N GLU C 456 -51.67 5.17 -8.47
CA GLU C 456 -51.27 5.04 -9.86
C GLU C 456 -50.00 4.21 -9.98
N MSE C 457 -48.99 4.55 -9.15
CA MSE C 457 -47.67 3.92 -9.05
C MSE C 457 -47.83 2.45 -8.69
O MSE C 457 -47.22 1.59 -9.33
CB MSE C 457 -46.86 4.64 -7.95
CG MSE C 457 -45.53 4.02 -7.63
SE MSE C 457 -44.78 4.79 -5.99
CE MSE C 457 -45.94 4.00 -4.64
N PHE C 458 -48.65 2.18 -7.65
CA PHE C 458 -48.86 0.81 -7.22
C PHE C 458 -49.60 -0.02 -8.25
N ASP C 459 -50.62 0.56 -8.93
CA ASP C 459 -51.38 -0.16 -9.97
C ASP C 459 -50.48 -0.58 -11.14
N LYS C 460 -49.55 0.29 -11.54
CA LYS C 460 -48.60 0.02 -12.64
C LYS C 460 -47.60 -1.06 -12.25
N LEU C 461 -47.07 -1.00 -11.01
CA LEU C 461 -46.13 -1.96 -10.45
C LEU C 461 -46.81 -3.33 -10.31
N GLU C 462 -48.04 -3.39 -9.76
CA GLU C 462 -48.77 -4.66 -9.61
C GLU C 462 -49.06 -5.31 -10.95
N LYS C 463 -49.38 -4.51 -11.98
CA LYS C 463 -49.61 -5.02 -13.34
C LYS C 463 -48.30 -5.61 -13.90
N ALA C 464 -47.16 -4.97 -13.62
CA ALA C 464 -45.83 -5.44 -14.03
C ALA C 464 -45.45 -6.70 -13.24
N LEU C 465 -45.83 -6.76 -11.94
CA LEU C 465 -45.56 -7.95 -11.13
C LEU C 465 -46.39 -9.12 -11.66
N ASP C 466 -47.70 -8.89 -11.96
CA ASP C 466 -48.63 -9.89 -12.52
C ASP C 466 -48.04 -10.48 -13.80
N LYS C 467 -47.57 -9.62 -14.74
CA LYS C 467 -46.96 -10.02 -16.01
C LYS C 467 -45.75 -10.92 -15.82
N VAL C 468 -44.70 -10.39 -15.17
CA VAL C 468 -43.41 -11.03 -14.92
C VAL C 468 -43.51 -12.33 -14.12
N PHE C 469 -44.32 -12.36 -13.05
CA PHE C 469 -44.51 -13.58 -12.23
C PHE C 469 -45.35 -14.67 -12.91
N ALA C 470 -46.30 -14.30 -13.79
CA ALA C 470 -47.11 -15.29 -14.54
C ALA C 470 -46.21 -15.94 -15.60
N GLU C 471 -45.23 -15.17 -16.12
CA GLU C 471 -44.24 -15.62 -17.10
C GLU C 471 -43.22 -16.57 -16.46
N VAL C 472 -42.66 -16.22 -15.27
CA VAL C 472 -41.65 -17.05 -14.60
C VAL C 472 -42.26 -18.14 -13.72
N ASN D 22 -26.53 33.07 23.00
CA ASN D 22 -25.43 33.98 22.75
C ASN D 22 -25.37 34.45 21.27
N LYS D 23 -25.86 33.61 20.33
CA LYS D 23 -25.99 33.79 18.86
C LYS D 23 -25.21 34.91 18.12
N PRO D 24 -24.44 34.56 17.06
CA PRO D 24 -23.72 35.61 16.31
C PRO D 24 -24.65 36.59 15.58
N GLN D 25 -24.27 37.89 15.49
CA GLN D 25 -25.08 38.95 14.88
C GLN D 25 -24.53 39.48 13.54
N SER D 26 -23.24 39.85 13.49
CA SER D 26 -22.63 40.39 12.28
C SER D 26 -22.34 39.28 11.28
N TRP D 27 -22.13 39.67 10.00
CA TRP D 27 -21.80 38.71 8.93
C TRP D 27 -20.47 37.99 9.22
N GLU D 28 -19.49 38.73 9.77
CA GLU D 28 -18.18 38.23 10.14
C GLU D 28 -18.27 37.17 11.24
N ALA D 29 -19.05 37.44 12.30
CA ALA D 29 -19.24 36.51 13.44
C ALA D 29 -20.05 35.28 13.03
N ARG D 30 -21.11 35.46 12.21
CA ARG D 30 -21.93 34.34 11.72
C ARG D 30 -21.08 33.39 10.84
N ALA D 31 -20.19 33.96 10.01
CA ALA D 31 -19.28 33.19 9.16
C ALA D 31 -18.36 32.33 10.01
N GLU D 32 -17.65 32.94 11.01
CA GLU D 32 -16.73 32.19 11.88
C GLU D 32 -17.41 31.19 12.83
N THR D 33 -18.68 31.40 13.17
CA THR D 33 -19.38 30.50 14.08
C THR D 33 -19.74 29.15 13.44
N TYR D 34 -20.06 29.13 12.14
CA TYR D 34 -20.57 27.94 11.46
C TYR D 34 -19.75 27.38 10.30
N SER D 35 -18.68 28.07 9.89
CA SER D 35 -17.86 27.66 8.74
C SER D 35 -16.59 26.92 9.15
N LEU D 36 -16.24 25.91 8.37
CA LEU D 36 -14.95 25.23 8.41
C LEU D 36 -14.31 25.71 7.09
N TYR D 37 -13.30 26.58 7.18
CA TYR D 37 -12.68 27.20 6.01
C TYR D 37 -11.62 26.34 5.34
N GLY D 38 -11.71 26.24 4.01
CA GLY D 38 -10.68 25.56 3.24
C GLY D 38 -9.84 26.59 2.50
N PHE D 39 -8.52 26.29 2.32
CA PHE D 39 -7.57 27.16 1.63
C PHE D 39 -7.65 28.63 2.09
N THR D 40 -7.75 28.79 3.41
CA THR D 40 -7.90 30.08 4.08
C THR D 40 -6.88 30.17 5.19
N ASP D 41 -6.01 31.17 5.09
CA ASP D 41 -5.01 31.44 6.11
C ASP D 41 -5.77 31.94 7.35
N MSE D 42 -5.77 31.12 8.41
CA MSE D 42 -6.48 31.43 9.65
C MSE D 42 -6.00 32.67 10.42
O MSE D 42 -6.86 33.45 10.81
CB MSE D 42 -6.67 30.18 10.54
CG MSE D 42 -7.42 29.04 9.83
SE MSE D 42 -9.13 29.57 9.02
CE MSE D 42 -10.12 29.88 10.69
N PRO D 43 -4.66 32.93 10.60
CA PRO D 43 -4.25 34.18 11.29
C PRO D 43 -4.76 35.44 10.58
N SER D 44 -4.68 35.49 9.24
CA SER D 44 -5.17 36.63 8.47
C SER D 44 -6.69 36.73 8.52
N LEU D 45 -7.39 35.57 8.56
CA LEU D 45 -8.86 35.57 8.65
C LEU D 45 -9.28 36.15 10.02
N HIS D 46 -8.58 35.78 11.10
CA HIS D 46 -8.86 36.26 12.45
C HIS D 46 -8.60 37.77 12.62
N GLN D 47 -7.62 38.30 11.90
CA GLN D 47 -7.28 39.74 11.95
C GLN D 47 -8.22 40.58 11.06
N ARG D 48 -8.45 40.13 9.81
CA ARG D 48 -9.26 40.86 8.83
C ARG D 48 -10.77 40.60 8.94
N GLY D 49 -11.15 39.40 9.32
CA GLY D 49 -12.53 38.94 9.36
C GLY D 49 -12.87 38.40 7.98
N THR D 50 -13.91 37.57 7.88
CA THR D 50 -14.34 37.00 6.59
C THR D 50 -14.81 38.14 5.67
N VAL D 51 -14.45 38.10 4.38
CA VAL D 51 -14.93 39.08 3.41
C VAL D 51 -16.19 38.43 2.82
N VAL D 52 -17.36 38.94 3.21
CA VAL D 52 -18.64 38.37 2.78
C VAL D 52 -19.12 39.13 1.53
N VAL D 53 -19.17 38.41 0.40
CA VAL D 53 -19.48 38.96 -0.94
C VAL D 53 -20.96 38.73 -1.27
N THR D 54 -21.64 39.76 -1.78
CA THR D 54 -23.07 39.71 -2.07
C THR D 54 -23.44 39.72 -3.55
N HIS D 55 -22.60 40.32 -4.40
CA HIS D 55 -22.87 40.50 -5.83
C HIS D 55 -21.62 41.05 -6.50
N GLY D 56 -21.67 41.12 -7.82
CA GLY D 56 -20.59 41.68 -8.60
C GLY D 56 -21.11 42.44 -9.81
N GLU D 57 -20.19 43.11 -10.52
CA GLU D 57 -20.55 43.87 -11.73
C GLU D 57 -19.32 43.78 -12.60
N GLY D 58 -19.48 43.24 -13.80
CA GLY D 58 -18.35 43.04 -14.70
C GLY D 58 -17.26 42.25 -13.99
N PRO D 59 -15.99 42.76 -13.96
CA PRO D 59 -14.92 42.02 -13.23
C PRO D 59 -14.80 42.40 -11.73
N TYR D 60 -15.76 43.19 -11.21
CA TYR D 60 -15.76 43.66 -9.82
C TYR D 60 -16.66 42.82 -8.90
N ILE D 61 -16.23 42.62 -7.65
CA ILE D 61 -17.04 41.96 -6.61
C ILE D 61 -17.33 42.97 -5.55
N VAL D 62 -18.46 42.83 -4.86
CA VAL D 62 -18.87 43.80 -3.87
C VAL D 62 -19.20 43.07 -2.57
N ASP D 63 -18.58 43.50 -1.47
CA ASP D 63 -18.82 42.88 -0.17
C ASP D 63 -20.01 43.50 0.61
N VAL D 64 -20.36 42.93 1.78
CA VAL D 64 -21.47 43.39 2.64
C VAL D 64 -21.34 44.86 3.10
N ASN D 65 -20.10 45.37 3.14
CA ASN D 65 -19.82 46.76 3.52
C ASN D 65 -19.80 47.72 2.32
N GLY D 66 -20.11 47.19 1.14
CA GLY D 66 -20.14 47.99 -0.08
C GLY D 66 -18.78 48.32 -0.65
N ARG D 67 -17.74 47.56 -0.25
CA ARG D 67 -16.40 47.75 -0.81
C ARG D 67 -16.35 46.94 -2.10
N ARG D 68 -15.90 47.58 -3.18
CA ARG D 68 -15.82 47.00 -4.50
C ARG D 68 -14.37 46.67 -4.83
N TYR D 69 -14.11 45.44 -5.27
CA TYR D 69 -12.76 45.00 -5.63
C TYR D 69 -12.72 44.50 -7.02
N LEU D 70 -11.65 44.83 -7.75
CA LEU D 70 -11.44 44.30 -9.09
C LEU D 70 -10.90 42.90 -8.84
N ASP D 71 -11.67 41.85 -9.21
CA ASP D 71 -11.21 40.48 -8.96
C ASP D 71 -10.36 40.04 -10.15
N ALA D 72 -9.04 40.27 -10.02
CA ALA D 72 -8.09 39.96 -11.08
C ALA D 72 -7.74 38.46 -11.13
N ASN D 73 -8.48 37.63 -10.37
CA ASN D 73 -8.33 36.17 -10.38
C ASN D 73 -9.58 35.46 -10.89
N SER D 74 -10.56 36.24 -11.45
CA SER D 74 -11.86 35.74 -11.99
C SER D 74 -12.55 34.83 -10.97
N GLY D 75 -12.42 35.19 -9.70
CA GLY D 75 -12.89 34.35 -8.60
C GLY D 75 -11.82 33.31 -8.37
N LEU D 76 -11.95 32.15 -9.03
CA LEU D 76 -10.99 31.04 -8.98
C LEU D 76 -10.71 30.57 -10.43
N TRP D 77 -10.13 31.49 -11.26
CA TRP D 77 -9.78 31.33 -12.68
C TRP D 77 -11.01 31.21 -13.60
N ASN D 78 -12.15 30.88 -13.01
CA ASN D 78 -13.32 30.44 -13.75
C ASN D 78 -14.34 31.42 -14.23
N MSE D 79 -14.49 32.56 -13.56
CA MSE D 79 -15.57 33.48 -13.91
C MSE D 79 -15.13 34.49 -14.97
O MSE D 79 -15.08 35.71 -14.76
CB MSE D 79 -16.23 34.05 -12.65
CG MSE D 79 -16.72 32.91 -11.74
SE MSE D 79 -17.82 33.48 -10.33
CE MSE D 79 -19.35 34.13 -11.41
N VAL D 80 -14.81 33.93 -16.13
CA VAL D 80 -14.26 34.59 -17.31
C VAL D 80 -15.17 35.62 -17.93
N ALA D 81 -16.50 35.49 -17.73
CA ALA D 81 -17.49 36.44 -18.25
C ALA D 81 -17.90 37.45 -17.17
N GLY D 82 -17.17 37.49 -16.06
CA GLY D 82 -17.47 38.41 -14.98
C GLY D 82 -18.54 37.88 -14.04
N PHE D 83 -19.05 38.75 -13.16
CA PHE D 83 -19.97 38.38 -12.11
C PHE D 83 -21.45 38.71 -12.31
N ASP D 84 -21.83 39.33 -13.44
CA ASP D 84 -23.25 39.63 -13.67
C ASP D 84 -23.61 39.46 -15.16
N HIS D 85 -22.89 38.58 -15.88
CA HIS D 85 -23.11 38.39 -17.31
C HIS D 85 -24.59 38.06 -17.63
N LYS D 86 -25.26 39.01 -18.33
CA LYS D 86 -26.68 38.89 -18.65
C LYS D 86 -27.11 37.66 -19.46
N GLY D 87 -26.34 37.33 -20.49
CA GLY D 87 -26.64 36.18 -21.34
C GLY D 87 -26.62 34.91 -20.53
N LEU D 88 -25.61 34.78 -19.67
CA LEU D 88 -25.45 33.61 -18.82
C LEU D 88 -26.51 33.51 -17.74
N ILE D 89 -26.89 34.66 -17.14
CA ILE D 89 -27.96 34.70 -16.13
C ILE D 89 -29.28 34.22 -16.79
N ASP D 90 -29.58 34.74 -18.00
CA ASP D 90 -30.78 34.37 -18.73
C ASP D 90 -30.81 32.88 -19.14
N ALA D 91 -29.67 32.34 -19.58
CA ALA D 91 -29.59 30.91 -19.97
C ALA D 91 -29.84 30.00 -18.77
N ALA D 92 -29.30 30.37 -17.59
CA ALA D 92 -29.47 29.61 -16.33
C ALA D 92 -30.95 29.64 -15.96
N LYS D 93 -31.57 30.86 -15.95
CA LYS D 93 -32.99 31.03 -15.62
C LYS D 93 -33.88 30.25 -16.57
N ALA D 94 -33.60 30.32 -17.90
CA ALA D 94 -34.41 29.61 -18.91
C ALA D 94 -34.39 28.10 -18.69
N GLN D 95 -33.23 27.54 -18.27
CA GLN D 95 -33.18 26.10 -18.01
C GLN D 95 -33.94 25.68 -16.76
N TYR D 96 -33.90 26.50 -15.69
CA TYR D 96 -34.67 26.21 -14.47
C TYR D 96 -36.17 26.16 -14.78
N GLU D 97 -36.61 27.07 -15.67
CA GLU D 97 -38.00 27.10 -16.13
C GLU D 97 -38.34 25.90 -17.02
N ARG D 98 -37.36 25.38 -17.77
CA ARG D 98 -37.57 24.25 -18.69
C ARG D 98 -37.54 22.88 -17.99
N PHE D 99 -36.40 22.52 -17.39
CA PHE D 99 -36.20 21.24 -16.70
C PHE D 99 -35.07 21.49 -15.69
N PRO D 100 -35.42 21.58 -14.36
CA PRO D 100 -34.45 22.05 -13.35
C PRO D 100 -33.51 21.02 -12.75
N GLY D 101 -33.59 19.78 -13.23
CA GLY D 101 -32.71 18.74 -12.73
C GLY D 101 -33.10 17.36 -13.17
N TYR D 102 -32.07 16.52 -13.29
CA TYR D 102 -32.12 15.11 -13.61
C TYR D 102 -30.73 14.51 -13.53
N HIS D 103 -30.62 13.22 -13.83
CA HIS D 103 -29.38 12.45 -13.77
C HIS D 103 -29.09 11.89 -15.17
N ALA D 104 -28.07 11.06 -15.28
CA ALA D 104 -27.65 10.46 -16.54
C ALA D 104 -27.33 8.97 -16.34
N PHE D 105 -28.04 8.31 -15.41
CA PHE D 105 -27.85 6.89 -15.12
C PHE D 105 -29.00 6.10 -15.75
N PHE D 106 -28.88 4.76 -15.74
CA PHE D 106 -29.91 3.81 -16.16
C PHE D 106 -30.47 4.04 -17.57
N GLY D 107 -29.62 4.48 -18.49
CA GLY D 107 -30.04 4.74 -19.87
C GLY D 107 -31.02 5.88 -20.08
N ARG D 108 -31.01 6.85 -19.16
CA ARG D 108 -31.85 8.06 -19.21
C ARG D 108 -30.94 9.26 -19.02
N MSE D 109 -31.26 10.39 -19.67
CA MSE D 109 -30.49 11.64 -19.55
C MSE D 109 -31.27 12.75 -20.18
O MSE D 109 -32.18 12.49 -20.96
CB MSE D 109 -29.08 11.55 -20.18
CG MSE D 109 -29.08 11.17 -21.67
SE MSE D 109 -27.31 11.18 -22.49
CE MSE D 109 -26.26 10.11 -21.11
N SER D 110 -30.92 14.00 -19.86
CA SER D 110 -31.62 15.13 -20.44
C SER D 110 -31.21 15.41 -21.89
N ASP D 111 -32.04 16.15 -22.63
CA ASP D 111 -31.70 16.60 -23.99
C ASP D 111 -30.45 17.50 -23.94
N GLN D 112 -30.35 18.33 -22.86
CA GLN D 112 -29.21 19.25 -22.62
C GLN D 112 -27.89 18.48 -22.50
N THR D 113 -27.93 17.27 -21.89
CA THR D 113 -26.76 16.39 -21.73
C THR D 113 -26.25 15.91 -23.10
N VAL D 114 -27.16 15.43 -23.95
CA VAL D 114 -26.85 14.97 -25.31
C VAL D 114 -26.25 16.12 -26.11
N MSE D 115 -26.85 17.33 -26.02
CA MSE D 115 -26.39 18.51 -26.76
C MSE D 115 -25.02 18.96 -26.32
O MSE D 115 -24.21 19.35 -27.16
CB MSE D 115 -27.39 19.67 -26.61
CG MSE D 115 -28.76 19.38 -27.25
SE MSE D 115 -30.15 20.58 -26.52
CE MSE D 115 -29.71 22.04 -27.61
N LEU D 116 -24.74 18.91 -25.01
CA LEU D 116 -23.42 19.29 -24.52
C LEU D 116 -22.32 18.31 -24.94
N SER D 117 -22.58 16.98 -24.88
CA SER D 117 -21.58 15.97 -25.30
C SER D 117 -21.22 16.18 -26.78
N GLU D 118 -22.24 16.44 -27.61
CA GLU D 118 -22.08 16.69 -29.04
C GLU D 118 -21.20 17.94 -29.24
N LYS D 119 -21.52 19.03 -28.52
CA LYS D 119 -20.79 20.30 -28.57
C LYS D 119 -19.35 20.14 -28.08
N LEU D 120 -19.16 19.41 -26.97
CA LEU D 120 -17.82 19.20 -26.41
C LEU D 120 -16.88 18.45 -27.35
N VAL D 121 -17.39 17.40 -28.00
CA VAL D 121 -16.55 16.64 -28.96
C VAL D 121 -16.20 17.58 -30.13
N GLU D 122 -17.18 18.39 -30.56
CA GLU D 122 -17.04 19.35 -31.64
C GLU D 122 -15.89 20.36 -31.38
N VAL D 123 -15.90 21.03 -30.20
CA VAL D 123 -14.90 22.04 -29.84
C VAL D 123 -13.56 21.47 -29.38
N SER D 124 -13.55 20.19 -28.94
CA SER D 124 -12.31 19.52 -28.55
C SER D 124 -11.44 19.38 -29.83
N PRO D 125 -10.12 19.12 -29.70
CA PRO D 125 -9.30 18.91 -30.92
C PRO D 125 -9.50 17.52 -31.53
N PHE D 126 -10.39 16.68 -30.94
CA PHE D 126 -10.67 15.34 -31.44
C PHE D 126 -11.67 15.36 -32.56
N ASP D 127 -11.52 14.43 -33.52
CA ASP D 127 -12.43 14.30 -34.65
C ASP D 127 -13.74 13.66 -34.18
N SER D 128 -13.65 12.77 -33.18
CA SER D 128 -14.76 12.04 -32.60
C SER D 128 -14.37 11.68 -31.16
N GLY D 129 -15.34 11.25 -30.37
CA GLY D 129 -15.08 10.87 -29.01
C GLY D 129 -16.31 10.78 -28.14
N ARG D 130 -16.09 10.62 -26.82
CA ARG D 130 -17.16 10.46 -25.83
C ARG D 130 -16.93 11.34 -24.63
N VAL D 131 -18.02 11.75 -23.97
CA VAL D 131 -17.95 12.63 -22.80
C VAL D 131 -18.60 11.96 -21.60
N PHE D 132 -17.93 12.03 -20.46
CA PHE D 132 -18.43 11.55 -19.17
C PHE D 132 -18.44 12.77 -18.25
N TYR D 133 -19.53 12.95 -17.49
CA TYR D 133 -19.71 14.11 -16.63
C TYR D 133 -19.44 13.90 -15.17
N THR D 134 -18.95 14.98 -14.54
CA THR D 134 -18.70 15.09 -13.10
C THR D 134 -19.18 16.48 -12.67
N ASN D 135 -19.03 16.79 -11.37
CA ASN D 135 -19.35 18.10 -10.84
C ASN D 135 -18.08 18.93 -10.80
N SER D 136 -16.94 18.29 -10.51
CA SER D 136 -15.68 19.02 -10.36
C SER D 136 -14.50 18.48 -11.18
N GLY D 137 -13.44 19.27 -11.21
CA GLY D 137 -12.16 18.84 -11.81
C GLY D 137 -11.52 17.74 -10.99
N SER D 138 -11.64 17.79 -9.63
CA SER D 138 -11.09 16.72 -8.76
C SER D 138 -11.77 15.38 -9.07
N GLU D 139 -13.10 15.39 -9.22
CA GLU D 139 -13.85 14.20 -9.55
C GLU D 139 -13.50 13.70 -10.95
N ALA D 140 -13.32 14.62 -11.91
CA ALA D 140 -13.00 14.27 -13.31
C ALA D 140 -11.62 13.58 -13.39
N ASN D 141 -10.63 14.09 -12.62
CA ASN D 141 -9.30 13.44 -12.55
C ASN D 141 -9.39 12.09 -11.83
N ASP D 142 -10.18 12.04 -10.73
CA ASP D 142 -10.36 10.78 -9.97
C ASP D 142 -11.00 9.75 -10.90
N THR D 143 -11.99 10.19 -11.70
CA THR D 143 -12.73 9.36 -12.68
C THR D 143 -11.76 8.83 -13.77
N MSE D 144 -10.94 9.73 -14.35
CA MSE D 144 -9.97 9.34 -15.39
C MSE D 144 -9.02 8.26 -14.85
O MSE D 144 -8.75 7.30 -15.56
CB MSE D 144 -9.21 10.56 -15.91
CG MSE D 144 -8.39 10.26 -17.18
SE MSE D 144 -9.49 9.85 -18.72
CE MSE D 144 -8.88 8.12 -19.12
N VAL D 145 -8.53 8.39 -13.62
CA VAL D 145 -7.68 7.37 -12.99
C VAL D 145 -8.43 6.00 -12.95
N LYS D 146 -9.66 5.99 -12.44
CA LYS D 146 -10.48 4.77 -12.35
C LYS D 146 -10.72 4.19 -13.76
N MSE D 147 -10.94 5.07 -14.75
CA MSE D 147 -11.14 4.61 -16.14
C MSE D 147 -9.91 3.89 -16.66
O MSE D 147 -10.04 2.83 -17.27
CB MSE D 147 -11.46 5.79 -17.05
CG MSE D 147 -12.91 6.18 -17.00
SE MSE D 147 -13.08 7.89 -17.94
CE MSE D 147 -15.02 8.03 -17.98
N LEU D 148 -8.70 4.43 -16.37
CA LEU D 148 -7.43 3.78 -16.75
C LEU D 148 -7.23 2.44 -16.05
N TRP D 149 -7.47 2.37 -14.72
CA TRP D 149 -7.36 1.12 -13.97
C TRP D 149 -8.30 0.08 -14.53
N PHE D 150 -9.52 0.52 -14.87
CA PHE D 150 -10.56 -0.34 -15.43
C PHE D 150 -10.12 -0.90 -16.78
N LEU D 151 -9.66 -0.02 -17.67
CA LEU D 151 -9.25 -0.35 -19.03
C LEU D 151 -8.04 -1.29 -19.10
N HIS D 152 -6.95 -0.93 -18.41
CA HIS D 152 -5.75 -1.77 -18.42
C HIS D 152 -6.01 -3.15 -17.86
N ALA D 153 -6.79 -3.26 -16.75
CA ALA D 153 -7.12 -4.58 -16.18
C ALA D 153 -7.97 -5.40 -17.15
N ALA D 154 -8.98 -4.75 -17.80
CA ALA D 154 -9.83 -5.41 -18.80
C ALA D 154 -9.00 -5.88 -19.99
N GLU D 155 -7.91 -5.14 -20.34
CA GLU D 155 -6.99 -5.48 -21.44
C GLU D 155 -5.86 -6.45 -21.00
N GLY D 156 -6.04 -7.05 -19.82
CA GLY D 156 -5.13 -8.05 -19.27
C GLY D 156 -3.85 -7.52 -18.61
N LYS D 157 -3.86 -6.27 -18.14
CA LYS D 157 -2.72 -5.68 -17.42
C LYS D 157 -3.20 -5.03 -16.10
N PRO D 158 -3.66 -5.85 -15.12
CA PRO D 158 -4.16 -5.27 -13.86
C PRO D 158 -3.13 -4.56 -12.98
N GLN D 159 -1.83 -4.78 -13.22
CA GLN D 159 -0.75 -4.12 -12.50
C GLN D 159 -0.48 -2.70 -13.05
N LYS D 160 -1.05 -2.39 -14.24
CA LYS D 160 -0.87 -1.07 -14.90
C LYS D 160 -1.77 -0.05 -14.18
N ARG D 161 -1.27 0.49 -13.04
CA ARG D 161 -2.02 1.37 -12.14
C ARG D 161 -1.37 2.69 -11.74
N LYS D 162 -0.02 2.80 -11.87
CA LYS D 162 0.73 3.99 -11.45
C LYS D 162 0.40 5.18 -12.31
N ILE D 163 0.31 6.36 -11.68
CA ILE D 163 -0.04 7.60 -12.36
C ILE D 163 1.15 8.54 -12.29
N LEU D 164 1.56 9.06 -13.43
CA LEU D 164 2.67 10.00 -13.49
C LEU D 164 2.14 11.43 -13.57
N THR D 165 2.59 12.29 -12.67
CA THR D 165 2.29 13.71 -12.73
C THR D 165 3.62 14.45 -12.49
N ARG D 166 3.58 15.78 -12.37
CA ARG D 166 4.81 16.54 -12.10
C ARG D 166 4.73 17.15 -10.71
N TRP D 167 5.89 17.38 -10.10
CA TRP D 167 5.95 18.15 -8.87
C TRP D 167 5.45 19.56 -9.25
N ASN D 168 4.72 20.23 -8.35
CA ASN D 168 4.05 21.55 -8.52
C ASN D 168 2.73 21.47 -9.28
N ALA D 169 2.38 20.28 -9.83
CA ALA D 169 1.11 20.09 -10.52
C ALA D 169 0.00 20.20 -9.50
N TYR D 170 -1.18 20.62 -9.95
CA TYR D 170 -2.39 20.65 -9.11
C TYR D 170 -3.48 20.02 -9.94
N HIS D 171 -4.07 18.93 -9.40
CA HIS D 171 -5.11 18.19 -10.12
C HIS D 171 -6.40 18.01 -9.31
N GLY D 172 -6.43 18.58 -8.12
CA GLY D 172 -7.59 18.46 -7.24
C GLY D 172 -7.31 17.96 -5.84
N VAL D 173 -8.41 17.76 -5.09
CA VAL D 173 -8.36 17.44 -3.66
C VAL D 173 -8.96 16.11 -3.19
N THR D 174 -9.46 15.24 -4.08
CA THR D 174 -9.91 13.92 -3.57
C THR D 174 -8.62 13.15 -3.16
N ALA D 175 -8.73 12.02 -2.42
CA ALA D 175 -7.48 11.34 -2.02
C ALA D 175 -6.60 11.05 -3.22
N VAL D 176 -7.21 10.61 -4.34
CA VAL D 176 -6.46 10.35 -5.59
C VAL D 176 -5.98 11.63 -6.29
N SER D 177 -6.86 12.62 -6.51
CA SER D 177 -6.44 13.86 -7.18
C SER D 177 -5.43 14.69 -6.39
N ALA D 178 -5.46 14.60 -5.04
CA ALA D 178 -4.45 15.24 -4.15
C ALA D 178 -3.13 14.48 -4.25
N SER D 179 -3.21 13.14 -4.52
CA SER D 179 -1.98 12.33 -4.62
C SER D 179 -1.29 12.67 -5.95
N MSE D 180 -2.08 13.06 -6.99
CA MSE D 180 -1.61 13.50 -8.31
C MSE D 180 -1.00 14.92 -8.20
O MSE D 180 -0.09 15.27 -8.93
CB MSE D 180 -2.80 13.55 -9.27
CG MSE D 180 -3.31 12.18 -9.60
SE MSE D 180 -4.93 12.21 -10.59
CE MSE D 180 -4.28 13.22 -12.15
N THR D 181 -1.57 15.75 -7.32
CA THR D 181 -1.10 17.12 -7.04
C THR D 181 0.32 17.00 -6.43
N GLY D 182 1.25 17.85 -6.82
CA GLY D 182 2.62 17.79 -6.29
C GLY D 182 2.89 18.95 -5.36
N LYS D 183 2.17 19.00 -4.25
CA LYS D 183 2.24 20.07 -3.25
C LYS D 183 2.70 19.57 -1.89
N PRO D 184 3.63 20.28 -1.21
CA PRO D 184 4.11 19.80 0.09
C PRO D 184 3.02 19.73 1.18
N TYR D 185 1.96 20.53 1.06
CA TYR D 185 0.88 20.54 2.05
C TYR D 185 0.11 19.24 2.17
N ASN D 186 0.16 18.37 1.14
CA ASN D 186 -0.54 17.09 1.18
C ASN D 186 -0.04 16.07 2.20
N SER D 187 1.16 16.31 2.78
CA SER D 187 1.76 15.51 3.85
C SER D 187 0.84 15.51 5.09
N VAL D 188 0.05 16.58 5.28
CA VAL D 188 -0.87 16.67 6.44
C VAL D 188 -1.96 15.56 6.42
N PHE D 189 -2.25 15.00 5.23
CA PHE D 189 -3.24 13.91 5.04
C PHE D 189 -2.58 12.52 4.88
N GLY D 190 -1.25 12.46 4.96
CA GLY D 190 -0.51 11.22 4.78
C GLY D 190 -0.52 10.79 3.33
N LEU D 191 -0.62 11.80 2.43
CA LEU D 191 -0.67 11.64 0.98
C LEU D 191 0.67 12.09 0.33
N PRO D 192 1.05 11.60 -0.87
CA PRO D 192 0.29 10.75 -1.81
C PRO D 192 0.10 9.30 -1.39
N LEU D 193 -0.95 8.69 -1.92
CA LEU D 193 -1.19 7.27 -1.76
C LEU D 193 -0.07 6.59 -2.60
N PRO D 194 0.26 5.30 -2.38
CA PRO D 194 1.27 4.66 -3.25
C PRO D 194 0.78 4.61 -4.70
N GLY D 195 1.72 4.58 -5.63
CA GLY D 195 1.44 4.52 -7.06
C GLY D 195 1.29 5.86 -7.75
N PHE D 196 1.64 6.96 -7.06
CA PHE D 196 1.56 8.32 -7.63
C PHE D 196 2.97 8.87 -7.66
N VAL D 197 3.54 8.96 -8.88
CA VAL D 197 4.93 9.35 -9.11
C VAL D 197 4.99 10.80 -9.62
N HIS D 198 5.84 11.65 -9.01
CA HIS D 198 5.96 13.06 -9.41
C HIS D 198 7.28 13.29 -10.12
N LEU D 199 7.20 13.70 -11.39
CA LEU D 199 8.37 14.00 -12.20
C LEU D 199 8.83 15.41 -11.91
N THR D 200 10.05 15.78 -12.38
CA THR D 200 10.55 17.16 -12.23
C THR D 200 9.63 18.14 -12.96
N CYS D 201 9.36 19.27 -12.30
CA CYS D 201 8.56 20.36 -12.83
C CYS D 201 9.34 21.07 -13.94
N PRO D 202 8.76 21.19 -15.15
CA PRO D 202 9.46 21.89 -16.24
C PRO D 202 9.49 23.42 -16.10
N HIS D 203 9.78 23.92 -14.89
CA HIS D 203 9.96 25.36 -14.61
C HIS D 203 11.45 25.65 -14.74
N TYR D 204 11.86 26.19 -15.88
CA TYR D 204 13.29 26.41 -16.13
C TYR D 204 14.00 27.34 -15.13
N TRP D 205 13.40 28.49 -14.80
CA TRP D 205 14.00 29.46 -13.88
C TRP D 205 14.28 28.87 -12.46
N ARG D 206 13.40 27.98 -12.00
CA ARG D 206 13.53 27.39 -10.68
C ARG D 206 14.40 26.13 -10.65
N TYR D 207 14.17 25.23 -11.63
CA TYR D 207 14.81 23.91 -11.65
C TYR D 207 15.99 23.70 -12.59
N GLY D 208 16.22 24.64 -13.51
CA GLY D 208 17.39 24.57 -14.36
C GLY D 208 18.62 24.72 -13.47
N GLU D 209 19.64 23.88 -13.68
CA GLU D 209 20.87 23.93 -12.87
C GLU D 209 21.82 24.98 -13.39
N GLU D 210 22.89 25.29 -12.61
CA GLU D 210 23.91 26.26 -13.03
C GLU D 210 24.59 25.71 -14.27
N GLY D 211 24.64 26.54 -15.31
CA GLY D 211 25.24 26.15 -16.58
C GLY D 211 24.38 25.32 -17.50
N GLU D 212 23.16 25.00 -17.07
CA GLU D 212 22.24 24.19 -17.83
C GLU D 212 21.31 25.11 -18.65
N THR D 213 21.40 25.04 -19.99
CA THR D 213 20.54 25.86 -20.88
C THR D 213 19.12 25.27 -20.82
N GLU D 214 18.13 26.02 -21.36
CA GLU D 214 16.74 25.58 -21.41
C GLU D 214 16.59 24.29 -22.21
N GLU D 215 17.34 24.19 -23.33
CA GLU D 215 17.38 23.01 -24.20
C GLU D 215 17.93 21.77 -23.43
N GLN D 216 19.03 21.96 -22.66
CA GLN D 216 19.65 20.90 -21.84
C GLN D 216 18.70 20.47 -20.73
N PHE D 217 17.99 21.44 -20.13
CA PHE D 217 17.01 21.19 -19.06
C PHE D 217 15.88 20.29 -19.59
N VAL D 218 15.39 20.58 -20.82
CA VAL D 218 14.33 19.78 -21.46
C VAL D 218 14.84 18.37 -21.79
N ALA D 219 16.06 18.27 -22.36
CA ALA D 219 16.69 16.98 -22.66
C ALA D 219 16.82 16.15 -21.37
N ARG D 220 17.16 16.81 -20.23
CA ARG D 220 17.30 16.16 -18.92
C ARG D 220 15.94 15.64 -18.45
N LEU D 221 14.88 16.46 -18.58
CA LEU D 221 13.53 16.05 -18.17
C LEU D 221 13.11 14.83 -18.95
N ALA D 222 13.43 14.79 -20.28
CA ALA D 222 13.13 13.64 -21.15
C ALA D 222 13.91 12.41 -20.67
N ARG D 223 15.23 12.57 -20.38
CA ARG D 223 16.09 11.51 -19.85
C ARG D 223 15.53 10.94 -18.52
N GLU D 224 15.15 11.83 -17.59
CA GLU D 224 14.56 11.46 -16.28
C GLU D 224 13.26 10.67 -16.44
N LEU D 225 12.39 11.08 -17.39
CA LEU D 225 11.12 10.38 -17.63
C LEU D 225 11.37 8.96 -18.10
N GLU D 226 12.25 8.77 -19.11
CA GLU D 226 12.62 7.46 -19.64
C GLU D 226 13.21 6.53 -18.55
N GLU D 227 14.07 7.11 -17.68
CA GLU D 227 14.72 6.39 -16.57
C GLU D 227 13.64 5.95 -15.55
N THR D 228 12.71 6.86 -15.22
CA THR D 228 11.57 6.57 -14.34
C THR D 228 10.71 5.46 -14.92
N ILE D 229 10.37 5.55 -16.21
CA ILE D 229 9.56 4.50 -16.85
C ILE D 229 10.27 3.14 -16.77
N GLN D 230 11.58 3.10 -17.07
CA GLN D 230 12.36 1.87 -17.02
C GLN D 230 12.45 1.29 -15.60
N ARG D 231 12.64 2.14 -14.57
CA ARG D 231 12.75 1.69 -13.18
C ARG D 231 11.41 1.19 -12.65
N GLU D 232 10.33 1.90 -12.96
CA GLU D 232 9.00 1.49 -12.51
C GLU D 232 8.47 0.30 -13.30
N GLY D 233 8.81 0.26 -14.60
CA GLY D 233 8.32 -0.72 -15.56
C GLY D 233 7.07 -0.14 -16.21
N ALA D 234 7.10 0.05 -17.55
CA ALA D 234 5.99 0.63 -18.33
C ALA D 234 4.65 -0.10 -18.11
N ASP D 235 4.70 -1.46 -17.97
CA ASP D 235 3.52 -2.30 -17.71
C ASP D 235 2.84 -2.02 -16.38
N THR D 236 3.47 -1.24 -15.50
CA THR D 236 2.91 -0.85 -14.20
C THR D 236 2.38 0.60 -14.22
N ILE D 237 2.52 1.30 -15.34
CA ILE D 237 2.13 2.73 -15.42
C ILE D 237 0.86 2.95 -16.20
N ALA D 238 -0.21 3.41 -15.52
CA ALA D 238 -1.54 3.61 -16.09
C ALA D 238 -1.71 4.84 -16.99
N GLY D 239 -1.00 5.90 -16.67
CA GLY D 239 -1.16 7.13 -17.44
C GLY D 239 -0.34 8.29 -16.94
N PHE D 240 -0.33 9.33 -17.75
CA PHE D 240 0.37 10.58 -17.47
C PHE D 240 -0.63 11.73 -17.63
N PHE D 241 -0.65 12.65 -16.67
CA PHE D 241 -1.53 13.81 -16.72
C PHE D 241 -0.65 15.06 -16.64
N ALA D 242 -0.97 16.06 -17.44
CA ALA D 242 -0.27 17.34 -17.37
C ALA D 242 -1.22 18.48 -17.63
N GLU D 243 -1.06 19.54 -16.85
CA GLU D 243 -1.70 20.81 -17.11
C GLU D 243 -0.75 21.39 -18.17
N PRO D 244 -1.22 21.86 -19.35
CA PRO D 244 -0.29 22.45 -20.34
C PRO D 244 0.52 23.60 -19.71
N VAL D 245 -0.17 24.51 -18.99
CA VAL D 245 0.45 25.59 -18.22
C VAL D 245 -0.02 25.32 -16.80
N MSE D 246 0.91 25.17 -15.84
CA MSE D 246 0.54 24.92 -14.43
C MSE D 246 -0.10 26.13 -13.83
O MSE D 246 0.39 27.24 -14.05
CB MSE D 246 1.77 24.50 -13.61
CG MSE D 246 2.21 23.12 -13.96
SE MSE D 246 3.97 22.89 -13.27
CE MSE D 246 4.00 20.97 -13.18
N GLY D 247 -1.24 25.94 -13.16
CA GLY D 247 -2.02 27.01 -12.57
C GLY D 247 -1.65 27.29 -11.12
N ALA D 248 -2.22 26.51 -10.19
CA ALA D 248 -2.00 26.61 -8.73
C ALA D 248 -0.53 26.47 -8.32
N GLY D 249 0.30 25.90 -9.21
CA GLY D 249 1.74 25.81 -9.03
C GLY D 249 2.41 27.17 -9.17
N GLY D 250 1.66 28.17 -9.64
CA GLY D 250 2.13 29.55 -9.75
C GLY D 250 2.29 30.08 -11.15
N VAL D 251 1.40 29.65 -12.08
CA VAL D 251 1.41 30.04 -13.52
C VAL D 251 2.77 29.62 -14.13
N ILE D 252 2.89 28.34 -14.49
CA ILE D 252 4.17 27.84 -15.00
C ILE D 252 4.10 27.36 -16.45
N PRO D 253 4.44 28.22 -17.45
CA PRO D 253 4.51 27.72 -18.84
C PRO D 253 5.68 26.73 -18.91
N PRO D 254 5.53 25.58 -19.60
CA PRO D 254 6.61 24.58 -19.60
C PRO D 254 7.83 25.11 -20.35
N ALA D 255 9.02 24.60 -20.01
CA ALA D 255 10.25 24.99 -20.69
C ALA D 255 10.10 24.67 -22.19
N LYS D 256 10.70 25.49 -23.06
CA LYS D 256 10.62 25.38 -24.53
C LYS D 256 10.78 23.94 -25.05
N GLY D 257 9.77 23.48 -25.78
CA GLY D 257 9.78 22.14 -26.38
C GLY D 257 9.59 20.98 -25.42
N TYR D 258 9.12 21.26 -24.19
CA TYR D 258 8.92 20.19 -23.20
C TYR D 258 8.01 19.06 -23.71
N PHE D 259 6.79 19.39 -24.18
CA PHE D 259 5.83 18.38 -24.65
C PHE D 259 6.33 17.62 -25.87
N GLN D 260 7.12 18.28 -26.73
CA GLN D 260 7.69 17.68 -27.95
C GLN D 260 8.74 16.63 -27.60
N ALA D 261 9.40 16.79 -26.44
CA ALA D 261 10.41 15.86 -25.98
C ALA D 261 9.82 14.71 -25.16
N ILE D 262 8.79 15.01 -24.34
CA ILE D 262 8.24 13.98 -23.45
C ILE D 262 7.22 13.03 -24.07
N LEU D 263 6.36 13.54 -24.95
CA LEU D 263 5.29 12.76 -25.59
C LEU D 263 5.78 11.56 -26.40
N PRO D 264 6.86 11.65 -27.24
CA PRO D 264 7.31 10.44 -27.96
C PRO D 264 7.68 9.32 -27.00
N ILE D 265 8.26 9.67 -25.83
CA ILE D 265 8.62 8.72 -24.76
C ILE D 265 7.37 8.04 -24.20
N LEU D 266 6.33 8.81 -23.89
CA LEU D 266 5.08 8.26 -23.34
C LEU D 266 4.39 7.31 -24.33
N ARG D 267 4.33 7.71 -25.61
CA ARG D 267 3.71 6.93 -26.69
C ARG D 267 4.49 5.64 -26.95
N LYS D 268 5.84 5.73 -26.88
CA LYS D 268 6.77 4.62 -27.02
C LYS D 268 6.48 3.53 -25.98
N TYR D 269 6.12 3.94 -24.74
CA TYR D 269 5.89 3.01 -23.64
C TYR D 269 4.43 2.67 -23.34
N ASP D 270 3.52 2.99 -24.27
CA ASP D 270 2.07 2.76 -24.15
C ASP D 270 1.51 3.33 -22.84
N ILE D 271 1.83 4.62 -22.59
CA ILE D 271 1.38 5.36 -21.43
C ILE D 271 0.37 6.40 -21.90
N PRO D 272 -0.95 6.21 -21.63
CA PRO D 272 -1.94 7.22 -22.04
C PRO D 272 -1.62 8.64 -21.55
N VAL D 273 -1.84 9.63 -22.42
CA VAL D 273 -1.54 11.04 -22.16
C VAL D 273 -2.85 11.78 -21.94
N ILE D 274 -3.00 12.40 -20.75
CA ILE D 274 -4.21 13.17 -20.41
C ILE D 274 -3.84 14.64 -20.22
N SER D 275 -4.54 15.55 -20.92
CA SER D 275 -4.30 16.97 -20.70
C SER D 275 -5.31 17.48 -19.70
N ASP D 276 -4.83 17.95 -18.53
CA ASP D 276 -5.73 18.52 -17.54
C ASP D 276 -5.96 19.99 -17.97
N GLU D 277 -7.11 20.21 -18.65
CA GLU D 277 -7.47 21.53 -19.19
C GLU D 277 -8.46 22.23 -18.26
N VAL D 278 -8.45 21.89 -16.96
CA VAL D 278 -9.38 22.54 -16.03
C VAL D 278 -9.19 24.09 -16.04
N ILE D 279 -7.94 24.57 -16.04
CA ILE D 279 -7.68 26.02 -16.16
C ILE D 279 -7.53 26.46 -17.64
N CYS D 280 -6.75 25.69 -18.42
CA CYS D 280 -6.40 26.03 -19.80
C CYS D 280 -7.51 25.86 -20.84
N GLY D 281 -8.57 25.15 -20.47
CA GLY D 281 -9.69 24.94 -21.39
C GLY D 281 -10.46 26.23 -21.63
N PHE D 282 -10.81 26.47 -22.88
CA PHE D 282 -11.59 27.64 -23.27
C PHE D 282 -10.95 29.02 -23.11
N GLY D 283 -9.79 29.19 -23.75
CA GLY D 283 -9.16 30.48 -24.00
C GLY D 283 -8.09 31.16 -23.18
N ARG D 284 -7.79 30.73 -21.94
CA ARG D 284 -6.81 31.47 -21.11
C ARG D 284 -5.38 31.59 -21.65
N THR D 285 -4.92 30.56 -22.39
CA THR D 285 -3.58 30.55 -22.99
C THR D 285 -3.57 31.15 -24.41
N GLY D 286 -4.71 31.64 -24.90
CA GLY D 286 -4.80 32.22 -26.23
C GLY D 286 -5.31 31.30 -27.32
N ASN D 287 -5.74 30.08 -26.93
CA ASN D 287 -6.34 29.04 -27.79
C ASN D 287 -7.44 28.34 -27.00
N THR D 288 -8.35 27.60 -27.68
CA THR D 288 -9.44 26.88 -27.00
C THR D 288 -8.87 25.85 -26.02
N TRP D 289 -7.66 25.33 -26.29
CA TRP D 289 -7.03 24.37 -25.40
C TRP D 289 -5.56 24.66 -25.23
N GLY D 290 -5.08 24.41 -24.01
CA GLY D 290 -3.66 24.52 -23.68
C GLY D 290 -2.83 23.59 -24.53
N CYS D 291 -3.38 22.37 -24.84
CA CYS D 291 -2.69 21.39 -25.68
C CYS D 291 -2.53 21.89 -27.11
N VAL D 292 -3.46 22.74 -27.60
CA VAL D 292 -3.34 23.35 -28.91
C VAL D 292 -2.20 24.41 -28.89
N THR D 293 -2.21 25.29 -27.87
CA THR D 293 -1.16 26.33 -27.68
C THR D 293 0.24 25.68 -27.65
N TYR D 294 0.36 24.53 -26.96
CA TYR D 294 1.62 23.77 -26.83
C TYR D 294 1.83 22.66 -27.86
N ASP D 295 0.99 22.65 -28.90
CA ASP D 295 1.09 21.78 -30.08
C ASP D 295 1.23 20.27 -29.81
N PHE D 296 0.37 19.73 -28.94
CA PHE D 296 0.41 18.30 -28.68
C PHE D 296 -0.98 17.70 -28.67
N THR D 297 -1.05 16.42 -29.00
CA THR D 297 -2.32 15.70 -29.05
C THR D 297 -2.48 14.73 -27.87
N PRO D 298 -3.37 15.05 -26.89
CA PRO D 298 -3.58 14.11 -25.77
C PRO D 298 -4.58 13.01 -26.19
N ASP D 299 -4.77 12.00 -25.35
CA ASP D 299 -5.72 10.92 -25.61
C ASP D 299 -7.08 11.27 -24.95
N ALA D 300 -7.04 12.19 -23.99
CA ALA D 300 -8.23 12.65 -23.26
C ALA D 300 -7.98 14.03 -22.71
N ILE D 301 -9.06 14.77 -22.46
CA ILE D 301 -9.05 16.11 -21.90
C ILE D 301 -9.90 16.16 -20.64
N ILE D 302 -9.40 16.88 -19.62
CA ILE D 302 -10.17 17.10 -18.39
C ILE D 302 -10.61 18.55 -18.44
N SER D 303 -11.92 18.79 -18.38
CA SER D 303 -12.45 20.16 -18.45
C SER D 303 -13.33 20.50 -17.26
N SER D 304 -13.28 21.77 -16.85
CA SER D 304 -14.12 22.31 -15.79
C SER D 304 -13.93 23.83 -15.78
N LYS D 305 -14.23 24.50 -14.66
CA LYS D 305 -14.04 25.96 -14.51
C LYS D 305 -14.73 26.83 -15.57
N ASN D 306 -14.00 27.26 -16.63
CA ASN D 306 -14.54 28.09 -17.72
C ASN D 306 -15.68 27.40 -18.42
N LEU D 307 -15.70 26.06 -18.35
CA LEU D 307 -16.76 25.23 -18.94
C LEU D 307 -18.14 25.82 -18.70
N THR D 308 -18.37 26.34 -17.49
CA THR D 308 -19.66 26.95 -17.11
C THR D 308 -19.51 28.41 -16.73
N ALA D 309 -18.30 29.03 -16.95
CA ALA D 309 -18.00 30.41 -16.55
C ALA D 309 -18.25 30.60 -15.03
N GLY D 310 -18.07 29.53 -14.25
CA GLY D 310 -18.27 29.52 -12.81
C GLY D 310 -19.72 29.59 -12.35
N PHE D 311 -20.67 29.47 -13.28
CA PHE D 311 -22.12 29.58 -12.96
C PHE D 311 -22.75 28.28 -12.42
N PHE D 312 -22.08 27.15 -12.60
CA PHE D 312 -22.60 25.86 -12.16
C PHE D 312 -21.46 24.85 -12.01
N PRO D 313 -21.51 23.96 -10.99
CA PRO D 313 -20.44 22.98 -10.86
C PRO D 313 -20.55 21.90 -11.92
N MSE D 314 -19.62 21.93 -12.90
CA MSE D 314 -19.57 20.90 -13.90
C MSE D 314 -18.14 20.61 -14.27
O MSE D 314 -17.30 21.51 -14.32
CB MSE D 314 -20.41 21.26 -15.12
CG MSE D 314 -21.73 20.46 -15.26
SE MSE D 314 -22.15 20.26 -17.19
CE MSE D 314 -20.38 20.03 -17.89
N GLY D 315 -17.85 19.33 -14.42
CA GLY D 315 -16.57 18.83 -14.88
C GLY D 315 -16.87 17.86 -16.01
N ALA D 316 -15.89 17.63 -16.88
CA ALA D 316 -16.10 16.72 -18.01
C ALA D 316 -14.83 16.00 -18.40
N VAL D 317 -14.95 14.68 -18.66
CA VAL D 317 -13.85 13.88 -19.17
C VAL D 317 -14.16 13.70 -20.68
N ILE D 318 -13.31 14.23 -21.55
CA ILE D 318 -13.54 14.12 -23.00
C ILE D 318 -12.55 13.08 -23.51
N LEU D 319 -13.07 11.95 -23.97
CA LEU D 319 -12.20 10.87 -24.43
C LEU D 319 -12.03 10.97 -25.92
N GLY D 320 -10.78 10.93 -26.36
CA GLY D 320 -10.41 10.93 -27.78
C GLY D 320 -10.85 9.65 -28.48
N PRO D 321 -10.64 9.51 -29.80
CA PRO D 321 -11.12 8.29 -30.48
C PRO D 321 -10.55 6.96 -29.99
N GLU D 322 -9.23 6.87 -29.79
CA GLU D 322 -8.55 5.65 -29.32
C GLU D 322 -9.06 5.16 -27.97
N LEU D 323 -9.08 6.03 -26.93
CA LEU D 323 -9.59 5.65 -25.61
C LEU D 323 -11.11 5.36 -25.59
N SER D 324 -11.91 6.12 -26.39
CA SER D 324 -13.36 5.88 -26.48
C SER D 324 -13.61 4.46 -27.00
N LYS D 325 -12.91 4.04 -28.07
CA LYS D 325 -13.09 2.69 -28.64
C LYS D 325 -12.63 1.60 -27.65
N ARG D 326 -11.48 1.79 -26.98
CA ARG D 326 -10.94 0.82 -26.02
C ARG D 326 -11.82 0.71 -24.78
N LEU D 327 -12.32 1.84 -24.27
CA LEU D 327 -13.23 1.87 -23.13
C LEU D 327 -14.55 1.20 -23.49
N GLU D 328 -15.13 1.52 -24.67
CA GLU D 328 -16.40 0.92 -25.08
C GLU D 328 -16.30 -0.61 -25.23
N THR D 329 -15.16 -1.14 -25.69
CA THR D 329 -14.99 -2.60 -25.79
C THR D 329 -15.01 -3.23 -24.38
N ALA D 330 -14.29 -2.59 -23.46
CA ALA D 330 -14.14 -3.03 -22.08
C ALA D 330 -15.49 -3.02 -21.35
N ILE D 331 -16.27 -1.92 -21.51
CA ILE D 331 -17.60 -1.75 -20.90
C ILE D 331 -18.59 -2.76 -21.50
N GLU D 332 -18.58 -2.96 -22.83
CA GLU D 332 -19.47 -3.93 -23.49
C GLU D 332 -19.28 -5.33 -22.94
N ALA D 333 -18.01 -5.72 -22.67
CA ALA D 333 -17.64 -7.03 -22.12
C ALA D 333 -18.22 -7.24 -20.72
N ILE D 334 -18.27 -6.17 -19.88
CA ILE D 334 -18.87 -6.33 -18.53
C ILE D 334 -20.32 -5.88 -18.43
N GLU D 335 -20.85 -5.31 -19.54
CA GLU D 335 -22.22 -4.84 -19.72
C GLU D 335 -22.63 -3.53 -19.04
N GLU D 336 -21.86 -3.06 -18.06
CA GLU D 336 -22.15 -1.81 -17.34
C GLU D 336 -20.85 -1.19 -16.80
N PHE D 337 -20.71 0.15 -16.87
CA PHE D 337 -19.57 0.88 -16.30
C PHE D 337 -20.07 1.40 -14.93
N PRO D 338 -19.65 0.74 -13.82
CA PRO D 338 -20.21 1.08 -12.51
C PRO D 338 -19.57 2.30 -11.84
N HIS D 339 -19.88 3.49 -12.39
CA HIS D 339 -19.30 4.75 -11.94
C HIS D 339 -20.21 5.89 -12.39
N GLY D 340 -20.26 6.95 -11.58
CA GLY D 340 -21.05 8.14 -11.87
C GLY D 340 -21.45 8.84 -10.59
N PHE D 341 -21.75 10.15 -10.70
CA PHE D 341 -22.17 10.99 -9.58
C PHE D 341 -23.62 11.35 -9.79
N THR D 342 -24.41 11.43 -8.68
CA THR D 342 -25.85 11.76 -8.71
C THR D 342 -26.19 12.91 -9.69
N ALA D 343 -25.44 14.01 -9.61
CA ALA D 343 -25.66 15.18 -10.45
C ALA D 343 -24.90 15.20 -11.79
N SER D 344 -24.21 14.09 -12.17
CA SER D 344 -23.50 14.01 -13.45
C SER D 344 -24.46 14.30 -14.62
N GLY D 345 -24.07 15.23 -15.49
CA GLY D 345 -24.86 15.60 -16.66
C GLY D 345 -26.15 16.34 -16.38
N HIS D 346 -26.23 17.02 -15.21
CA HIS D 346 -27.38 17.82 -14.77
C HIS D 346 -27.87 18.73 -15.93
N PRO D 347 -29.20 18.78 -16.23
CA PRO D 347 -29.67 19.58 -17.40
C PRO D 347 -29.35 21.06 -17.29
N VAL D 348 -29.39 21.64 -16.05
CA VAL D 348 -29.07 23.05 -15.83
C VAL D 348 -27.59 23.31 -16.15
N GLY D 349 -26.70 22.49 -15.59
CA GLY D 349 -25.25 22.58 -15.83
C GLY D 349 -24.96 22.52 -17.32
N CYS D 350 -25.59 21.57 -18.02
CA CYS D 350 -25.39 21.41 -19.45
C CYS D 350 -25.84 22.58 -20.30
N ALA D 351 -27.02 23.18 -19.97
CA ALA D 351 -27.49 24.35 -20.74
C ALA D 351 -26.55 25.56 -20.45
N ILE D 352 -26.11 25.72 -19.19
CA ILE D 352 -25.19 26.80 -18.79
C ILE D 352 -23.85 26.63 -19.54
N ALA D 353 -23.33 25.38 -19.57
CA ALA D 353 -22.08 25.08 -20.27
C ALA D 353 -22.17 25.41 -21.75
N LEU D 354 -23.31 25.09 -22.39
CA LEU D 354 -23.53 25.41 -23.81
C LEU D 354 -23.45 26.92 -24.02
N LYS D 355 -24.04 27.69 -23.09
CA LYS D 355 -23.98 29.16 -23.15
C LYS D 355 -22.57 29.70 -22.86
N ALA D 356 -21.90 29.21 -21.80
CA ALA D 356 -20.52 29.67 -21.50
C ALA D 356 -19.56 29.44 -22.67
N ILE D 357 -19.67 28.28 -23.35
CA ILE D 357 -18.85 27.95 -24.53
C ILE D 357 -19.21 28.97 -25.66
N ASP D 358 -20.50 29.23 -25.86
CA ASP D 358 -21.00 30.21 -26.85
C ASP D 358 -20.41 31.61 -26.57
N VAL D 359 -20.52 32.07 -25.30
CA VAL D 359 -20.02 33.38 -24.88
C VAL D 359 -18.50 33.51 -25.06
N VAL D 360 -17.73 32.53 -24.57
CA VAL D 360 -16.27 32.61 -24.72
C VAL D 360 -15.80 32.59 -26.19
N MSE D 361 -16.34 31.64 -26.97
CA MSE D 361 -15.94 31.43 -28.35
C MSE D 361 -16.54 32.37 -29.38
O MSE D 361 -15.86 32.69 -30.34
CB MSE D 361 -16.13 29.97 -28.74
CG MSE D 361 -15.38 29.03 -27.79
SE MSE D 361 -15.46 27.22 -28.44
CE MSE D 361 -14.39 27.39 -30.09
N ASN D 362 -17.79 32.83 -29.18
CA ASN D 362 -18.47 33.68 -30.17
C ASN D 362 -18.69 35.14 -29.81
N GLU D 363 -18.68 35.47 -28.51
CA GLU D 363 -18.91 36.85 -28.05
C GLU D 363 -17.65 37.71 -27.87
N GLY D 364 -16.52 37.24 -28.39
CA GLY D 364 -15.26 37.99 -28.39
C GLY D 364 -14.39 37.95 -27.16
N LEU D 365 -14.72 37.11 -26.17
CA LEU D 365 -13.98 36.97 -24.93
C LEU D 365 -12.62 36.32 -25.17
N ALA D 366 -12.60 35.19 -25.91
CA ALA D 366 -11.36 34.48 -26.23
C ALA D 366 -10.48 35.38 -27.11
N GLU D 367 -11.10 36.16 -28.00
CA GLU D 367 -10.40 37.10 -28.87
C GLU D 367 -9.81 38.25 -28.08
N ASN D 368 -10.53 38.70 -27.03
CA ASN D 368 -10.06 39.79 -26.16
C ASN D 368 -8.79 39.36 -25.43
N VAL D 369 -8.70 38.07 -25.00
CA VAL D 369 -7.44 37.60 -24.39
C VAL D 369 -6.25 37.68 -25.36
N ARG D 370 -6.46 37.28 -26.63
CA ARG D 370 -5.43 37.35 -27.68
C ARG D 370 -5.01 38.80 -27.92
N ARG D 371 -5.98 39.71 -28.06
CA ARG D 371 -5.73 41.12 -28.32
C ARG D 371 -5.00 41.82 -27.18
N LEU D 372 -5.36 41.49 -25.92
CA LEU D 372 -4.76 42.13 -24.75
C LEU D 372 -3.52 41.48 -24.16
N ALA D 373 -3.26 40.19 -24.47
CA ALA D 373 -2.08 39.46 -23.95
C ALA D 373 -0.75 40.25 -24.21
N PRO D 374 -0.47 40.82 -25.42
CA PRO D 374 0.80 41.55 -25.60
C PRO D 374 0.99 42.74 -24.66
N ARG D 375 -0.09 43.50 -24.40
CA ARG D 375 -0.15 44.66 -23.51
C ARG D 375 0.08 44.22 -22.06
N PHE D 376 -0.46 43.05 -21.68
CA PHE D 376 -0.31 42.46 -20.34
C PHE D 376 1.18 42.16 -20.16
N GLU D 377 1.80 41.52 -21.18
CA GLU D 377 3.19 41.12 -21.16
C GLU D 377 4.14 42.32 -21.12
N GLU D 378 3.87 43.34 -21.95
CA GLU D 378 4.68 44.58 -22.02
C GLU D 378 4.78 45.23 -20.62
N ARG D 379 3.65 45.34 -19.90
CA ARG D 379 3.61 45.91 -18.55
C ARG D 379 4.41 45.06 -17.55
N LEU D 380 4.24 43.72 -17.59
CA LEU D 380 4.96 42.80 -16.72
C LEU D 380 6.45 42.83 -16.97
N LYS D 381 6.86 42.99 -18.25
CA LYS D 381 8.27 43.05 -18.60
C LYS D 381 8.89 44.31 -17.97
N HIS D 382 8.14 45.42 -17.95
CA HIS D 382 8.56 46.68 -17.35
C HIS D 382 8.65 46.54 -15.82
N ILE D 383 7.64 45.90 -15.18
CA ILE D 383 7.63 45.63 -13.72
C ILE D 383 8.83 44.75 -13.33
N ALA D 384 9.17 43.77 -14.19
CA ALA D 384 10.28 42.83 -13.96
C ALA D 384 11.67 43.49 -13.92
N GLU D 385 11.77 44.79 -14.26
CA GLU D 385 13.03 45.54 -14.18
C GLU D 385 13.37 45.88 -12.72
N ARG D 386 12.37 45.83 -11.80
CA ARG D 386 12.59 46.07 -10.36
C ARG D 386 13.59 45.07 -9.77
N PRO D 387 14.51 45.52 -8.87
CA PRO D 387 15.47 44.56 -8.27
C PRO D 387 14.82 43.40 -7.51
N ASN D 388 13.56 43.57 -7.04
CA ASN D 388 12.86 42.53 -6.30
C ASN D 388 11.93 41.58 -7.08
N ILE D 389 12.01 41.64 -8.41
CA ILE D 389 11.24 40.73 -9.27
C ILE D 389 12.26 39.81 -9.93
N GLY D 390 12.19 38.51 -9.62
CA GLY D 390 13.05 37.46 -10.16
C GLY D 390 12.75 37.12 -11.61
N GLU D 391 11.45 37.06 -11.92
CA GLU D 391 10.95 36.83 -13.27
C GLU D 391 9.48 37.13 -13.34
N TYR D 392 9.02 37.29 -14.56
CA TYR D 392 7.60 37.35 -14.86
C TYR D 392 7.40 36.14 -15.77
N ARG D 393 6.25 35.49 -15.70
CA ARG D 393 5.99 34.34 -16.57
C ARG D 393 4.51 34.26 -16.87
N GLY D 394 4.17 33.66 -18.00
CA GLY D 394 2.77 33.45 -18.36
C GLY D 394 2.52 33.48 -19.84
N ILE D 395 1.23 33.55 -20.19
CA ILE D 395 0.74 33.52 -21.57
C ILE D 395 -0.75 33.90 -21.55
N GLY D 396 -1.24 34.49 -22.63
CA GLY D 396 -2.65 34.87 -22.74
C GLY D 396 -3.09 35.74 -21.58
N PHE D 397 -3.99 35.21 -20.73
CA PHE D 397 -4.52 35.90 -19.55
C PHE D 397 -4.17 35.17 -18.23
N MSE D 398 -2.96 34.59 -18.14
CA MSE D 398 -2.46 33.97 -16.90
C MSE D 398 -1.02 34.32 -16.73
O MSE D 398 -0.21 34.04 -17.60
CB MSE D 398 -2.71 32.45 -16.85
CG MSE D 398 -2.16 31.64 -18.00
SE MSE D 398 -2.90 29.82 -18.03
CE MSE D 398 -2.33 29.22 -16.14
N TRP D 399 -0.70 35.06 -15.68
CA TRP D 399 0.64 35.58 -15.47
C TRP D 399 1.02 35.58 -14.02
N ALA D 400 2.34 35.51 -13.75
CA ALA D 400 2.84 35.58 -12.38
C ALA D 400 4.06 36.45 -12.30
N LEU D 401 4.27 37.08 -11.14
CA LEU D 401 5.47 37.84 -10.84
C LEU D 401 6.10 37.18 -9.62
N GLU D 402 7.36 36.76 -9.72
CA GLU D 402 8.10 36.12 -8.63
C GLU D 402 8.92 37.14 -7.84
N ALA D 403 8.66 37.24 -6.54
CA ALA D 403 9.42 38.15 -5.68
C ALA D 403 10.71 37.46 -5.20
N VAL D 404 11.82 38.22 -5.23
CA VAL D 404 13.17 37.80 -4.81
C VAL D 404 13.80 38.90 -3.95
N LYS D 405 14.69 38.50 -3.02
CA LYS D 405 15.47 39.41 -2.20
C LYS D 405 16.66 39.84 -3.06
N ASP D 406 17.30 38.86 -3.76
CA ASP D 406 18.43 39.10 -4.65
C ASP D 406 18.19 38.49 -6.04
N LYS D 407 18.30 39.32 -7.08
CA LYS D 407 18.03 38.93 -8.46
C LYS D 407 19.02 37.96 -9.09
N ALA D 408 20.32 38.33 -9.10
CA ALA D 408 21.40 37.53 -9.71
C ALA D 408 21.51 36.11 -9.13
N SER D 409 21.31 35.96 -7.81
CA SER D 409 21.40 34.66 -7.15
C SER D 409 20.04 33.96 -6.99
N LYS D 410 18.91 34.62 -7.40
CA LYS D 410 17.54 34.10 -7.28
C LYS D 410 17.21 33.78 -5.80
N THR D 411 17.77 34.56 -4.86
CA THR D 411 17.56 34.35 -3.43
C THR D 411 16.19 34.92 -3.02
N PRO D 412 15.30 34.10 -2.45
CA PRO D 412 13.98 34.64 -2.06
C PRO D 412 14.05 35.35 -0.71
N PHE D 413 12.99 36.11 -0.38
CA PHE D 413 12.90 36.71 0.97
C PHE D 413 12.59 35.53 1.90
N ASP D 414 12.92 35.65 3.19
CA ASP D 414 12.64 34.56 4.14
C ASP D 414 11.12 34.34 4.22
N GLY D 415 10.71 33.08 4.27
CA GLY D 415 9.30 32.68 4.35
C GLY D 415 8.47 33.45 5.36
N ASN D 416 9.06 33.72 6.55
CA ASN D 416 8.45 34.46 7.65
C ASN D 416 8.19 35.96 7.36
N LEU D 417 8.79 36.53 6.29
CA LEU D 417 8.56 37.92 5.89
C LEU D 417 7.23 38.03 5.15
N SER D 418 6.73 36.87 4.63
CA SER D 418 5.47 36.72 3.88
C SER D 418 5.27 37.79 2.77
N VAL D 419 6.33 38.06 1.98
CA VAL D 419 6.31 39.09 0.92
C VAL D 419 5.06 39.06 0.00
N SER D 420 4.72 37.90 -0.59
CA SER D 420 3.59 37.77 -1.51
C SER D 420 2.22 37.99 -0.83
N GLU D 421 2.04 37.49 0.43
CA GLU D 421 0.82 37.69 1.22
C GLU D 421 0.65 39.19 1.53
N ARG D 422 1.77 39.88 1.83
CA ARG D 422 1.81 41.31 2.12
C ARG D 422 1.48 42.14 0.86
N ILE D 423 2.01 41.74 -0.32
CA ILE D 423 1.70 42.39 -1.61
C ILE D 423 0.20 42.22 -1.87
N ALA D 424 -0.33 41.00 -1.71
CA ALA D 424 -1.76 40.72 -1.93
C ALA D 424 -2.67 41.49 -0.96
N ASN D 425 -2.29 41.56 0.33
CA ASN D 425 -3.07 42.24 1.37
C ASN D 425 -3.15 43.73 1.09
N THR D 426 -2.04 44.31 0.59
CA THR D 426 -1.96 45.72 0.21
C THR D 426 -2.87 45.95 -1.01
N CYS D 427 -2.84 45.04 -2.01
CA CYS D 427 -3.72 45.08 -3.18
C CYS D 427 -5.19 45.15 -2.73
N THR D 428 -5.58 44.29 -1.77
CA THR D 428 -6.93 44.22 -1.21
C THR D 428 -7.37 45.57 -0.64
N ASP D 429 -6.46 46.25 0.09
CA ASP D 429 -6.69 47.56 0.70
C ASP D 429 -6.82 48.67 -0.36
N LEU D 430 -6.43 48.37 -1.61
CA LEU D 430 -6.49 49.33 -2.71
C LEU D 430 -7.62 48.96 -3.66
N GLY D 431 -8.41 47.94 -3.31
CA GLY D 431 -9.53 47.45 -4.10
C GLY D 431 -9.17 46.52 -5.24
N LEU D 432 -8.11 45.72 -5.06
CA LEU D 432 -7.69 44.75 -6.06
C LEU D 432 -7.54 43.36 -5.45
N ILE D 433 -8.16 42.34 -6.08
CA ILE D 433 -7.98 40.96 -5.64
C ILE D 433 -6.86 40.37 -6.51
N CYS D 434 -5.78 39.98 -5.85
CA CYS D 434 -4.55 39.44 -6.40
C CYS D 434 -4.28 38.11 -5.67
N ARG D 435 -3.67 37.12 -6.31
CA ARG D 435 -3.45 35.84 -5.63
C ARG D 435 -2.01 35.57 -5.24
N PRO D 436 -1.71 35.44 -3.93
CA PRO D 436 -0.34 35.10 -3.53
C PRO D 436 -0.11 33.58 -3.59
N LEU D 437 0.98 33.13 -4.21
CA LEU D 437 1.30 31.70 -4.31
C LEU D 437 2.80 31.53 -4.15
N GLY D 438 3.23 30.93 -3.05
CA GLY D 438 4.65 30.78 -2.75
C GLY D 438 5.26 32.17 -2.59
N GLN D 439 6.29 32.48 -3.38
CA GLN D 439 6.89 33.83 -3.37
C GLN D 439 6.33 34.66 -4.54
N SER D 440 5.25 34.17 -5.14
CA SER D 440 4.69 34.83 -6.30
C SER D 440 3.31 35.46 -6.09
N VAL D 441 2.94 36.32 -7.04
CA VAL D 441 1.68 37.01 -7.12
C VAL D 441 1.14 36.64 -8.51
N VAL D 442 -0.09 36.11 -8.54
CA VAL D 442 -0.74 35.62 -9.77
C VAL D 442 -1.86 36.54 -10.24
N LEU D 443 -1.96 36.71 -11.55
CA LEU D 443 -3.03 37.47 -12.21
C LEU D 443 -3.67 36.57 -13.26
N CYS D 444 -4.99 36.36 -13.14
CA CYS D 444 -5.76 35.57 -14.11
C CYS D 444 -7.15 36.20 -14.21
N PRO D 445 -7.21 37.45 -14.75
CA PRO D 445 -8.48 38.20 -14.78
C PRO D 445 -9.52 37.74 -15.77
N PRO D 446 -10.78 38.22 -15.62
CA PRO D 446 -11.83 37.79 -16.57
C PRO D 446 -11.51 38.25 -17.98
N PHE D 447 -12.04 37.51 -18.96
CA PHE D 447 -11.81 37.74 -20.38
C PHE D 447 -12.54 39.00 -20.89
N ILE D 448 -13.46 39.54 -20.06
CA ILE D 448 -14.21 40.76 -20.37
C ILE D 448 -13.40 42.00 -19.97
N LEU D 449 -12.20 41.82 -19.38
CA LEU D 449 -11.38 42.96 -18.91
C LEU D 449 -11.13 43.97 -20.03
N THR D 450 -11.34 45.26 -19.74
CA THR D 450 -11.07 46.29 -20.76
C THR D 450 -9.62 46.77 -20.58
N GLU D 451 -9.10 47.60 -21.50
CA GLU D 451 -7.75 48.16 -21.35
C GLU D 451 -7.64 49.01 -20.06
N ALA D 452 -8.67 49.85 -19.76
CA ALA D 452 -8.71 50.73 -18.58
C ALA D 452 -8.70 49.96 -17.28
N GLN D 453 -9.40 48.81 -17.24
CA GLN D 453 -9.44 47.94 -16.06
C GLN D 453 -8.10 47.25 -15.90
N MSE D 454 -7.43 46.92 -17.02
CA MSE D 454 -6.09 46.31 -16.97
C MSE D 454 -5.13 47.34 -16.41
O MSE D 454 -4.32 47.01 -15.56
CB MSE D 454 -5.64 45.86 -18.37
CG MSE D 454 -4.32 45.10 -18.34
SE MSE D 454 -3.66 44.74 -20.15
CE MSE D 454 -4.61 43.01 -20.35
N ASP D 455 -5.26 48.63 -16.85
CA ASP D 455 -4.46 49.74 -16.33
C ASP D 455 -4.69 49.89 -14.84
N GLU D 456 -5.97 49.84 -14.42
CA GLU D 456 -6.39 49.91 -13.02
C GLU D 456 -5.70 48.81 -12.21
N MSE D 457 -5.75 47.57 -12.71
CA MSE D 457 -5.16 46.39 -12.08
C MSE D 457 -3.65 46.58 -11.88
O MSE D 457 -3.16 46.37 -10.78
CB MSE D 457 -5.51 45.15 -12.93
CG MSE D 457 -4.87 43.87 -12.43
SE MSE D 457 -5.05 42.50 -13.79
CE MSE D 457 -3.74 43.23 -15.14
N PHE D 458 -2.95 46.99 -12.94
CA PHE D 458 -1.51 47.24 -12.89
C PHE D 458 -1.10 48.44 -12.03
N ASP D 459 -1.88 49.52 -12.05
CA ASP D 459 -1.55 50.69 -11.22
C ASP D 459 -1.66 50.34 -9.72
N LYS D 460 -2.72 49.61 -9.34
CA LYS D 460 -2.92 49.17 -7.96
C LYS D 460 -1.84 48.17 -7.52
N LEU D 461 -1.51 47.19 -8.40
CA LEU D 461 -0.47 46.19 -8.13
C LEU D 461 0.88 46.89 -7.94
N GLU D 462 1.21 47.82 -8.83
CA GLU D 462 2.48 48.55 -8.73
C GLU D 462 2.60 49.38 -7.45
N LYS D 463 1.47 49.95 -6.97
CA LYS D 463 1.43 50.69 -5.70
C LYS D 463 1.72 49.75 -4.54
N ALA D 464 1.17 48.51 -4.58
CA ALA D 464 1.40 47.47 -3.56
C ALA D 464 2.84 47.00 -3.58
N LEU D 465 3.45 46.85 -4.77
CA LEU D 465 4.86 46.44 -4.91
C LEU D 465 5.77 47.53 -4.33
N ASP D 466 5.46 48.81 -4.64
CA ASP D 466 6.22 49.98 -4.16
C ASP D 466 6.30 49.97 -2.64
N LYS D 467 5.14 49.81 -1.99
CA LYS D 467 4.99 49.81 -0.53
C LYS D 467 5.70 48.63 0.14
N VAL D 468 5.40 47.39 -0.30
CA VAL D 468 5.96 46.16 0.28
C VAL D 468 7.47 46.09 0.11
N PHE D 469 7.98 46.31 -1.12
CA PHE D 469 9.43 46.28 -1.34
C PHE D 469 10.21 47.34 -0.54
N ALA D 470 9.60 48.52 -0.29
CA ALA D 470 10.23 49.60 0.49
C ALA D 470 10.34 49.21 1.98
N GLU D 471 9.37 48.42 2.48
CA GLU D 471 9.34 47.92 3.87
C GLU D 471 10.43 46.86 4.09
N VAL D 472 10.60 45.94 3.12
CA VAL D 472 11.58 44.84 3.16
C VAL D 472 12.89 45.22 2.42
N ALA D 473 13.24 46.53 2.43
CA ALA D 473 14.45 47.06 1.79
C ALA D 473 15.55 47.25 2.83
NA NA E . 34.92 -1.47 18.74
S SO4 F . 21.51 -40.11 -16.78
O1 SO4 F . 21.61 -40.96 -17.91
O2 SO4 F . 22.59 -40.43 -15.92
O3 SO4 F . 21.65 -38.71 -17.24
O4 SO4 F . 20.22 -40.33 -16.09
C1 BEN G . 40.96 -26.91 -16.47
C2 BEN G . 40.38 -27.11 -15.17
C3 BEN G . 39.01 -27.39 -15.06
C4 BEN G . 38.20 -27.51 -16.20
C5 BEN G . 38.76 -27.35 -17.50
C6 BEN G . 40.13 -27.05 -17.62
C BEN G . 42.43 -26.64 -16.59
N1 BEN G . 42.97 -26.54 -17.81
N2 BEN G . 43.28 -26.43 -15.50
C1 BEN H . 47.59 -17.27 13.89
C2 BEN H . 48.02 -18.39 13.15
C3 BEN H . 49.35 -18.47 12.64
C4 BEN H . 50.25 -17.43 12.91
C5 BEN H . 49.86 -16.29 13.63
C6 BEN H . 48.53 -16.21 14.10
C BEN H . 46.18 -17.14 14.40
N1 BEN H . 45.79 -16.13 15.14
N2 BEN H . 45.24 -18.12 14.08
N1 PMP I . 24.03 -7.43 1.48
C2 PMP I . 25.03 -7.55 0.62
C2A PMP I . 25.95 -6.35 0.33
C3 PMP I . 25.19 -8.79 -0.06
O3 PMP I . 26.20 -8.90 -0.93
C4 PMP I . 24.33 -9.91 0.22
C4A PMP I . 24.42 -11.26 -0.47
N4A PMP I . 25.07 -11.24 -1.75
C5 PMP I . 23.27 -9.71 1.17
C6 PMP I . 23.16 -8.46 1.79
C5A PMP I . 22.27 -10.82 1.50
O4P PMP I . 23.03 -11.83 2.21
P PMP I . 22.36 -13.33 2.19
O1P PMP I . 20.91 -13.26 2.43
O2P PMP I . 23.16 -14.09 3.24
O3P PMP I . 22.58 -13.92 0.71
NA NA J . 7.88 -38.85 -1.73
C1 BEN K . 20.61 -46.61 13.09
C2 BEN K . 21.39 -46.54 14.30
C3 BEN K . 21.32 -47.58 15.24
C4 BEN K . 20.49 -48.70 15.00
C5 BEN K . 19.68 -48.76 13.83
C6 BEN K . 19.73 -47.73 12.88
C BEN K . 20.67 -45.53 12.09
N1 BEN K . 20.02 -45.63 10.95
N2 BEN K . 21.39 -44.38 12.37
N1 PMP L . 7.03 -21.72 10.81
C2 PMP L . 6.75 -22.27 12.00
C2A PMP L . 5.58 -23.22 12.17
C3 PMP L . 7.61 -22.04 13.10
O3 PMP L . 7.31 -22.66 14.27
C4 PMP L . 8.76 -21.15 12.91
C4A PMP L . 9.76 -20.82 13.98
N4A PMP L . 9.36 -20.97 15.33
C5 PMP L . 8.98 -20.61 11.62
C6 PMP L . 8.09 -20.88 10.58
C5A PMP L . 10.16 -19.64 11.37
O4P PMP L . 11.30 -20.47 11.49
P PMP L . 12.69 -19.66 11.82
O1P PMP L . 12.71 -18.42 10.97
O2P PMP L . 13.82 -20.67 11.44
O3P PMP L . 12.64 -19.27 13.34
NA NA M . -29.23 22.00 15.48
S SO4 N . -30.03 7.95 -36.90
O1 SO4 N . -30.52 7.61 -38.17
O2 SO4 N . -30.03 6.73 -36.08
O3 SO4 N . -28.67 8.51 -37.04
O4 SO4 N . -30.92 8.92 -36.32
N1 PMP O . -23.75 8.29 0.06
C2 PMP O . -24.97 7.76 -0.19
C2A PMP O . -25.82 7.08 0.91
C3 PMP O . -25.48 7.86 -1.51
O3 PMP O . -26.64 7.32 -1.72
C4 PMP O . -24.74 8.45 -2.58
C4A PMP O . -25.29 8.54 -4.03
N4A PMP O . -26.19 7.43 -4.37
C5 PMP O . -23.47 8.96 -2.27
C6 PMP O . -22.99 8.93 -0.94
C5A PMP O . -22.66 9.64 -3.38
O4P PMP O . -23.32 10.89 -3.63
P PMP O . -22.93 11.46 -5.17
O1P PMP O . -21.45 11.47 -5.22
O2P PMP O . -23.52 12.89 -5.23
O3P PMP O . -23.53 10.56 -6.27
NA NA P . -13.70 18.32 -32.40
N1 PMP Q . -7.16 20.58 -12.22
C2 PMP Q . -6.67 21.84 -12.26
C2A PMP Q . -5.62 22.25 -13.27
C3 PMP Q . -7.14 22.79 -11.36
O3 PMP Q . -6.65 24.03 -11.44
C4 PMP Q . -8.21 22.47 -10.40
C4A PMP Q . -8.76 23.46 -9.39
N4A PMP Q . -7.79 24.47 -9.01
C5 PMP Q . -8.64 21.12 -10.38
C6 PMP Q . -8.15 20.20 -11.32
C5A PMP Q . -9.71 20.68 -9.38
O4P PMP Q . -10.95 21.21 -9.82
P PMP Q . -12.07 21.29 -8.62
O1P PMP Q . -12.18 19.99 -7.88
O2P PMP Q . -13.39 21.72 -9.27
O3P PMP Q . -11.63 22.44 -7.63
#